data_3X2E
#
_entry.id   3X2E
#
_cell.length_a   106.331
_cell.length_b   111.999
_cell.length_c   164.888
_cell.angle_alpha   90.00
_cell.angle_beta   103.50
_cell.angle_gamma   90.00
#
_symmetry.space_group_name_H-M   'C 1 2 1'
#
loop_
_entity.id
_entity.type
_entity.pdbx_description
1 polymer Adenosylhomocysteinase
2 non-polymer '1,4-DIHYDRONICOTINAMIDE ADENINE DINUCLEOTIDE'
3 water water
#
_entity_poly.entity_id   1
_entity_poly.type   'polypeptide(L)'
_entity_poly.pdbx_seq_one_letter_code
;MANTGEMKINWVSRYMPLLNKIAEEYSREKPLSGFTVGMSIHLEAKTAYLAITLSKLGAKVVITGSNPLSTQDDVAEALR
SKGITVYARRTHDESIYRENLMKVLDERPDFIIDDGGDLTVISHTEREEVLENLKGVSEETTTGVRRLKALEETGKLRVP
VIAVNDSKMKYLFDNRYGTGQSTWDAIMRNTNLLVAGKNVVVAGYGWCGRGIALRAAGLGARVIVTEVDPVKAVEAIMDG
FTVMPMKEAVKIADFVITASGNTDVLSKEDILSLKDGAVLANAGHFNVEIPVRVLEEIAVEKFEARPNVTGYTLENGKTV
FLLAEGRLVNLAAGDGHPVEIMDLSFALQIFAVLYLLENHRKMSPKVYMLPDEIDERVARMKLDSLGVKIDELTEKQRRY
LRSWQHHHHHH
;
_entity_poly.pdbx_strand_id   A,B,C,D
#
loop_
_chem_comp.id
_chem_comp.type
_chem_comp.name
_chem_comp.formula
NAI non-polymer '1,4-DIHYDRONICOTINAMIDE ADENINE DINUCLEOTIDE' 'C21 H29 N7 O14 P2'
#
# COMPACT_ATOMS: atom_id res chain seq x y z
N ALA A 2 -30.92 -31.02 0.69
CA ALA A 2 -32.00 -30.45 1.55
C ALA A 2 -31.49 -30.11 2.97
N ASN A 3 -30.62 -30.96 3.52
CA ASN A 3 -30.06 -30.71 4.85
C ASN A 3 -28.63 -30.16 4.75
N THR A 4 -28.07 -30.24 3.55
CA THR A 4 -26.72 -29.74 3.27
C THR A 4 -26.96 -28.42 2.58
N GLY A 5 -27.83 -28.45 1.57
CA GLY A 5 -28.17 -27.24 0.84
C GLY A 5 -28.83 -26.28 1.79
N GLU A 6 -29.28 -26.80 2.92
CA GLU A 6 -29.93 -25.99 3.95
C GLU A 6 -28.85 -25.17 4.66
N MET A 7 -27.72 -25.81 4.93
CA MET A 7 -26.59 -25.15 5.59
C MET A 7 -25.86 -24.19 4.66
N LYS A 8 -25.62 -24.62 3.43
CA LYS A 8 -24.95 -23.79 2.44
C LYS A 8 -25.72 -22.48 2.32
N ILE A 9 -27.00 -22.52 2.67
CA ILE A 9 -27.81 -21.32 2.60
C ILE A 9 -27.83 -20.64 3.96
N ASN A 10 -27.69 -21.41 5.04
CA ASN A 10 -27.69 -20.80 6.36
C ASN A 10 -26.44 -19.98 6.52
N TRP A 11 -25.34 -20.46 5.94
CA TRP A 11 -24.07 -19.74 6.02
C TRP A 11 -24.20 -18.42 5.30
N VAL A 12 -24.61 -18.50 4.04
CA VAL A 12 -24.80 -17.32 3.22
C VAL A 12 -25.76 -16.35 3.93
N SER A 13 -26.85 -16.89 4.45
CA SER A 13 -27.88 -16.10 5.11
C SER A 13 -27.38 -15.16 6.21
N ARG A 14 -26.45 -15.61 7.04
CA ARG A 14 -25.96 -14.74 8.12
C ARG A 14 -25.00 -13.64 7.67
N TYR A 15 -24.72 -13.57 6.37
CA TYR A 15 -23.81 -12.54 5.86
C TYR A 15 -24.38 -11.81 4.66
N MET A 16 -25.70 -11.65 4.67
CA MET A 16 -26.36 -10.92 3.61
C MET A 16 -27.17 -9.87 4.36
N PRO A 17 -26.45 -9.00 5.07
CA PRO A 17 -26.98 -7.92 5.88
C PRO A 17 -28.06 -7.12 5.19
N LEU A 18 -27.83 -6.71 3.96
CA LEU A 18 -28.80 -5.91 3.22
C LEU A 18 -30.10 -6.66 2.94
N LEU A 19 -30.00 -7.85 2.37
CA LEU A 19 -31.18 -8.63 2.05
C LEU A 19 -32.00 -8.93 3.31
N ASN A 20 -31.33 -9.07 4.45
CA ASN A 20 -32.04 -9.32 5.70
C ASN A 20 -32.82 -8.09 6.09
N LYS A 21 -32.25 -6.91 5.80
CA LYS A 21 -32.87 -5.64 6.12
C LYS A 21 -34.06 -5.47 5.19
N ILE A 22 -33.90 -5.90 3.95
CA ILE A 22 -34.98 -5.79 2.98
C ILE A 22 -36.09 -6.76 3.41
N ALA A 23 -35.70 -7.80 4.13
CA ALA A 23 -36.64 -8.83 4.58
C ALA A 23 -37.27 -8.59 5.94
N GLU A 24 -37.16 -7.38 6.48
CA GLU A 24 -37.76 -7.09 7.77
C GLU A 24 -38.24 -5.66 7.76
N GLU A 25 -38.47 -5.16 6.54
CA GLU A 25 -38.96 -3.80 6.29
C GLU A 25 -39.90 -3.92 5.10
N TYR A 26 -40.17 -5.17 4.73
CA TYR A 26 -41.04 -5.48 3.61
C TYR A 26 -41.65 -6.87 3.78
N SER A 27 -41.09 -7.63 4.74
CA SER A 27 -41.57 -8.99 4.99
C SER A 27 -43.03 -8.99 5.42
N ARG A 28 -43.37 -8.08 6.33
CA ARG A 28 -44.75 -7.97 6.83
C ARG A 28 -45.67 -7.41 5.75
N GLU A 29 -45.29 -6.29 5.15
CA GLU A 29 -46.09 -5.64 4.12
C GLU A 29 -46.25 -6.47 2.84
N LYS A 30 -45.47 -7.55 2.69
CA LYS A 30 -45.50 -8.43 1.52
C LYS A 30 -45.99 -7.79 0.22
N PRO A 31 -45.25 -6.80 -0.32
CA PRO A 31 -45.56 -6.06 -1.54
C PRO A 31 -45.51 -6.83 -2.85
N LEU A 32 -45.08 -8.08 -2.80
CA LEU A 32 -44.99 -8.87 -4.01
C LEU A 32 -45.93 -10.06 -3.99
N SER A 33 -47.04 -9.92 -3.30
CA SER A 33 -48.02 -11.00 -3.21
C SER A 33 -48.81 -11.12 -4.52
N GLY A 34 -49.11 -12.35 -4.91
CA GLY A 34 -49.84 -12.56 -6.15
C GLY A 34 -48.89 -12.48 -7.32
N PHE A 35 -47.90 -11.60 -7.19
CA PHE A 35 -46.90 -11.41 -8.23
C PHE A 35 -45.95 -12.60 -8.23
N THR A 36 -45.55 -13.02 -9.43
CA THR A 36 -44.62 -14.13 -9.56
C THR A 36 -43.39 -13.65 -10.31
N VAL A 37 -42.22 -13.91 -9.73
CA VAL A 37 -40.98 -13.49 -10.34
C VAL A 37 -40.29 -14.68 -10.97
N GLY A 38 -39.92 -14.51 -12.25
CA GLY A 38 -39.23 -15.56 -12.96
C GLY A 38 -37.79 -15.09 -13.10
N MET A 39 -36.85 -16.04 -13.10
CA MET A 39 -35.44 -15.66 -13.21
C MET A 39 -34.51 -16.77 -13.67
N SER A 40 -33.51 -16.37 -14.45
CA SER A 40 -32.49 -17.27 -14.97
C SER A 40 -31.20 -16.80 -14.33
N ILE A 41 -30.61 -17.62 -13.47
CA ILE A 41 -29.36 -17.20 -12.82
C ILE A 41 -28.55 -18.35 -12.26
N HIS A 42 -27.24 -18.17 -12.23
CA HIS A 42 -26.33 -19.17 -11.70
C HIS A 42 -26.92 -19.64 -10.39
N LEU A 43 -27.24 -20.92 -10.32
CA LEU A 43 -27.86 -21.46 -9.12
C LEU A 43 -26.90 -21.99 -8.07
N GLU A 44 -26.87 -21.31 -6.93
CA GLU A 44 -26.04 -21.71 -5.81
C GLU A 44 -26.49 -20.98 -4.54
N ALA A 45 -25.95 -21.40 -3.39
CA ALA A 45 -26.33 -20.84 -2.10
C ALA A 45 -26.67 -19.35 -2.06
N LYS A 46 -25.87 -18.52 -2.71
CA LYS A 46 -26.10 -17.08 -2.73
C LYS A 46 -27.30 -16.64 -3.53
N THR A 47 -27.33 -16.96 -4.82
CA THR A 47 -28.46 -16.57 -5.67
C THR A 47 -29.76 -17.12 -5.11
N ALA A 48 -29.65 -18.24 -4.41
CA ALA A 48 -30.80 -18.87 -3.77
C ALA A 48 -31.38 -18.00 -2.65
N TYR A 49 -30.50 -17.31 -1.91
CA TYR A 49 -30.98 -16.48 -0.83
C TYR A 49 -31.69 -15.28 -1.42
N LEU A 50 -31.38 -14.96 -2.68
CA LEU A 50 -32.03 -13.86 -3.38
C LEU A 50 -33.47 -14.29 -3.59
N ALA A 51 -33.61 -15.49 -4.15
CA ALA A 51 -34.90 -16.07 -4.42
C ALA A 51 -35.68 -16.18 -3.11
N ILE A 52 -35.03 -16.68 -2.07
CA ILE A 52 -35.71 -16.82 -0.79
C ILE A 52 -36.24 -15.49 -0.19
N THR A 53 -35.46 -14.41 -0.28
CA THR A 53 -35.93 -13.14 0.26
C THR A 53 -37.02 -12.54 -0.64
N LEU A 54 -36.99 -12.87 -1.93
CA LEU A 54 -38.03 -12.38 -2.85
C LEU A 54 -39.33 -13.04 -2.42
N SER A 55 -39.23 -14.33 -2.11
CA SER A 55 -40.35 -15.13 -1.64
C SER A 55 -40.82 -14.60 -0.30
N LYS A 56 -39.89 -14.18 0.55
CA LYS A 56 -40.24 -13.63 1.85
C LYS A 56 -41.09 -12.39 1.65
N LEU A 57 -40.90 -11.70 0.52
CA LEU A 57 -41.66 -10.50 0.21
C LEU A 57 -43.03 -10.88 -0.36
N GLY A 58 -43.30 -12.18 -0.42
CA GLY A 58 -44.57 -12.66 -0.92
C GLY A 58 -44.65 -13.00 -2.39
N ALA A 59 -43.51 -13.12 -3.05
CA ALA A 59 -43.54 -13.44 -4.47
C ALA A 59 -43.46 -14.94 -4.74
N LYS A 60 -43.94 -15.35 -5.91
CA LYS A 60 -43.88 -16.75 -6.33
C LYS A 60 -42.63 -16.75 -7.21
N VAL A 61 -41.55 -17.37 -6.72
CA VAL A 61 -40.32 -17.38 -7.47
C VAL A 61 -40.19 -18.63 -8.32
N VAL A 62 -39.86 -18.43 -9.60
CA VAL A 62 -39.66 -19.54 -10.54
C VAL A 62 -38.27 -19.36 -11.14
N ILE A 63 -37.34 -20.21 -10.70
CA ILE A 63 -35.95 -20.15 -11.13
C ILE A 63 -35.56 -21.18 -12.17
N THR A 64 -34.53 -20.85 -12.94
CA THR A 64 -33.99 -21.75 -13.95
C THR A 64 -32.51 -21.83 -13.62
N GLY A 65 -31.89 -22.97 -13.87
CA GLY A 65 -30.48 -23.13 -13.59
C GLY A 65 -29.60 -22.65 -14.73
N SER A 66 -29.29 -21.36 -14.75
CA SER A 66 -28.44 -20.77 -15.78
C SER A 66 -27.20 -21.63 -15.97
N ASN A 67 -26.72 -22.17 -14.85
CA ASN A 67 -25.56 -23.03 -14.83
C ASN A 67 -26.02 -24.48 -14.84
N PRO A 68 -25.94 -25.10 -16.02
CA PRO A 68 -26.39 -26.49 -16.05
C PRO A 68 -25.36 -27.35 -15.31
N LEU A 69 -24.10 -27.10 -15.64
CA LEU A 69 -22.98 -27.83 -15.09
C LEU A 69 -22.78 -27.59 -13.58
N SER A 70 -22.89 -26.33 -13.16
CA SER A 70 -22.69 -25.96 -11.75
C SER A 70 -23.89 -26.09 -10.83
N THR A 71 -24.98 -26.65 -11.33
CA THR A 71 -26.18 -26.81 -10.51
C THR A 71 -25.87 -27.63 -9.25
N GLN A 72 -26.03 -27.00 -8.08
CA GLN A 72 -25.77 -27.68 -6.81
C GLN A 72 -27.03 -28.38 -6.27
N ASP A 73 -27.28 -29.59 -6.78
CA ASP A 73 -28.43 -30.38 -6.39
C ASP A 73 -28.98 -30.09 -5.00
N ASP A 74 -28.24 -30.47 -3.95
CA ASP A 74 -28.69 -30.25 -2.57
C ASP A 74 -29.21 -28.85 -2.26
N VAL A 75 -28.85 -27.88 -3.09
CA VAL A 75 -29.31 -26.50 -2.89
C VAL A 75 -30.66 -26.28 -3.57
N ALA A 76 -30.79 -26.81 -4.79
CA ALA A 76 -32.04 -26.69 -5.55
C ALA A 76 -33.17 -27.35 -4.77
N GLU A 77 -32.85 -28.48 -4.13
CA GLU A 77 -33.83 -29.21 -3.34
C GLU A 77 -34.21 -28.46 -2.08
N ALA A 78 -33.28 -27.67 -1.54
CA ALA A 78 -33.55 -26.89 -0.35
C ALA A 78 -34.51 -25.78 -0.67
N LEU A 79 -34.43 -25.29 -1.91
CA LEU A 79 -35.32 -24.21 -2.37
C LEU A 79 -36.75 -24.71 -2.57
N ARG A 80 -36.88 -25.86 -3.21
CA ARG A 80 -38.18 -26.46 -3.46
C ARG A 80 -38.93 -26.64 -2.14
N SER A 81 -38.21 -27.14 -1.13
CA SER A 81 -38.80 -27.36 0.19
C SER A 81 -39.09 -26.03 0.90
N LYS A 82 -39.08 -24.94 0.15
CA LYS A 82 -39.40 -23.62 0.70
C LYS A 82 -40.44 -22.96 -0.20
N GLY A 83 -41.02 -23.78 -1.08
CA GLY A 83 -42.03 -23.29 -1.99
C GLY A 83 -41.49 -22.40 -3.09
N ILE A 84 -40.56 -22.95 -3.86
CA ILE A 84 -39.96 -22.20 -4.95
C ILE A 84 -39.72 -23.13 -6.12
N THR A 85 -40.45 -22.88 -7.21
CA THR A 85 -40.34 -23.68 -8.42
C THR A 85 -38.96 -23.47 -9.04
N VAL A 86 -38.16 -24.52 -9.06
CA VAL A 86 -36.82 -24.44 -9.63
C VAL A 86 -36.56 -25.51 -10.70
N TYR A 87 -36.43 -25.05 -11.95
CA TYR A 87 -36.17 -25.93 -13.08
C TYR A 87 -34.68 -25.94 -13.38
N ALA A 88 -33.97 -26.90 -12.82
CA ALA A 88 -32.53 -27.00 -13.06
C ALA A 88 -32.15 -28.46 -13.27
N ARG A 89 -31.24 -28.69 -14.20
CA ARG A 89 -30.76 -30.04 -14.51
C ARG A 89 -29.32 -30.00 -15.00
N ARG A 90 -28.55 -31.02 -14.61
CA ARG A 90 -27.15 -31.14 -15.01
C ARG A 90 -27.12 -31.49 -16.48
N THR A 91 -28.11 -30.95 -17.18
CA THR A 91 -28.33 -31.14 -18.61
C THR A 91 -27.05 -31.29 -19.43
N HIS A 92 -26.16 -30.31 -19.32
CA HIS A 92 -24.92 -30.30 -20.06
C HIS A 92 -25.23 -30.06 -21.54
N ASP A 93 -26.39 -30.54 -21.98
CA ASP A 93 -26.82 -30.37 -23.37
C ASP A 93 -27.57 -29.05 -23.54
N GLU A 94 -27.09 -28.25 -24.49
CA GLU A 94 -27.68 -26.95 -24.76
C GLU A 94 -29.22 -26.93 -24.89
N SER A 95 -29.77 -27.94 -25.57
CA SER A 95 -31.21 -28.09 -25.80
C SER A 95 -32.08 -27.92 -24.56
N ILE A 96 -31.67 -28.57 -23.47
CA ILE A 96 -32.40 -28.55 -22.22
C ILE A 96 -32.42 -27.21 -21.49
N TYR A 97 -31.49 -26.33 -21.82
CA TYR A 97 -31.46 -25.04 -21.15
C TYR A 97 -32.68 -24.21 -21.55
N ARG A 98 -32.81 -23.95 -22.85
CA ARG A 98 -33.93 -23.15 -23.34
C ARG A 98 -35.27 -23.76 -22.92
N GLU A 99 -35.27 -25.08 -22.73
CA GLU A 99 -36.48 -25.78 -22.32
C GLU A 99 -36.88 -25.31 -20.91
N ASN A 100 -35.91 -25.18 -20.01
CA ASN A 100 -36.20 -24.72 -18.65
C ASN A 100 -36.59 -23.26 -18.74
N LEU A 101 -35.88 -22.51 -19.59
CA LEU A 101 -36.21 -21.10 -19.77
C LEU A 101 -37.67 -21.04 -20.17
N MET A 102 -38.05 -21.97 -21.03
CA MET A 102 -39.40 -22.05 -21.53
C MET A 102 -40.40 -22.35 -20.41
N LYS A 103 -40.02 -23.20 -19.46
CA LYS A 103 -40.93 -23.55 -18.37
C LYS A 103 -41.18 -22.43 -17.35
N VAL A 104 -40.31 -21.44 -17.28
CA VAL A 104 -40.53 -20.34 -16.33
C VAL A 104 -41.55 -19.41 -16.99
N LEU A 105 -41.49 -19.33 -18.31
CA LEU A 105 -42.41 -18.51 -19.09
C LEU A 105 -43.78 -19.22 -19.05
N ASP A 106 -43.74 -20.54 -18.89
CA ASP A 106 -44.94 -21.37 -18.80
C ASP A 106 -45.62 -21.04 -17.47
N GLU A 107 -45.10 -20.01 -16.78
CA GLU A 107 -45.66 -19.58 -15.51
C GLU A 107 -46.08 -18.13 -15.63
N ARG A 108 -45.92 -17.59 -16.83
CA ARG A 108 -46.27 -16.21 -17.14
C ARG A 108 -46.02 -15.33 -15.92
N PRO A 109 -44.78 -14.85 -15.77
CA PRO A 109 -44.33 -14.00 -14.67
C PRO A 109 -44.64 -12.53 -14.89
N ASP A 110 -44.72 -11.80 -13.79
CA ASP A 110 -45.00 -10.37 -13.86
C ASP A 110 -43.66 -9.66 -14.03
N PHE A 111 -42.67 -10.10 -13.29
CA PHE A 111 -41.35 -9.49 -13.34
C PHE A 111 -40.28 -10.53 -13.66
N ILE A 112 -39.21 -10.09 -14.30
CA ILE A 112 -38.13 -11.00 -14.66
C ILE A 112 -36.74 -10.44 -14.40
N ILE A 113 -35.96 -11.18 -13.62
CA ILE A 113 -34.57 -10.85 -13.31
C ILE A 113 -33.86 -11.90 -14.12
N ASP A 114 -33.43 -11.58 -15.33
CA ASP A 114 -32.81 -12.63 -16.12
C ASP A 114 -31.35 -12.48 -16.50
N ASP A 115 -30.84 -13.54 -17.12
CA ASP A 115 -29.46 -13.64 -17.55
C ASP A 115 -29.30 -13.37 -19.04
N GLY A 116 -28.42 -12.44 -19.37
CA GLY A 116 -28.15 -12.09 -20.75
C GLY A 116 -29.34 -11.81 -21.64
N GLY A 117 -30.51 -11.54 -21.05
CA GLY A 117 -31.68 -11.27 -21.86
C GLY A 117 -32.24 -12.51 -22.54
N ASP A 118 -31.70 -13.68 -22.19
CA ASP A 118 -32.17 -14.93 -22.79
C ASP A 118 -33.64 -15.15 -22.52
N LEU A 119 -34.12 -14.68 -21.37
CA LEU A 119 -35.51 -14.87 -21.00
C LEU A 119 -36.43 -13.82 -21.63
N THR A 120 -36.10 -12.55 -21.48
CA THR A 120 -36.93 -11.50 -22.04
C THR A 120 -36.92 -11.49 -23.57
N VAL A 121 -35.85 -12.00 -24.16
CA VAL A 121 -35.75 -12.04 -25.62
C VAL A 121 -36.57 -13.20 -26.17
N ILE A 122 -36.64 -14.29 -25.43
CA ILE A 122 -37.41 -15.43 -25.87
C ILE A 122 -38.89 -15.03 -25.92
N SER A 123 -39.31 -14.19 -24.97
CA SER A 123 -40.69 -13.72 -24.92
C SER A 123 -41.04 -12.87 -26.13
N HIS A 124 -40.25 -11.83 -26.36
CA HIS A 124 -40.44 -10.91 -27.48
C HIS A 124 -40.31 -11.53 -28.88
N THR A 125 -39.81 -12.77 -28.97
CA THR A 125 -39.65 -13.39 -30.27
C THR A 125 -40.23 -14.78 -30.48
N GLU A 126 -40.78 -15.40 -29.44
CA GLU A 126 -41.35 -16.74 -29.58
C GLU A 126 -42.52 -17.00 -28.65
N ARG A 127 -42.70 -16.13 -27.67
CA ARG A 127 -43.78 -16.32 -26.71
C ARG A 127 -44.36 -15.01 -26.20
N GLU A 128 -45.23 -14.40 -26.99
CA GLU A 128 -45.85 -13.14 -26.63
C GLU A 128 -46.96 -13.32 -25.58
N GLU A 129 -47.35 -14.56 -25.32
CA GLU A 129 -48.40 -14.84 -24.32
C GLU A 129 -48.01 -14.09 -23.06
N VAL A 130 -46.88 -14.53 -22.49
CA VAL A 130 -46.32 -13.97 -21.27
C VAL A 130 -46.02 -12.48 -21.46
N LEU A 131 -45.62 -12.12 -22.67
CA LEU A 131 -45.26 -10.75 -23.03
C LEU A 131 -46.29 -9.71 -22.58
N GLU A 132 -47.52 -10.15 -22.33
CA GLU A 132 -48.55 -9.21 -21.91
C GLU A 132 -48.63 -9.12 -20.40
N ASN A 133 -48.69 -10.27 -19.74
CA ASN A 133 -48.74 -10.28 -18.28
C ASN A 133 -47.45 -9.71 -17.74
N LEU A 134 -46.36 -9.91 -18.50
CA LEU A 134 -45.05 -9.40 -18.11
C LEU A 134 -45.12 -7.89 -17.89
N LYS A 135 -44.87 -7.49 -16.66
CA LYS A 135 -44.93 -6.10 -16.26
C LYS A 135 -43.58 -5.38 -16.26
N GLY A 136 -42.51 -6.10 -15.92
CA GLY A 136 -41.19 -5.47 -15.88
C GLY A 136 -40.00 -6.42 -15.94
N VAL A 137 -38.84 -5.88 -16.34
CA VAL A 137 -37.63 -6.68 -16.45
C VAL A 137 -36.41 -5.99 -15.84
N SER A 138 -35.57 -6.78 -15.17
CA SER A 138 -34.34 -6.31 -14.53
C SER A 138 -33.15 -7.04 -15.13
N GLU A 139 -32.19 -6.29 -15.67
CA GLU A 139 -31.03 -6.91 -16.29
C GLU A 139 -29.73 -6.50 -15.63
N GLU A 140 -29.02 -7.48 -15.09
CA GLU A 140 -27.74 -7.24 -14.40
C GLU A 140 -26.53 -7.43 -15.30
N THR A 141 -26.59 -8.41 -16.20
CA THR A 141 -25.47 -8.69 -17.09
C THR A 141 -25.01 -7.50 -17.92
N THR A 142 -24.31 -7.79 -19.00
CA THR A 142 -23.82 -6.76 -19.89
C THR A 142 -24.21 -7.19 -21.29
N THR A 143 -24.11 -8.50 -21.53
CA THR A 143 -24.49 -9.08 -22.81
C THR A 143 -25.98 -8.80 -22.96
N GLY A 144 -26.72 -9.12 -21.89
CA GLY A 144 -28.15 -8.91 -21.89
C GLY A 144 -28.50 -7.46 -22.21
N VAL A 145 -28.03 -6.54 -21.38
CA VAL A 145 -28.32 -5.13 -21.61
C VAL A 145 -27.96 -4.73 -23.04
N ARG A 146 -26.92 -5.35 -23.59
CA ARG A 146 -26.52 -5.06 -24.96
C ARG A 146 -27.70 -5.48 -25.84
N ARG A 147 -28.20 -6.69 -25.59
CA ARG A 147 -29.31 -7.26 -26.35
C ARG A 147 -30.64 -6.52 -26.15
N LEU A 148 -31.05 -6.33 -24.90
CA LEU A 148 -32.31 -5.64 -24.63
C LEU A 148 -32.28 -4.17 -25.02
N LYS A 149 -31.19 -3.75 -25.64
CA LYS A 149 -31.07 -2.36 -26.10
C LYS A 149 -31.23 -2.41 -27.61
N ALA A 150 -30.71 -3.47 -28.22
CA ALA A 150 -30.82 -3.67 -29.65
C ALA A 150 -32.31 -3.71 -29.96
N LEU A 151 -33.08 -4.23 -29.00
CA LEU A 151 -34.53 -4.31 -29.15
C LEU A 151 -35.12 -2.91 -29.08
N GLU A 152 -34.90 -2.22 -27.96
CA GLU A 152 -35.42 -0.88 -27.78
C GLU A 152 -35.16 0.01 -28.99
N GLU A 153 -33.95 -0.08 -29.55
CA GLU A 153 -33.60 0.74 -30.71
C GLU A 153 -34.35 0.32 -31.97
N THR A 154 -34.77 -0.94 -32.04
CA THR A 154 -35.50 -1.44 -33.19
C THR A 154 -36.99 -1.56 -32.81
N GLY A 155 -37.40 -0.76 -31.84
CA GLY A 155 -38.78 -0.74 -31.38
C GLY A 155 -39.46 -2.07 -31.06
N LYS A 156 -38.71 -3.16 -31.11
CA LYS A 156 -39.27 -4.48 -30.82
C LYS A 156 -39.55 -4.70 -29.34
N LEU A 157 -38.95 -3.87 -28.49
CA LEU A 157 -39.12 -3.98 -27.05
C LEU A 157 -40.43 -3.34 -26.60
N ARG A 158 -41.21 -4.09 -25.81
CA ARG A 158 -42.49 -3.56 -25.34
C ARG A 158 -42.71 -3.86 -23.85
N VAL A 159 -41.72 -3.51 -23.04
CA VAL A 159 -41.77 -3.68 -21.59
C VAL A 159 -40.60 -2.90 -20.99
N PRO A 160 -40.84 -2.16 -19.89
CA PRO A 160 -39.77 -1.39 -19.25
C PRO A 160 -38.67 -2.28 -18.64
N VAL A 161 -37.41 -1.91 -18.91
CA VAL A 161 -36.25 -2.64 -18.43
C VAL A 161 -35.36 -1.76 -17.55
N ILE A 162 -34.81 -2.33 -16.49
CA ILE A 162 -33.92 -1.59 -15.60
C ILE A 162 -32.55 -2.25 -15.59
N ALA A 163 -31.56 -1.58 -16.17
CA ALA A 163 -30.21 -2.11 -16.24
C ALA A 163 -29.47 -1.73 -14.95
N VAL A 164 -29.22 -2.72 -14.11
CA VAL A 164 -28.52 -2.49 -12.86
C VAL A 164 -27.02 -2.67 -13.02
N ASN A 165 -26.55 -2.95 -14.24
CA ASN A 165 -25.13 -3.13 -14.48
C ASN A 165 -24.41 -1.79 -14.40
N ASP A 166 -25.18 -0.71 -14.54
CA ASP A 166 -24.60 0.62 -14.49
C ASP A 166 -25.13 1.45 -13.33
N SER A 167 -24.28 1.57 -12.31
CA SER A 167 -24.55 2.31 -11.09
C SER A 167 -23.18 2.29 -10.44
N LYS A 168 -22.73 3.39 -9.86
CA LYS A 168 -21.41 3.38 -9.26
C LYS A 168 -21.27 2.34 -8.15
N MET A 169 -22.39 1.89 -7.59
CA MET A 169 -22.36 0.90 -6.52
C MET A 169 -22.03 -0.50 -7.02
N LYS A 170 -22.45 -0.82 -8.24
CA LYS A 170 -22.15 -2.12 -8.84
C LYS A 170 -20.69 -2.10 -9.26
N TYR A 171 -20.33 -1.11 -10.07
CA TYR A 171 -18.96 -0.98 -10.53
C TYR A 171 -17.98 -1.07 -9.35
N LEU A 172 -18.37 -0.49 -8.23
CA LEU A 172 -17.52 -0.51 -7.04
C LEU A 172 -17.42 -1.89 -6.44
N PHE A 173 -18.55 -2.41 -5.96
CA PHE A 173 -18.56 -3.70 -5.31
C PHE A 173 -18.43 -4.91 -6.20
N ASP A 174 -19.04 -4.90 -7.37
CA ASP A 174 -18.95 -6.03 -8.26
C ASP A 174 -17.60 -6.00 -8.96
N ASN A 175 -17.47 -5.09 -9.92
CA ASN A 175 -16.28 -4.93 -10.72
C ASN A 175 -14.97 -4.66 -10.01
N ARG A 176 -14.99 -3.92 -8.91
CA ARG A 176 -13.74 -3.61 -8.24
C ARG A 176 -13.31 -4.56 -7.13
N TYR A 177 -13.90 -4.36 -5.95
CA TYR A 177 -13.62 -5.15 -4.75
C TYR A 177 -14.00 -6.61 -4.83
N GLY A 178 -15.11 -6.89 -5.49
CA GLY A 178 -15.56 -8.25 -5.59
C GLY A 178 -14.71 -9.11 -6.49
N THR A 179 -14.70 -8.77 -7.77
CA THR A 179 -13.94 -9.57 -8.70
C THR A 179 -12.46 -9.47 -8.28
N GLY A 180 -12.10 -8.41 -7.59
CA GLY A 180 -10.71 -8.32 -7.15
C GLY A 180 -10.35 -9.41 -6.14
N GLN A 181 -11.12 -9.50 -5.07
CA GLN A 181 -10.84 -10.51 -4.06
C GLN A 181 -11.07 -11.91 -4.63
N SER A 182 -12.26 -12.16 -5.14
CA SER A 182 -12.62 -13.45 -5.71
C SER A 182 -11.69 -14.02 -6.81
N THR A 183 -11.09 -13.13 -7.59
CA THR A 183 -10.19 -13.56 -8.64
C THR A 183 -8.93 -14.12 -8.02
N TRP A 184 -8.39 -13.44 -7.00
CA TRP A 184 -7.17 -13.97 -6.42
C TRP A 184 -7.39 -15.17 -5.56
N ASP A 185 -8.58 -15.28 -4.99
CA ASP A 185 -8.91 -16.42 -4.16
C ASP A 185 -9.03 -17.66 -5.02
N ALA A 186 -9.70 -17.52 -6.17
CA ALA A 186 -9.86 -18.63 -7.07
C ALA A 186 -8.47 -19.10 -7.48
N ILE A 187 -7.60 -18.15 -7.81
CA ILE A 187 -6.24 -18.46 -8.25
C ILE A 187 -5.36 -19.15 -7.20
N MET A 188 -5.46 -18.79 -5.94
CA MET A 188 -4.57 -19.42 -5.00
C MET A 188 -5.15 -20.63 -4.29
N ARG A 189 -6.47 -20.83 -4.37
CA ARG A 189 -7.04 -22.01 -3.72
C ARG A 189 -6.86 -23.22 -4.66
N ASN A 190 -6.75 -22.91 -5.95
CA ASN A 190 -6.60 -23.91 -7.00
C ASN A 190 -5.15 -24.13 -7.49
N THR A 191 -4.19 -23.42 -6.91
CA THR A 191 -2.80 -23.59 -7.35
C THR A 191 -1.81 -23.57 -6.21
N ASN A 192 -2.19 -22.91 -5.11
CA ASN A 192 -1.34 -22.80 -3.94
C ASN A 192 0.06 -22.27 -4.28
N LEU A 193 0.14 -21.45 -5.32
CA LEU A 193 1.40 -20.85 -5.69
C LEU A 193 1.55 -19.58 -4.87
N LEU A 194 2.78 -19.12 -4.70
CA LEU A 194 3.05 -17.91 -3.95
C LEU A 194 2.74 -16.72 -4.88
N VAL A 195 2.19 -15.64 -4.33
CA VAL A 195 1.93 -14.48 -5.18
C VAL A 195 3.02 -13.42 -4.98
N ALA A 196 3.57 -13.37 -3.76
CA ALA A 196 4.60 -12.39 -3.45
C ALA A 196 5.85 -12.59 -4.26
N GLY A 197 6.41 -11.48 -4.74
CA GLY A 197 7.63 -11.57 -5.52
C GLY A 197 7.51 -12.33 -6.82
N LYS A 198 6.36 -12.20 -7.46
CA LYS A 198 6.13 -12.84 -8.75
C LYS A 198 5.53 -11.79 -9.66
N ASN A 199 5.86 -11.86 -10.94
CA ASN A 199 5.32 -10.88 -11.85
C ASN A 199 3.93 -11.28 -12.29
N VAL A 200 2.99 -10.40 -12.03
CA VAL A 200 1.62 -10.66 -12.39
C VAL A 200 1.30 -9.67 -13.47
N VAL A 201 0.75 -10.18 -14.56
CA VAL A 201 0.39 -9.31 -15.65
C VAL A 201 -1.14 -9.24 -15.71
N VAL A 202 -1.65 -8.03 -15.74
CA VAL A 202 -3.09 -7.81 -15.81
C VAL A 202 -3.41 -7.13 -17.17
N ALA A 203 -4.18 -7.79 -18.02
CA ALA A 203 -4.51 -7.19 -19.33
C ALA A 203 -5.80 -6.42 -19.21
N GLY A 204 -5.68 -5.10 -19.30
CA GLY A 204 -6.83 -4.24 -19.17
C GLY A 204 -6.80 -3.58 -17.82
N TYR A 205 -7.06 -2.27 -17.78
CA TYR A 205 -7.02 -1.52 -16.54
C TYR A 205 -8.28 -0.72 -16.25
N GLY A 206 -9.42 -1.39 -16.27
CA GLY A 206 -10.66 -0.68 -15.98
C GLY A 206 -11.06 -0.96 -14.55
N TRP A 207 -12.35 -1.06 -14.26
CA TRP A 207 -12.77 -1.34 -12.91
C TRP A 207 -12.15 -2.65 -12.43
N CYS A 208 -12.30 -3.69 -13.25
CA CYS A 208 -11.76 -5.01 -12.92
C CYS A 208 -10.26 -5.07 -12.93
N GLY A 209 -9.66 -4.48 -13.96
CA GLY A 209 -8.22 -4.46 -14.05
C GLY A 209 -7.59 -3.89 -12.79
N ARG A 210 -7.99 -2.66 -12.43
CA ARG A 210 -7.49 -1.96 -11.24
C ARG A 210 -7.68 -2.83 -10.00
N GLY A 211 -8.87 -3.36 -9.83
CA GLY A 211 -9.16 -4.19 -8.69
C GLY A 211 -8.19 -5.34 -8.56
N ILE A 212 -8.12 -6.12 -9.62
CA ILE A 212 -7.21 -7.27 -9.67
C ILE A 212 -5.79 -6.82 -9.41
N ALA A 213 -5.38 -5.77 -10.11
CA ALA A 213 -4.05 -5.20 -9.98
C ALA A 213 -3.80 -4.82 -8.52
N LEU A 214 -4.70 -4.01 -7.97
CA LEU A 214 -4.59 -3.55 -6.60
C LEU A 214 -4.40 -4.69 -5.61
N ARG A 215 -5.30 -5.65 -5.69
CA ARG A 215 -5.26 -6.82 -4.83
C ARG A 215 -3.94 -7.60 -5.01
N ALA A 216 -3.49 -7.70 -6.26
CA ALA A 216 -2.24 -8.39 -6.58
C ALA A 216 -1.08 -7.70 -5.87
N ALA A 217 -1.05 -6.38 -5.96
CA ALA A 217 -0.02 -5.62 -5.30
C ALA A 217 -0.20 -5.92 -3.83
N GLY A 218 -1.45 -6.08 -3.42
CA GLY A 218 -1.74 -6.37 -2.04
C GLY A 218 -1.07 -7.65 -1.59
N LEU A 219 -1.00 -8.64 -2.47
CA LEU A 219 -0.38 -9.92 -2.12
C LEU A 219 1.15 -9.98 -2.24
N GLY A 220 1.74 -8.90 -2.75
CA GLY A 220 3.18 -8.79 -2.87
C GLY A 220 3.75 -8.96 -4.26
N ALA A 221 2.86 -9.00 -5.23
CA ALA A 221 3.29 -9.19 -6.59
C ALA A 221 3.80 -7.92 -7.23
N ARG A 222 4.67 -8.08 -8.22
CA ARG A 222 5.20 -6.94 -8.96
C ARG A 222 4.18 -6.94 -10.09
N VAL A 223 3.38 -5.88 -10.19
CA VAL A 223 2.36 -5.83 -11.23
C VAL A 223 2.76 -5.12 -12.54
N ILE A 224 2.41 -5.76 -13.65
CA ILE A 224 2.66 -5.22 -14.97
C ILE A 224 1.27 -5.13 -15.58
N VAL A 225 0.95 -3.99 -16.16
CA VAL A 225 -0.35 -3.77 -16.77
C VAL A 225 -0.22 -3.61 -18.27
N THR A 226 -1.12 -4.24 -19.01
CA THR A 226 -1.12 -4.09 -20.46
C THR A 226 -2.44 -3.36 -20.78
N GLU A 227 -2.36 -2.39 -21.66
CA GLU A 227 -3.55 -1.63 -21.99
C GLU A 227 -3.56 -1.19 -23.44
N VAL A 228 -4.75 -0.81 -23.89
CA VAL A 228 -4.95 -0.33 -25.24
C VAL A 228 -5.32 1.17 -25.19
N ASP A 229 -5.98 1.58 -24.11
CA ASP A 229 -6.38 2.98 -23.92
C ASP A 229 -5.30 3.74 -23.16
N PRO A 230 -4.51 4.56 -23.86
CA PRO A 230 -3.45 5.32 -23.19
C PRO A 230 -3.84 6.02 -21.89
N VAL A 231 -5.06 6.54 -21.79
CA VAL A 231 -5.45 7.22 -20.56
C VAL A 231 -5.37 6.28 -19.36
N LYS A 232 -5.71 5.01 -19.56
CA LYS A 232 -5.64 4.04 -18.47
C LYS A 232 -4.18 3.66 -18.23
N ALA A 233 -3.46 3.44 -19.33
CA ALA A 233 -2.08 3.07 -19.23
C ALA A 233 -1.30 4.10 -18.44
N VAL A 234 -1.57 5.37 -18.66
CA VAL A 234 -0.86 6.42 -17.93
C VAL A 234 -1.26 6.41 -16.46
N GLU A 235 -2.48 5.99 -16.15
CA GLU A 235 -2.93 5.96 -14.76
C GLU A 235 -2.20 4.84 -14.00
N ALA A 236 -1.99 3.73 -14.70
CA ALA A 236 -1.32 2.58 -14.13
C ALA A 236 0.11 2.94 -13.77
N ILE A 237 0.73 3.77 -14.58
CA ILE A 237 2.09 4.21 -14.30
C ILE A 237 2.03 4.96 -12.98
N MET A 238 1.19 5.99 -12.95
CA MET A 238 1.01 6.84 -11.78
C MET A 238 0.69 6.03 -10.55
N ASP A 239 0.10 4.85 -10.76
CA ASP A 239 -0.25 4.00 -9.63
C ASP A 239 0.93 3.18 -9.13
N GLY A 240 2.09 3.40 -9.73
CA GLY A 240 3.27 2.69 -9.31
C GLY A 240 3.53 1.41 -10.05
N PHE A 241 2.80 1.16 -11.12
CA PHE A 241 3.00 -0.06 -11.90
C PHE A 241 3.81 0.22 -13.15
N THR A 242 4.22 -0.86 -13.82
CA THR A 242 4.99 -0.78 -15.06
C THR A 242 4.06 -1.16 -16.19
N VAL A 243 4.10 -0.41 -17.28
CA VAL A 243 3.22 -0.73 -18.41
C VAL A 243 4.00 -1.12 -19.66
N MET A 244 3.59 -2.21 -20.31
CA MET A 244 4.30 -2.63 -21.51
C MET A 244 3.39 -3.39 -22.45
N PRO A 245 3.88 -3.68 -23.66
CA PRO A 245 3.01 -4.42 -24.56
C PRO A 245 2.89 -5.85 -24.09
N MET A 246 1.73 -6.46 -24.34
CA MET A 246 1.51 -7.84 -23.96
C MET A 246 2.61 -8.73 -24.54
N LYS A 247 3.09 -8.36 -25.72
CA LYS A 247 4.13 -9.11 -26.39
C LYS A 247 5.40 -9.18 -25.56
N GLU A 248 5.68 -8.10 -24.84
CA GLU A 248 6.88 -8.00 -24.02
C GLU A 248 6.68 -8.47 -22.58
N ALA A 249 5.48 -8.27 -22.06
CA ALA A 249 5.16 -8.64 -20.68
C ALA A 249 5.09 -10.15 -20.53
N VAL A 250 4.45 -10.77 -21.50
CA VAL A 250 4.26 -12.21 -21.53
C VAL A 250 5.57 -13.01 -21.30
N LYS A 251 6.69 -12.44 -21.70
CA LYS A 251 8.00 -13.10 -21.55
C LYS A 251 8.46 -13.21 -20.09
N ILE A 252 7.85 -12.46 -19.19
CA ILE A 252 8.28 -12.46 -17.80
C ILE A 252 7.20 -12.75 -16.77
N ALA A 253 5.96 -12.84 -17.21
CA ALA A 253 4.84 -13.08 -16.30
C ALA A 253 4.81 -14.44 -15.61
N ASP A 254 4.32 -14.45 -14.38
CA ASP A 254 4.21 -15.69 -13.64
C ASP A 254 2.72 -16.04 -13.67
N PHE A 255 1.90 -15.00 -13.75
CA PHE A 255 0.45 -15.16 -13.85
C PHE A 255 0.05 -14.16 -14.89
N VAL A 256 -0.95 -14.47 -15.68
CA VAL A 256 -1.46 -13.52 -16.65
C VAL A 256 -2.96 -13.54 -16.42
N ILE A 257 -3.54 -12.36 -16.30
CA ILE A 257 -4.96 -12.28 -16.07
C ILE A 257 -5.61 -11.30 -17.03
N THR A 258 -6.53 -11.80 -17.83
CA THR A 258 -7.22 -10.94 -18.77
C THR A 258 -8.40 -10.31 -18.04
N ALA A 259 -8.57 -9.01 -18.21
CA ALA A 259 -9.68 -8.30 -17.58
C ALA A 259 -10.19 -7.26 -18.55
N SER A 260 -9.94 -7.50 -19.83
CA SER A 260 -10.38 -6.60 -20.88
C SER A 260 -11.63 -7.19 -21.48
N GLY A 261 -12.56 -6.37 -21.95
CA GLY A 261 -13.75 -6.97 -22.53
C GLY A 261 -13.50 -7.37 -23.97
N ASN A 262 -12.31 -7.92 -24.25
CA ASN A 262 -11.93 -8.28 -25.61
C ASN A 262 -11.68 -9.76 -25.91
N THR A 263 -11.01 -10.02 -27.03
CA THR A 263 -10.67 -11.37 -27.46
C THR A 263 -9.25 -11.49 -27.95
N ASP A 264 -8.70 -12.70 -27.83
CA ASP A 264 -7.34 -12.97 -28.24
C ASP A 264 -6.41 -11.91 -27.68
N VAL A 265 -6.41 -11.77 -26.37
CA VAL A 265 -5.55 -10.81 -25.72
C VAL A 265 -4.14 -11.36 -25.84
N LEU A 266 -4.06 -12.65 -26.19
CA LEU A 266 -2.80 -13.34 -26.39
C LEU A 266 -2.75 -14.03 -27.75
N SER A 267 -1.68 -13.81 -28.51
CA SER A 267 -1.55 -14.42 -29.82
C SER A 267 -0.69 -15.68 -29.71
N LYS A 268 -0.70 -16.51 -30.76
CA LYS A 268 0.12 -17.71 -30.77
C LYS A 268 1.53 -17.28 -30.38
N GLU A 269 1.92 -16.11 -30.88
CA GLU A 269 3.22 -15.53 -30.62
C GLU A 269 3.51 -15.44 -29.13
N ASP A 270 2.70 -14.63 -28.46
CA ASP A 270 2.80 -14.40 -27.02
C ASP A 270 2.83 -15.70 -26.25
N ILE A 271 1.88 -16.58 -26.53
CA ILE A 271 1.81 -17.85 -25.83
C ILE A 271 3.12 -18.63 -25.93
N LEU A 272 3.79 -18.49 -27.05
CA LEU A 272 5.06 -19.16 -27.27
C LEU A 272 6.23 -18.43 -26.59
N SER A 273 5.96 -17.23 -26.08
CA SER A 273 6.98 -16.45 -25.39
C SER A 273 6.84 -16.75 -23.90
N LEU A 274 5.62 -17.09 -23.50
CA LEU A 274 5.30 -17.40 -22.11
C LEU A 274 6.34 -18.32 -21.52
N LYS A 275 6.80 -18.04 -20.32
CA LYS A 275 7.81 -18.88 -19.72
C LYS A 275 7.14 -20.11 -19.16
N ASP A 276 7.93 -21.14 -18.90
CA ASP A 276 7.42 -22.40 -18.40
C ASP A 276 6.75 -22.25 -17.04
N GLY A 277 5.52 -22.74 -16.92
CA GLY A 277 4.81 -22.67 -15.65
C GLY A 277 3.95 -21.43 -15.50
N ALA A 278 3.74 -20.74 -16.61
CA ALA A 278 2.95 -19.53 -16.59
C ALA A 278 1.51 -19.91 -16.44
N VAL A 279 0.87 -19.39 -15.39
CA VAL A 279 -0.54 -19.68 -15.14
C VAL A 279 -1.39 -18.56 -15.72
N LEU A 280 -2.38 -18.92 -16.54
CA LEU A 280 -3.23 -17.91 -17.14
C LEU A 280 -4.66 -18.02 -16.65
N ALA A 281 -5.30 -16.88 -16.41
CA ALA A 281 -6.67 -16.88 -15.95
C ALA A 281 -7.43 -15.75 -16.59
N ASN A 282 -8.72 -15.97 -16.80
CA ASN A 282 -9.54 -14.94 -17.39
C ASN A 282 -10.54 -14.50 -16.34
N ALA A 283 -10.65 -13.19 -16.14
CA ALA A 283 -11.58 -12.65 -15.15
C ALA A 283 -12.50 -11.67 -15.84
N GLY A 284 -12.57 -11.78 -17.16
CA GLY A 284 -13.39 -10.87 -17.93
C GLY A 284 -14.60 -11.45 -18.65
N HIS A 285 -14.68 -11.21 -19.96
CA HIS A 285 -15.81 -11.70 -20.74
C HIS A 285 -15.94 -13.23 -20.80
N PHE A 286 -16.37 -13.72 -21.96
CA PHE A 286 -16.58 -15.13 -22.25
C PHE A 286 -15.28 -15.90 -22.02
N ASN A 287 -15.03 -16.91 -22.85
CA ASN A 287 -13.82 -17.72 -22.74
C ASN A 287 -12.93 -17.45 -23.95
N VAL A 288 -12.98 -16.22 -24.45
CA VAL A 288 -12.21 -15.84 -25.62
C VAL A 288 -11.06 -14.86 -25.40
N GLU A 289 -10.94 -14.34 -24.16
CA GLU A 289 -9.87 -13.40 -23.84
C GLU A 289 -8.55 -14.14 -23.99
N ILE A 290 -8.44 -15.30 -23.35
CA ILE A 290 -7.26 -16.12 -23.49
C ILE A 290 -7.67 -17.09 -24.60
N PRO A 291 -6.95 -17.10 -25.74
CA PRO A 291 -7.29 -17.99 -26.86
C PRO A 291 -7.22 -19.48 -26.52
N VAL A 292 -8.27 -20.01 -25.92
CA VAL A 292 -8.29 -21.42 -25.55
C VAL A 292 -8.15 -22.31 -26.77
N ARG A 293 -8.84 -21.96 -27.85
CA ARG A 293 -8.78 -22.74 -29.08
C ARG A 293 -7.35 -22.80 -29.58
N VAL A 294 -6.69 -21.65 -29.58
CA VAL A 294 -5.31 -21.58 -30.03
C VAL A 294 -4.39 -22.44 -29.16
N LEU A 295 -4.69 -22.53 -27.87
CA LEU A 295 -3.88 -23.34 -26.97
C LEU A 295 -4.08 -24.80 -27.33
N GLU A 296 -5.33 -25.21 -27.43
CA GLU A 296 -5.68 -26.60 -27.77
C GLU A 296 -4.95 -27.10 -29.04
N GLU A 297 -5.00 -26.30 -30.12
CA GLU A 297 -4.34 -26.68 -31.36
C GLU A 297 -2.83 -26.74 -31.19
N ILE A 298 -2.24 -25.58 -30.91
CA ILE A 298 -0.80 -25.45 -30.71
C ILE A 298 -0.17 -26.44 -29.71
N ALA A 299 -0.99 -27.06 -28.85
CA ALA A 299 -0.47 -27.97 -27.84
C ALA A 299 0.03 -29.33 -28.32
N VAL A 300 1.21 -29.70 -27.82
CA VAL A 300 1.87 -30.97 -28.11
C VAL A 300 1.26 -32.02 -27.17
N GLU A 301 0.88 -31.57 -25.99
CA GLU A 301 0.27 -32.43 -24.98
C GLU A 301 -0.78 -31.55 -24.32
N LYS A 302 -1.69 -32.17 -23.59
CA LYS A 302 -2.75 -31.45 -22.93
C LYS A 302 -3.13 -32.40 -21.82
N PHE A 303 -3.18 -31.91 -20.57
CA PHE A 303 -3.53 -32.77 -19.44
C PHE A 303 -4.11 -32.01 -18.26
N GLU A 304 -4.84 -32.71 -17.41
CA GLU A 304 -5.41 -32.07 -16.24
C GLU A 304 -4.38 -32.22 -15.15
N ALA A 305 -3.98 -31.10 -14.56
CA ALA A 305 -2.96 -31.15 -13.51
C ALA A 305 -3.53 -31.06 -12.12
N ARG A 306 -4.53 -30.18 -11.97
CA ARG A 306 -5.22 -29.94 -10.70
C ARG A 306 -6.69 -29.78 -11.06
N PRO A 307 -7.59 -30.03 -10.10
CA PRO A 307 -9.03 -29.91 -10.31
C PRO A 307 -9.52 -28.79 -11.23
N ASN A 308 -8.82 -27.67 -11.29
CA ASN A 308 -9.26 -26.61 -12.18
C ASN A 308 -8.15 -26.07 -13.06
N VAL A 309 -7.03 -26.80 -13.08
CA VAL A 309 -5.89 -26.41 -13.89
C VAL A 309 -5.61 -27.40 -15.00
N THR A 310 -5.67 -26.92 -16.23
CA THR A 310 -5.39 -27.76 -17.38
C THR A 310 -4.06 -27.27 -17.95
N GLY A 311 -3.11 -28.17 -18.16
CA GLY A 311 -1.81 -27.76 -18.67
C GLY A 311 -1.59 -28.11 -20.12
N TYR A 312 -0.87 -27.24 -20.83
CA TYR A 312 -0.56 -27.45 -22.23
C TYR A 312 0.94 -27.36 -22.43
N THR A 313 1.53 -28.43 -22.97
CA THR A 313 2.95 -28.42 -23.26
C THR A 313 3.06 -28.02 -24.73
N LEU A 314 3.92 -27.04 -25.01
CA LEU A 314 4.11 -26.52 -26.36
C LEU A 314 5.37 -27.07 -27.04
N GLU A 315 5.50 -26.79 -28.34
CA GLU A 315 6.65 -27.28 -29.12
C GLU A 315 7.95 -26.91 -28.45
N ASN A 316 8.00 -25.70 -27.88
CA ASN A 316 9.19 -25.21 -27.20
C ASN A 316 9.50 -25.99 -25.92
N GLY A 317 8.73 -27.03 -25.67
CA GLY A 317 8.95 -27.83 -24.48
C GLY A 317 8.48 -27.18 -23.20
N LYS A 318 8.06 -25.92 -23.29
CA LYS A 318 7.55 -25.19 -22.13
C LYS A 318 6.06 -25.53 -22.02
N THR A 319 5.59 -25.71 -20.79
CA THR A 319 4.18 -26.01 -20.59
C THR A 319 3.50 -24.91 -19.73
N VAL A 320 2.37 -24.46 -20.25
CA VAL A 320 1.54 -23.40 -19.67
C VAL A 320 0.27 -23.96 -19.06
N PHE A 321 -0.22 -23.34 -17.98
CA PHE A 321 -1.45 -23.80 -17.32
C PHE A 321 -2.58 -22.81 -17.49
N LEU A 322 -3.80 -23.34 -17.59
CA LEU A 322 -4.97 -22.51 -17.77
C LEU A 322 -6.04 -22.83 -16.74
N LEU A 323 -6.40 -21.83 -15.96
CA LEU A 323 -7.40 -22.00 -14.91
C LEU A 323 -8.81 -21.97 -15.50
N ALA A 324 -9.71 -22.74 -14.90
CA ALA A 324 -11.11 -22.80 -15.33
C ALA A 324 -11.37 -22.82 -16.84
N GLU A 325 -10.47 -23.45 -17.60
CA GLU A 325 -10.63 -23.57 -19.04
C GLU A 325 -10.83 -22.23 -19.76
N GLY A 326 -10.19 -21.18 -19.26
CA GLY A 326 -10.33 -19.88 -19.90
C GLY A 326 -11.63 -19.16 -19.60
N ARG A 327 -12.48 -19.77 -18.78
CA ARG A 327 -13.74 -19.15 -18.42
C ARG A 327 -13.52 -18.25 -17.23
N LEU A 328 -14.53 -17.44 -16.92
CA LEU A 328 -14.50 -16.52 -15.80
C LEU A 328 -13.93 -17.26 -14.57
N VAL A 329 -12.63 -17.10 -14.31
CA VAL A 329 -11.96 -17.82 -13.21
C VAL A 329 -12.54 -17.79 -11.79
N ASN A 330 -13.01 -16.64 -11.33
CA ASN A 330 -13.54 -16.57 -9.95
C ASN A 330 -14.88 -17.25 -9.79
N LEU A 331 -15.63 -17.35 -10.88
CA LEU A 331 -16.96 -17.95 -10.86
C LEU A 331 -16.91 -19.47 -11.06
N ALA A 332 -16.21 -19.90 -12.10
CA ALA A 332 -16.10 -21.32 -12.42
C ALA A 332 -14.93 -22.04 -11.72
N ALA A 333 -14.29 -21.40 -10.74
CA ALA A 333 -13.18 -22.02 -10.04
C ALA A 333 -13.15 -21.60 -8.59
N GLY A 334 -13.88 -20.54 -8.30
CA GLY A 334 -13.95 -20.01 -6.94
C GLY A 334 -15.37 -20.08 -6.44
N ASP A 335 -15.79 -19.09 -5.66
CA ASP A 335 -17.15 -19.03 -5.13
C ASP A 335 -17.94 -17.87 -5.73
N GLY A 336 -17.47 -17.36 -6.86
CA GLY A 336 -18.13 -16.23 -7.48
C GLY A 336 -17.64 -15.09 -6.61
N HIS A 337 -18.47 -14.09 -6.37
CA HIS A 337 -18.02 -12.99 -5.53
C HIS A 337 -18.23 -13.28 -4.06
N PRO A 338 -17.62 -12.47 -3.18
CA PRO A 338 -17.75 -12.62 -1.73
C PRO A 338 -19.20 -12.50 -1.25
N VAL A 339 -19.58 -13.28 -0.25
CA VAL A 339 -20.96 -13.22 0.19
C VAL A 339 -21.57 -11.84 0.32
N GLU A 340 -20.95 -10.90 1.05
CA GLU A 340 -21.57 -9.57 1.15
C GLU A 340 -21.52 -8.74 -0.12
N ILE A 341 -20.55 -9.05 -1.00
CA ILE A 341 -20.45 -8.33 -2.26
C ILE A 341 -21.71 -8.64 -3.05
N MET A 342 -22.08 -9.91 -3.03
CA MET A 342 -23.27 -10.41 -3.72
C MET A 342 -24.51 -9.87 -3.05
N ASP A 343 -24.50 -9.81 -1.74
CA ASP A 343 -25.64 -9.32 -0.99
C ASP A 343 -26.02 -7.97 -1.54
N LEU A 344 -25.01 -7.16 -1.82
CA LEU A 344 -25.25 -5.82 -2.33
C LEU A 344 -25.68 -5.81 -3.78
N SER A 345 -25.09 -6.68 -4.59
CA SER A 345 -25.44 -6.75 -6.00
C SER A 345 -26.89 -7.29 -6.12
N PHE A 346 -27.35 -7.99 -5.10
CA PHE A 346 -28.70 -8.51 -5.10
C PHE A 346 -29.60 -7.39 -4.62
N ALA A 347 -29.29 -6.87 -3.44
CA ALA A 347 -30.08 -5.81 -2.86
C ALA A 347 -30.47 -4.80 -3.94
N LEU A 348 -29.53 -4.52 -4.84
CA LEU A 348 -29.79 -3.57 -5.92
C LEU A 348 -30.90 -4.10 -6.81
N GLN A 349 -30.81 -5.38 -7.17
CA GLN A 349 -31.82 -5.98 -8.03
C GLN A 349 -33.19 -6.07 -7.37
N ILE A 350 -33.21 -6.43 -6.10
CA ILE A 350 -34.47 -6.53 -5.38
C ILE A 350 -35.22 -5.19 -5.38
N PHE A 351 -34.46 -4.08 -5.36
CA PHE A 351 -35.05 -2.76 -5.37
C PHE A 351 -35.43 -2.39 -6.79
N ALA A 352 -34.70 -2.93 -7.76
CA ALA A 352 -34.98 -2.66 -9.17
C ALA A 352 -36.35 -3.26 -9.47
N VAL A 353 -36.64 -4.39 -8.83
CA VAL A 353 -37.93 -5.05 -9.00
C VAL A 353 -39.00 -4.23 -8.30
N LEU A 354 -38.78 -3.94 -7.01
CA LEU A 354 -39.73 -3.13 -6.23
C LEU A 354 -39.95 -1.74 -6.83
N TYR A 355 -39.10 -1.35 -7.76
CA TYR A 355 -39.23 -0.06 -8.42
C TYR A 355 -40.16 -0.30 -9.60
N LEU A 356 -39.91 -1.38 -10.32
CA LEU A 356 -40.73 -1.75 -11.47
C LEU A 356 -42.17 -1.91 -11.00
N LEU A 357 -42.34 -2.47 -9.82
CA LEU A 357 -43.66 -2.67 -9.25
C LEU A 357 -44.34 -1.33 -8.98
N GLU A 358 -43.63 -0.42 -8.32
CA GLU A 358 -44.16 0.89 -7.98
C GLU A 358 -44.41 1.69 -9.24
N ASN A 359 -43.35 2.32 -9.75
CA ASN A 359 -43.45 3.13 -10.97
C ASN A 359 -43.67 2.20 -12.15
N HIS A 360 -44.57 1.25 -11.96
CA HIS A 360 -44.92 0.25 -12.95
C HIS A 360 -45.33 0.83 -14.31
N ARG A 361 -46.57 1.31 -14.36
CA ARG A 361 -47.17 1.88 -15.55
C ARG A 361 -46.47 3.14 -16.03
N LYS A 362 -46.23 4.06 -15.09
CA LYS A 362 -45.58 5.34 -15.39
C LYS A 362 -44.44 5.18 -16.41
N MET A 363 -43.81 3.99 -16.42
CA MET A 363 -42.69 3.71 -17.32
C MET A 363 -43.11 3.21 -18.70
N SER A 364 -42.36 3.63 -19.71
CA SER A 364 -42.63 3.24 -21.10
C SER A 364 -41.56 2.27 -21.62
N PRO A 365 -41.97 1.26 -22.42
CA PRO A 365 -41.10 0.23 -23.01
C PRO A 365 -39.74 0.75 -23.49
N LYS A 366 -38.89 1.06 -22.53
CA LYS A 366 -37.55 1.57 -22.76
C LYS A 366 -36.62 1.00 -21.68
N VAL A 367 -35.34 0.87 -21.99
CA VAL A 367 -34.38 0.36 -21.01
C VAL A 367 -33.83 1.50 -20.17
N TYR A 368 -34.13 1.49 -18.87
CA TYR A 368 -33.69 2.53 -17.96
C TYR A 368 -32.47 2.14 -17.11
N MET A 369 -31.60 3.11 -16.85
CA MET A 369 -30.43 2.87 -16.02
C MET A 369 -30.92 2.95 -14.58
N LEU A 370 -30.42 2.08 -13.72
CA LEU A 370 -30.82 2.08 -12.33
C LEU A 370 -30.98 3.52 -11.84
N PRO A 371 -32.07 3.81 -11.12
CA PRO A 371 -32.28 5.16 -10.60
C PRO A 371 -31.30 5.49 -9.48
N ASP A 372 -30.57 6.58 -9.65
CA ASP A 372 -29.58 7.02 -8.69
C ASP A 372 -30.08 7.03 -7.24
N GLU A 373 -31.40 7.09 -7.06
CA GLU A 373 -31.96 7.09 -5.72
C GLU A 373 -31.76 5.75 -5.01
N ILE A 374 -31.59 4.69 -5.79
CA ILE A 374 -31.38 3.35 -5.23
C ILE A 374 -29.95 3.22 -4.68
N ASP A 375 -28.97 3.67 -5.45
CA ASP A 375 -27.57 3.63 -5.03
C ASP A 375 -27.47 4.27 -3.67
N GLU A 376 -27.96 5.51 -3.58
CA GLU A 376 -27.96 6.29 -2.35
C GLU A 376 -28.55 5.48 -1.20
N ARG A 377 -29.63 4.76 -1.50
CA ARG A 377 -30.32 3.95 -0.51
C ARG A 377 -29.47 2.79 0.00
N VAL A 378 -29.00 1.97 -0.94
CA VAL A 378 -28.18 0.81 -0.61
C VAL A 378 -26.93 1.20 0.16
N ALA A 379 -26.32 2.32 -0.25
CA ALA A 379 -25.12 2.80 0.43
C ALA A 379 -25.45 3.13 1.90
N ARG A 380 -26.56 3.84 2.10
CA ARG A 380 -26.99 4.22 3.45
C ARG A 380 -27.28 2.99 4.30
N MET A 381 -27.87 1.97 3.66
CA MET A 381 -28.20 0.72 4.35
C MET A 381 -26.96 -0.07 4.70
N LYS A 382 -25.96 -0.01 3.83
CA LYS A 382 -24.71 -0.71 4.06
C LYS A 382 -23.95 -0.02 5.19
N LEU A 383 -23.87 1.31 5.13
CA LEU A 383 -23.19 2.08 6.17
C LEU A 383 -23.86 1.79 7.49
N ASP A 384 -25.18 1.72 7.46
CA ASP A 384 -25.94 1.48 8.67
C ASP A 384 -25.65 0.10 9.28
N SER A 385 -25.59 -0.93 8.46
CA SER A 385 -25.31 -2.27 8.98
C SER A 385 -23.86 -2.41 9.44
N LEU A 386 -23.01 -1.53 8.91
CA LEU A 386 -21.59 -1.51 9.24
C LEU A 386 -21.30 -0.71 10.50
N GLY A 387 -22.32 0.01 10.98
CA GLY A 387 -22.17 0.80 12.18
C GLY A 387 -21.43 2.10 11.92
N VAL A 388 -21.59 2.63 10.71
CA VAL A 388 -20.94 3.87 10.34
C VAL A 388 -21.96 4.96 10.19
N LYS A 389 -21.63 6.13 10.72
CA LYS A 389 -22.51 7.27 10.61
C LYS A 389 -21.71 8.42 9.98
N ILE A 390 -22.25 9.00 8.91
CA ILE A 390 -21.56 10.10 8.24
C ILE A 390 -22.24 11.43 8.54
N ASP A 391 -21.57 12.53 8.23
CA ASP A 391 -22.12 13.86 8.47
C ASP A 391 -23.32 14.13 7.58
N GLU A 392 -24.22 14.96 8.08
CA GLU A 392 -25.40 15.32 7.31
C GLU A 392 -25.17 16.77 6.91
N LEU A 393 -25.52 17.08 5.67
CA LEU A 393 -25.35 18.43 5.15
C LEU A 393 -26.30 19.40 5.86
N THR A 394 -25.77 20.52 6.35
CA THR A 394 -26.61 21.52 7.03
C THR A 394 -27.18 22.50 6.02
N GLU A 395 -27.97 23.47 6.47
CA GLU A 395 -28.57 24.44 5.56
C GLU A 395 -27.59 25.50 5.04
N LYS A 396 -26.69 25.96 5.90
CA LYS A 396 -25.71 26.94 5.47
C LYS A 396 -24.97 26.39 4.26
N GLN A 397 -24.60 25.11 4.33
CA GLN A 397 -23.86 24.42 3.27
C GLN A 397 -24.75 24.03 2.10
N ARG A 398 -25.90 23.45 2.38
CA ARG A 398 -26.82 23.04 1.33
C ARG A 398 -27.08 24.26 0.47
N ARG A 399 -27.22 25.41 1.12
CA ARG A 399 -27.45 26.68 0.44
C ARG A 399 -26.20 27.05 -0.36
N TYR A 400 -25.08 27.13 0.35
CA TYR A 400 -23.80 27.45 -0.25
C TYR A 400 -23.56 26.73 -1.58
N LEU A 401 -23.69 25.40 -1.55
CA LEU A 401 -23.47 24.58 -2.74
C LEU A 401 -24.34 25.00 -3.92
N ARG A 402 -25.63 25.25 -3.68
CA ARG A 402 -26.55 25.67 -4.74
C ARG A 402 -25.90 26.65 -5.70
N ALA B 2 15.79 38.42 -13.35
CA ALA B 2 16.17 38.24 -14.78
C ALA B 2 17.21 37.12 -14.94
N ASN B 3 18.16 37.04 -13.99
CA ASN B 3 19.20 36.01 -13.99
C ASN B 3 18.86 34.91 -12.97
N THR B 4 17.88 35.20 -12.12
CA THR B 4 17.40 34.26 -11.09
C THR B 4 16.11 33.71 -11.65
N GLY B 5 15.26 34.61 -12.11
CA GLY B 5 13.99 34.23 -12.70
C GLY B 5 14.28 33.45 -13.94
N GLU B 6 15.51 33.60 -14.44
CA GLU B 6 15.92 32.88 -15.63
C GLU B 6 16.13 31.43 -15.25
N MET B 7 16.73 31.19 -14.09
CA MET B 7 16.98 29.83 -13.62
C MET B 7 15.70 29.16 -13.13
N LYS B 8 14.89 29.91 -12.42
CA LYS B 8 13.63 29.37 -11.91
C LYS B 8 12.80 28.85 -13.09
N ILE B 9 13.10 29.36 -14.27
CA ILE B 9 12.42 28.94 -15.47
C ILE B 9 13.20 27.81 -16.15
N ASN B 10 14.52 27.87 -16.08
CA ASN B 10 15.31 26.82 -16.69
C ASN B 10 15.05 25.51 -15.95
N TRP B 11 14.82 25.60 -14.64
CA TRP B 11 14.56 24.40 -13.85
C TRP B 11 13.29 23.77 -14.37
N VAL B 12 12.21 24.52 -14.28
CA VAL B 12 10.92 24.10 -14.73
C VAL B 12 10.99 23.59 -16.16
N SER B 13 11.64 24.37 -17.03
CA SER B 13 11.78 24.02 -18.43
C SER B 13 12.25 22.62 -18.76
N ARG B 14 13.17 22.06 -17.99
CA ARG B 14 13.66 20.71 -18.31
C ARG B 14 12.74 19.59 -17.85
N TYR B 15 11.64 19.94 -17.19
CA TYR B 15 10.67 18.95 -16.70
C TYR B 15 9.25 19.25 -17.13
N MET B 16 9.12 19.80 -18.32
CA MET B 16 7.81 20.11 -18.92
C MET B 16 7.88 19.37 -20.25
N PRO B 17 8.03 18.03 -20.19
CA PRO B 17 8.14 17.16 -21.37
C PRO B 17 7.16 17.45 -22.48
N LEU B 18 5.88 17.54 -22.13
CA LEU B 18 4.82 17.80 -23.10
C LEU B 18 4.95 19.17 -23.77
N LEU B 19 5.03 20.24 -22.98
CA LEU B 19 5.18 21.58 -23.58
C LEU B 19 6.40 21.69 -24.50
N ASN B 20 7.43 20.90 -24.27
CA ASN B 20 8.61 20.96 -25.12
C ASN B 20 8.31 20.22 -26.39
N LYS B 21 7.39 19.26 -26.30
CA LYS B 21 7.00 18.46 -27.46
C LYS B 21 6.12 19.34 -28.31
N ILE B 22 5.30 20.13 -27.66
CA ILE B 22 4.40 21.02 -28.36
C ILE B 22 5.22 22.10 -29.02
N ALA B 23 6.40 22.34 -28.47
CA ALA B 23 7.27 23.40 -28.98
C ALA B 23 8.29 22.95 -29.99
N GLU B 24 8.11 21.77 -30.53
CA GLU B 24 9.05 21.29 -31.53
C GLU B 24 8.28 20.51 -32.54
N GLU B 25 6.99 20.77 -32.58
CA GLU B 25 6.06 20.13 -33.50
C GLU B 25 5.11 21.22 -33.93
N TYR B 26 5.44 22.46 -33.58
CA TYR B 26 4.60 23.63 -33.91
C TYR B 26 5.47 24.88 -33.89
N SER B 27 6.67 24.75 -33.33
CA SER B 27 7.59 25.88 -33.22
C SER B 27 7.93 26.43 -34.59
N ARG B 28 8.19 25.53 -35.53
CA ARG B 28 8.53 25.91 -36.91
C ARG B 28 7.33 26.49 -37.63
N GLU B 29 6.23 25.76 -37.59
CA GLU B 29 4.98 26.13 -38.24
C GLU B 29 4.30 27.39 -37.65
N LYS B 30 4.79 27.85 -36.49
CA LYS B 30 4.25 29.04 -35.79
C LYS B 30 2.77 29.39 -36.10
N PRO B 31 1.84 28.49 -35.76
CA PRO B 31 0.39 28.65 -35.97
C PRO B 31 -0.30 29.76 -35.23
N LEU B 32 0.40 30.44 -34.33
CA LEU B 32 -0.24 31.49 -33.58
C LEU B 32 0.36 32.83 -33.88
N SER B 33 0.87 33.00 -35.11
CA SER B 33 1.46 34.27 -35.51
C SER B 33 0.39 35.33 -35.76
N GLY B 34 0.69 36.56 -35.36
CA GLY B 34 -0.26 37.64 -35.53
C GLY B 34 -1.25 37.62 -34.39
N PHE B 35 -1.60 36.40 -33.96
CA PHE B 35 -2.54 36.22 -32.87
C PHE B 35 -1.91 36.60 -31.55
N THR B 36 -2.68 37.23 -30.69
CA THR B 36 -2.14 37.59 -29.40
C THR B 36 -3.01 36.95 -28.32
N VAL B 37 -2.35 36.27 -27.38
CA VAL B 37 -3.03 35.59 -26.28
C VAL B 37 -2.92 36.37 -25.00
N GLY B 38 -4.07 36.63 -24.38
CA GLY B 38 -4.13 37.36 -23.14
C GLY B 38 -4.45 36.33 -22.07
N MET B 39 -3.96 36.53 -20.86
CA MET B 39 -4.23 35.58 -19.78
C MET B 39 -4.03 36.11 -18.38
N SER B 40 -4.87 35.62 -17.48
CA SER B 40 -4.79 35.99 -16.08
C SER B 40 -4.48 34.68 -15.37
N ILE B 41 -3.30 34.61 -14.72
CA ILE B 41 -2.92 33.39 -14.02
C ILE B 41 -1.85 33.59 -12.99
N HIS B 42 -1.86 32.76 -11.96
CA HIS B 42 -0.85 32.81 -10.91
C HIS B 42 0.51 32.88 -11.59
N LEU B 43 1.21 33.97 -11.40
CA LEU B 43 2.49 34.13 -12.06
C LEU B 43 3.69 33.58 -11.28
N GLU B 44 4.36 32.61 -11.90
CA GLU B 44 5.53 32.02 -11.32
C GLU B 44 6.20 31.18 -12.39
N ALA B 45 7.39 30.67 -12.08
CA ALA B 45 8.18 29.89 -13.04
C ALA B 45 7.41 28.95 -13.97
N LYS B 46 6.47 28.19 -13.43
CA LYS B 46 5.72 27.24 -14.23
C LYS B 46 4.76 27.89 -15.23
N THR B 47 3.84 28.71 -14.74
CA THR B 47 2.88 29.37 -15.62
C THR B 47 3.60 30.20 -16.64
N ALA B 48 4.79 30.66 -16.28
CA ALA B 48 5.60 31.45 -17.21
C ALA B 48 6.09 30.59 -18.37
N TYR B 49 6.38 29.32 -18.14
CA TYR B 49 6.86 28.48 -19.22
C TYR B 49 5.71 28.22 -20.19
N LEU B 50 4.48 28.33 -19.69
CA LEU B 50 3.29 28.17 -20.54
C LEU B 50 3.31 29.36 -21.51
N ALA B 51 3.43 30.55 -20.94
CA ALA B 51 3.47 31.75 -21.73
C ALA B 51 4.63 31.66 -22.71
N ILE B 52 5.78 31.20 -22.25
CA ILE B 52 6.94 31.11 -23.13
C ILE B 52 6.72 30.17 -24.30
N THR B 53 6.09 29.02 -24.06
CA THR B 53 5.86 28.08 -25.16
C THR B 53 4.76 28.57 -26.10
N LEU B 54 3.84 29.40 -25.60
CA LEU B 54 2.77 29.96 -26.42
C LEU B 54 3.49 30.91 -27.37
N SER B 55 4.39 31.69 -26.80
CA SER B 55 5.18 32.65 -27.54
C SER B 55 6.04 31.91 -28.57
N LYS B 56 6.54 30.74 -28.19
CA LYS B 56 7.36 29.95 -29.11
C LYS B 56 6.53 29.59 -30.33
N LEU B 57 5.22 29.45 -30.13
CA LEU B 57 4.30 29.12 -31.20
C LEU B 57 3.97 30.35 -32.04
N GLY B 58 4.58 31.48 -31.69
CA GLY B 58 4.38 32.71 -32.44
C GLY B 58 3.33 33.65 -31.91
N ALA B 59 2.86 33.42 -30.69
CA ALA B 59 1.86 34.30 -30.16
C ALA B 59 2.43 35.49 -29.39
N LYS B 60 1.64 36.55 -29.27
CA LYS B 60 2.04 37.73 -28.52
C LYS B 60 1.33 37.45 -27.23
N VAL B 61 2.08 37.17 -26.18
CA VAL B 61 1.44 36.88 -24.92
C VAL B 61 1.33 38.11 -24.03
N VAL B 62 0.15 38.36 -23.47
CA VAL B 62 -0.03 39.48 -22.55
C VAL B 62 -0.57 38.86 -21.26
N ILE B 63 0.26 38.83 -20.22
CA ILE B 63 -0.09 38.24 -18.93
C ILE B 63 -0.42 39.25 -17.83
N THR B 64 -1.26 38.82 -16.87
CA THR B 64 -1.62 39.63 -15.72
C THR B 64 -1.28 38.78 -14.53
N GLY B 65 -0.87 39.42 -13.44
CA GLY B 65 -0.50 38.68 -12.25
C GLY B 65 -1.68 38.37 -11.36
N SER B 66 -2.35 37.26 -11.62
CA SER B 66 -3.50 36.87 -10.83
C SER B 66 -3.19 37.02 -9.34
N ASN B 67 -1.94 36.73 -8.99
CA ASN B 67 -1.41 36.78 -7.62
C ASN B 67 -0.53 38.01 -7.34
N PRO B 68 -0.77 38.73 -6.22
CA PRO B 68 0.04 39.91 -5.90
C PRO B 68 1.55 39.69 -5.80
N LEU B 69 2.29 40.20 -6.78
CA LEU B 69 3.74 40.08 -6.84
C LEU B 69 4.48 41.35 -6.44
N SER B 70 5.75 41.37 -6.83
CA SER B 70 6.63 42.50 -6.57
C SER B 70 6.87 43.25 -7.86
N THR B 71 7.40 44.46 -7.74
CA THR B 71 7.71 45.32 -8.88
C THR B 71 8.84 44.68 -9.68
N GLN B 72 9.81 44.14 -8.95
CA GLN B 72 10.96 43.52 -9.58
C GLN B 72 10.97 42.00 -9.45
N ASP B 73 9.80 41.38 -9.31
CA ASP B 73 9.77 39.93 -9.21
C ASP B 73 10.58 39.38 -10.38
N ASP B 74 11.72 38.80 -10.03
CA ASP B 74 12.68 38.23 -10.95
C ASP B 74 12.16 37.33 -12.05
N VAL B 75 10.96 36.79 -11.89
CA VAL B 75 10.39 35.91 -12.91
C VAL B 75 9.67 36.75 -13.97
N ALA B 76 8.90 37.73 -13.49
CA ALA B 76 8.16 38.61 -14.38
C ALA B 76 9.14 39.32 -15.31
N GLU B 77 10.28 39.73 -14.75
CA GLU B 77 11.30 40.45 -15.50
C GLU B 77 11.98 39.55 -16.51
N ALA B 78 12.06 38.27 -16.21
CA ALA B 78 12.67 37.31 -17.11
C ALA B 78 11.78 37.12 -18.34
N LEU B 79 10.46 37.18 -18.13
CA LEU B 79 9.49 37.04 -19.21
C LEU B 79 9.54 38.26 -20.14
N ARG B 80 9.60 39.46 -19.56
CA ARG B 80 9.67 40.71 -20.32
C ARG B 80 10.85 40.67 -21.29
N SER B 81 11.99 40.22 -20.78
CA SER B 81 13.20 40.11 -21.56
C SER B 81 13.10 39.01 -22.60
N LYS B 82 11.89 38.50 -22.82
CA LYS B 82 11.65 37.45 -23.82
C LYS B 82 10.51 37.89 -24.72
N GLY B 83 10.20 39.19 -24.63
CA GLY B 83 9.13 39.77 -25.41
C GLY B 83 7.77 39.29 -24.99
N ILE B 84 7.41 39.56 -23.75
CA ILE B 84 6.11 39.13 -23.24
C ILE B 84 5.60 40.18 -22.30
N THR B 85 4.55 40.86 -22.73
CA THR B 85 3.92 41.91 -21.95
C THR B 85 3.33 41.30 -20.69
N VAL B 86 3.85 41.72 -19.55
CA VAL B 86 3.38 41.21 -18.27
C VAL B 86 3.05 42.34 -17.31
N TYR B 87 1.76 42.46 -16.99
CA TYR B 87 1.24 43.48 -16.06
C TYR B 87 1.05 42.84 -14.68
N ALA B 88 2.06 42.94 -13.82
CA ALA B 88 2.03 42.35 -12.47
C ALA B 88 1.49 43.30 -11.40
N ARG B 89 0.63 42.78 -10.51
CA ARG B 89 0.05 43.64 -9.47
C ARG B 89 0.82 43.66 -8.16
N ARG B 90 0.89 44.83 -7.54
CA ARG B 90 1.64 45.00 -6.29
C ARG B 90 0.83 45.47 -5.11
N THR B 91 -0.33 44.89 -4.92
CA THR B 91 -1.15 45.28 -3.79
C THR B 91 -2.03 44.12 -3.40
N HIS B 92 -2.84 44.34 -2.38
CA HIS B 92 -3.75 43.31 -1.95
C HIS B 92 -5.13 43.72 -2.43
N ASP B 93 -5.39 45.02 -2.41
CA ASP B 93 -6.67 45.54 -2.86
C ASP B 93 -6.87 45.26 -4.33
N GLU B 94 -8.09 44.89 -4.67
CA GLU B 94 -8.43 44.58 -6.04
C GLU B 94 -8.47 45.80 -6.94
N SER B 95 -8.30 47.01 -6.40
CA SER B 95 -8.36 48.14 -7.31
C SER B 95 -7.39 47.89 -8.46
N ILE B 96 -6.12 47.65 -8.10
CA ILE B 96 -5.07 47.44 -9.09
C ILE B 96 -5.16 46.14 -9.88
N TYR B 97 -5.88 45.16 -9.34
CA TYR B 97 -5.98 43.91 -10.09
C TYR B 97 -6.80 44.08 -11.37
N ARG B 98 -8.05 44.51 -11.24
CA ARG B 98 -8.91 44.70 -12.40
C ARG B 98 -8.26 45.67 -13.38
N GLU B 99 -7.43 46.56 -12.86
CA GLU B 99 -6.75 47.52 -13.69
C GLU B 99 -5.82 46.80 -14.65
N ASN B 100 -5.10 45.79 -14.15
CA ASN B 100 -4.18 45.03 -15.00
C ASN B 100 -5.03 44.20 -15.93
N LEU B 101 -6.11 43.65 -15.38
CA LEU B 101 -7.01 42.85 -16.20
C LEU B 101 -7.40 43.74 -17.37
N MET B 102 -7.69 45.00 -17.05
CA MET B 102 -8.09 45.97 -18.03
C MET B 102 -7.02 46.23 -19.09
N LYS B 103 -5.76 46.23 -18.68
CA LYS B 103 -4.67 46.47 -19.62
C LYS B 103 -4.39 45.32 -20.59
N VAL B 104 -4.83 44.10 -20.26
CA VAL B 104 -4.60 43.01 -21.20
C VAL B 104 -5.68 43.14 -22.28
N LEU B 105 -6.83 43.65 -21.86
CA LEU B 105 -7.93 43.87 -22.79
C LEU B 105 -7.54 45.06 -23.66
N ASP B 106 -6.74 45.97 -23.10
CA ASP B 106 -6.26 47.14 -23.82
C ASP B 106 -5.35 46.68 -24.95
N GLU B 107 -5.28 45.38 -25.18
CA GLU B 107 -4.43 44.80 -26.22
C GLU B 107 -5.30 44.00 -27.16
N ARG B 108 -6.60 44.00 -26.88
CA ARG B 108 -7.57 43.29 -27.70
C ARG B 108 -6.99 41.99 -28.22
N PRO B 109 -7.08 40.94 -27.39
CA PRO B 109 -6.59 39.59 -27.69
C PRO B 109 -7.55 38.75 -28.52
N ASP B 110 -7.00 37.77 -29.21
CA ASP B 110 -7.81 36.91 -30.03
C ASP B 110 -8.27 35.76 -29.15
N PHE B 111 -7.37 35.27 -28.32
CA PHE B 111 -7.72 34.17 -27.43
C PHE B 111 -7.41 34.51 -25.99
N ILE B 112 -8.13 33.88 -25.08
CA ILE B 112 -7.94 34.14 -23.67
C ILE B 112 -7.99 32.90 -22.80
N ILE B 113 -6.92 32.71 -22.04
CA ILE B 113 -6.80 31.62 -21.09
C ILE B 113 -6.96 32.43 -19.81
N ASP B 114 -8.14 32.44 -19.22
CA ASP B 114 -8.25 33.27 -18.02
C ASP B 114 -8.58 32.56 -16.71
N ASP B 115 -8.58 33.35 -15.65
CA ASP B 115 -8.82 32.91 -14.30
C ASP B 115 -10.24 33.25 -13.87
N GLY B 116 -10.98 32.23 -13.42
CA GLY B 116 -12.34 32.42 -12.94
C GLY B 116 -13.29 33.21 -13.82
N GLY B 117 -12.93 33.38 -15.09
CA GLY B 117 -13.78 34.14 -15.98
C GLY B 117 -13.72 35.65 -15.72
N ASP B 118 -12.83 36.10 -14.84
CA ASP B 118 -12.71 37.52 -14.54
C ASP B 118 -12.38 38.33 -15.79
N LEU B 119 -11.67 37.72 -16.73
CA LEU B 119 -11.29 38.41 -17.96
C LEU B 119 -12.40 38.40 -19.01
N THR B 120 -12.92 37.23 -19.33
CA THR B 120 -13.99 37.14 -20.33
C THR B 120 -15.30 37.77 -19.85
N VAL B 121 -15.49 37.87 -18.55
CA VAL B 121 -16.71 38.47 -18.03
C VAL B 121 -16.58 40.00 -18.05
N ILE B 122 -15.37 40.51 -17.88
CA ILE B 122 -15.17 41.96 -17.92
C ILE B 122 -15.48 42.45 -19.34
N SER B 123 -15.13 41.63 -20.34
CA SER B 123 -15.37 41.97 -21.74
C SER B 123 -16.86 42.09 -22.03
N HIS B 124 -17.59 41.01 -21.75
CA HIS B 124 -19.03 40.93 -22.00
C HIS B 124 -19.88 41.93 -21.23
N THR B 125 -19.30 42.61 -20.24
CA THR B 125 -20.10 43.54 -19.45
C THR B 125 -19.55 44.95 -19.28
N GLU B 126 -18.36 45.22 -19.79
CA GLU B 126 -17.78 46.55 -19.65
C GLU B 126 -16.88 46.96 -20.81
N ARG B 127 -16.46 45.98 -21.62
CA ARG B 127 -15.58 46.28 -22.74
C ARG B 127 -15.87 45.41 -23.95
N GLU B 128 -16.90 45.78 -24.72
CA GLU B 128 -17.27 45.00 -25.89
C GLU B 128 -16.32 45.23 -27.07
N GLU B 129 -15.45 46.23 -26.95
CA GLU B 129 -14.51 46.51 -28.02
C GLU B 129 -13.79 45.20 -28.36
N VAL B 130 -13.07 44.71 -27.36
CA VAL B 130 -12.30 43.47 -27.45
C VAL B 130 -13.20 42.30 -27.79
N LEU B 131 -14.42 42.35 -27.28
CA LEU B 131 -15.41 41.32 -27.47
C LEU B 131 -15.60 40.88 -28.92
N GLU B 132 -15.20 41.74 -29.85
CA GLU B 132 -15.37 41.40 -31.25
C GLU B 132 -14.14 40.69 -31.81
N ASN B 133 -12.98 41.29 -31.58
CA ASN B 133 -11.72 40.70 -32.03
C ASN B 133 -11.51 39.35 -31.30
N LEU B 134 -12.00 39.27 -30.07
CA LEU B 134 -11.90 38.07 -29.27
C LEU B 134 -12.52 36.92 -30.05
N LYS B 135 -11.69 35.94 -30.35
CA LYS B 135 -12.09 34.77 -31.12
C LYS B 135 -12.40 33.53 -30.28
N GLY B 136 -11.76 33.39 -29.13
CA GLY B 136 -11.99 32.22 -28.29
C GLY B 136 -11.51 32.32 -26.85
N VAL B 137 -12.05 31.49 -25.99
CA VAL B 137 -11.69 31.51 -24.58
C VAL B 137 -11.51 30.11 -24.02
N SER B 138 -10.51 29.96 -23.17
CA SER B 138 -10.19 28.69 -22.50
C SER B 138 -10.33 28.91 -20.98
N GLU B 139 -11.11 28.05 -20.33
CA GLU B 139 -11.32 28.16 -18.89
C GLU B 139 -10.94 26.90 -18.13
N GLU B 140 -9.94 27.02 -17.26
CA GLU B 140 -9.47 25.88 -16.49
C GLU B 140 -10.11 25.79 -15.10
N THR B 141 -10.36 26.94 -14.48
CA THR B 141 -10.94 26.98 -13.13
C THR B 141 -12.23 26.21 -13.01
N THR B 142 -13.01 26.55 -12.00
CA THR B 142 -14.30 25.92 -11.76
C THR B 142 -15.27 27.05 -11.48
N THR B 143 -14.79 28.05 -10.75
CA THR B 143 -15.59 29.22 -10.44
C THR B 143 -15.88 29.83 -11.81
N GLY B 144 -14.82 29.99 -12.61
CA GLY B 144 -14.95 30.56 -13.93
C GLY B 144 -15.99 29.86 -14.77
N VAL B 145 -15.77 28.58 -15.03
CA VAL B 145 -16.71 27.83 -15.84
C VAL B 145 -18.12 27.96 -15.27
N ARG B 146 -18.23 28.09 -13.95
CA ARG B 146 -19.55 28.25 -13.35
C ARG B 146 -20.11 29.56 -13.91
N ARG B 147 -19.28 30.60 -13.88
CA ARG B 147 -19.66 31.92 -14.36
C ARG B 147 -19.91 32.00 -15.87
N LEU B 148 -18.97 31.48 -16.67
CA LEU B 148 -19.13 31.52 -18.13
C LEU B 148 -20.23 30.60 -18.63
N LYS B 149 -20.94 29.98 -17.70
CA LYS B 149 -22.06 29.12 -18.05
C LYS B 149 -23.32 29.90 -17.74
N ALA B 150 -23.28 30.64 -16.63
CA ALA B 150 -24.40 31.48 -16.22
C ALA B 150 -24.65 32.41 -17.41
N LEU B 151 -23.58 32.81 -18.08
CA LEU B 151 -23.71 33.67 -19.25
C LEU B 151 -24.39 32.91 -20.38
N GLU B 152 -23.78 31.81 -20.81
CA GLU B 152 -24.36 31.04 -21.89
C GLU B 152 -25.85 30.78 -21.70
N GLU B 153 -26.24 30.43 -20.47
CA GLU B 153 -27.66 30.15 -20.17
C GLU B 153 -28.55 31.40 -20.28
N THR B 154 -27.97 32.58 -20.06
CA THR B 154 -28.72 33.83 -20.17
C THR B 154 -28.36 34.51 -21.50
N GLY B 155 -27.96 33.68 -22.47
CA GLY B 155 -27.60 34.16 -23.80
C GLY B 155 -26.66 35.35 -23.90
N LYS B 156 -26.13 35.83 -22.77
CA LYS B 156 -25.22 36.97 -22.79
C LYS B 156 -23.84 36.64 -23.37
N LEU B 157 -23.52 35.35 -23.44
CA LEU B 157 -22.24 34.90 -23.96
C LEU B 157 -22.22 34.92 -25.48
N ARG B 158 -21.18 35.53 -26.04
CA ARG B 158 -21.05 35.61 -27.49
C ARG B 158 -19.65 35.30 -28.02
N VAL B 159 -19.10 34.19 -27.53
CA VAL B 159 -17.77 33.70 -27.92
C VAL B 159 -17.62 32.23 -27.42
N PRO B 160 -17.11 31.34 -28.27
CA PRO B 160 -16.95 29.94 -27.87
C PRO B 160 -15.96 29.77 -26.73
N VAL B 161 -16.33 28.95 -25.74
CA VAL B 161 -15.49 28.70 -24.59
C VAL B 161 -15.18 27.21 -24.47
N ILE B 162 -13.97 26.88 -24.02
CA ILE B 162 -13.57 25.48 -23.83
C ILE B 162 -13.20 25.26 -22.38
N ALA B 163 -14.00 24.47 -21.67
CA ALA B 163 -13.72 24.18 -20.27
C ALA B 163 -12.82 22.96 -20.18
N VAL B 164 -11.59 23.19 -19.75
CA VAL B 164 -10.61 22.13 -19.63
C VAL B 164 -10.63 21.57 -18.20
N ASN B 165 -11.52 22.07 -17.36
CA ASN B 165 -11.62 21.58 -15.98
C ASN B 165 -12.23 20.18 -15.95
N ASP B 166 -12.93 19.83 -17.02
CA ASP B 166 -13.53 18.51 -17.11
C ASP B 166 -12.98 17.68 -18.25
N SER B 167 -12.15 16.72 -17.87
CA SER B 167 -11.53 15.78 -18.79
C SER B 167 -10.91 14.82 -17.79
N LYS B 168 -10.95 13.51 -18.07
CA LYS B 168 -10.41 12.58 -17.10
C LYS B 168 -8.93 12.79 -16.84
N MET B 169 -8.24 13.43 -17.78
CA MET B 169 -6.83 13.69 -17.62
C MET B 169 -6.53 14.76 -16.60
N LYS B 170 -7.41 15.74 -16.47
CA LYS B 170 -7.23 16.79 -15.48
C LYS B 170 -7.56 16.20 -14.13
N TYR B 171 -8.76 15.65 -14.00
CA TYR B 171 -9.17 15.06 -12.75
C TYR B 171 -8.08 14.13 -12.22
N LEU B 172 -7.43 13.42 -13.12
CA LEU B 172 -6.38 12.48 -12.73
C LEU B 172 -5.15 13.19 -12.23
N PHE B 173 -4.50 13.93 -13.12
CA PHE B 173 -3.27 14.62 -12.76
C PHE B 173 -3.39 15.86 -11.91
N ASP B 174 -4.45 16.63 -12.09
CA ASP B 174 -4.59 17.81 -11.25
C ASP B 174 -5.18 17.39 -9.92
N ASN B 175 -6.47 17.04 -9.93
CA ASN B 175 -7.18 16.65 -8.74
C ASN B 175 -6.64 15.50 -7.90
N ARG B 176 -6.14 14.46 -8.54
CA ARG B 176 -5.68 13.32 -7.77
C ARG B 176 -4.22 13.31 -7.34
N TYR B 177 -3.33 12.96 -8.26
CA TYR B 177 -1.91 12.86 -7.99
C TYR B 177 -1.23 14.17 -7.69
N GLY B 178 -1.68 15.23 -8.33
CA GLY B 178 -1.06 16.52 -8.13
C GLY B 178 -1.36 17.10 -6.77
N THR B 179 -2.62 17.44 -6.56
CA THR B 179 -2.99 18.00 -5.29
C THR B 179 -2.67 17.00 -4.19
N GLY B 180 -2.63 15.72 -4.54
CA GLY B 180 -2.29 14.72 -3.55
C GLY B 180 -0.88 14.89 -3.04
N GLN B 181 0.09 14.91 -3.95
CA GLN B 181 1.48 15.08 -3.56
C GLN B 181 1.75 16.46 -2.99
N SER B 182 1.43 17.51 -3.76
CA SER B 182 1.64 18.90 -3.37
C SER B 182 1.02 19.33 -2.03
N THR B 183 -0.03 18.67 -1.63
CA THR B 183 -0.68 19.02 -0.40
C THR B 183 0.14 18.49 0.76
N TRP B 184 0.66 17.28 0.63
CA TRP B 184 1.45 16.77 1.75
C TRP B 184 2.79 17.40 1.82
N ASP B 185 3.31 17.83 0.68
CA ASP B 185 4.60 18.49 0.63
C ASP B 185 4.49 19.85 1.30
N ALA B 186 3.41 20.58 1.00
CA ALA B 186 3.23 21.88 1.59
C ALA B 186 3.17 21.70 3.11
N ILE B 187 2.40 20.71 3.55
CA ILE B 187 2.24 20.46 4.96
C ILE B 187 3.50 20.03 5.71
N MET B 188 4.38 19.25 5.09
CA MET B 188 5.55 18.85 5.85
C MET B 188 6.80 19.72 5.69
N ARG B 189 6.83 20.61 4.70
CA ARG B 189 7.99 21.50 4.52
C ARG B 189 7.79 22.70 5.46
N ASN B 190 6.53 22.96 5.80
CA ASN B 190 6.18 24.08 6.65
C ASN B 190 5.89 23.70 8.10
N THR B 191 6.06 22.42 8.45
CA THR B 191 5.80 22.03 9.83
C THR B 191 6.81 21.00 10.33
N ASN B 192 7.37 20.25 9.40
CA ASN B 192 8.34 19.21 9.74
C ASN B 192 7.82 18.26 10.83
N LEU B 193 6.50 18.06 10.87
CA LEU B 193 5.93 17.14 11.81
C LEU B 193 5.96 15.76 11.19
N LEU B 194 5.83 14.72 12.00
CA LEU B 194 5.83 13.36 11.49
C LEU B 194 4.42 13.05 10.98
N VAL B 195 4.29 12.25 9.92
CA VAL B 195 2.98 11.91 9.43
C VAL B 195 2.66 10.49 9.82
N ALA B 196 3.70 9.65 9.91
CA ALA B 196 3.48 8.25 10.26
C ALA B 196 2.94 8.13 11.65
N GLY B 197 1.99 7.22 11.84
CA GLY B 197 1.44 7.03 13.15
C GLY B 197 0.69 8.22 13.75
N LYS B 198 0.03 8.99 12.90
CA LYS B 198 -0.77 10.13 13.35
C LYS B 198 -2.11 10.03 12.66
N ASN B 199 -3.16 10.50 13.32
CA ASN B 199 -4.47 10.42 12.69
C ASN B 199 -4.70 11.59 11.78
N VAL B 200 -4.92 11.31 10.51
CA VAL B 200 -5.16 12.38 9.54
C VAL B 200 -6.63 12.34 9.19
N VAL B 201 -7.30 13.47 9.29
CA VAL B 201 -8.70 13.49 8.92
C VAL B 201 -8.86 14.24 7.60
N VAL B 202 -9.49 13.58 6.63
CA VAL B 202 -9.70 14.19 5.33
C VAL B 202 -11.22 14.44 5.14
N ALA B 203 -11.61 15.69 5.03
CA ALA B 203 -13.03 16.04 4.85
C ALA B 203 -13.38 16.06 3.37
N GLY B 204 -14.13 15.06 2.94
CA GLY B 204 -14.47 14.98 1.52
C GLY B 204 -13.67 13.84 0.91
N TYR B 205 -14.32 13.03 0.09
CA TYR B 205 -13.65 11.90 -0.53
C TYR B 205 -13.89 11.82 -2.04
N GLY B 206 -13.56 12.89 -2.74
CA GLY B 206 -13.74 12.90 -4.18
C GLY B 206 -12.39 12.67 -4.82
N TRP B 207 -12.12 13.32 -5.95
CA TRP B 207 -10.83 13.15 -6.59
C TRP B 207 -9.74 13.60 -5.66
N CYS B 208 -9.88 14.80 -5.10
CA CYS B 208 -8.88 15.37 -4.18
C CYS B 208 -8.85 14.64 -2.85
N GLY B 209 -10.02 14.31 -2.34
CA GLY B 209 -10.08 13.61 -1.07
C GLY B 209 -9.27 12.33 -1.14
N ARG B 210 -9.62 11.48 -2.12
CA ARG B 210 -8.95 10.19 -2.33
C ARG B 210 -7.44 10.34 -2.47
N GLY B 211 -7.03 11.26 -3.33
CA GLY B 211 -5.62 11.48 -3.53
C GLY B 211 -4.90 11.81 -2.24
N ILE B 212 -5.39 12.83 -1.54
CA ILE B 212 -4.81 13.27 -0.27
C ILE B 212 -4.81 12.09 0.70
N ALA B 213 -5.94 11.40 0.76
CA ALA B 213 -6.09 10.24 1.62
C ALA B 213 -5.03 9.20 1.28
N LEU B 214 -4.99 8.84 0.00
CA LEU B 214 -4.06 7.85 -0.48
C LEU B 214 -2.63 8.15 -0.09
N ARG B 215 -2.21 9.37 -0.41
CA ARG B 215 -0.86 9.79 -0.13
C ARG B 215 -0.58 9.78 1.38
N ALA B 216 -1.55 10.21 2.18
CA ALA B 216 -1.41 10.22 3.64
C ALA B 216 -1.16 8.80 4.15
N ALA B 217 -1.93 7.85 3.60
CA ALA B 217 -1.74 6.48 3.98
C ALA B 217 -0.33 6.13 3.49
N GLY B 218 0.08 6.76 2.39
CA GLY B 218 1.40 6.47 1.87
C GLY B 218 2.48 6.91 2.84
N LEU B 219 2.18 7.95 3.60
CA LEU B 219 3.17 8.46 4.56
C LEU B 219 3.16 7.79 5.93
N GLY B 220 2.21 6.88 6.15
CA GLY B 220 2.14 6.15 7.39
C GLY B 220 1.01 6.53 8.32
N ALA B 221 0.19 7.47 7.87
CA ALA B 221 -0.90 7.96 8.68
C ALA B 221 -2.08 7.00 8.80
N ARG B 222 -2.83 7.12 9.89
CA ARG B 222 -4.03 6.33 10.08
C ARG B 222 -5.05 7.32 9.53
N VAL B 223 -5.66 7.02 8.41
CA VAL B 223 -6.61 7.94 7.81
C VAL B 223 -8.06 7.77 8.24
N ILE B 224 -8.71 8.91 8.51
CA ILE B 224 -10.12 8.94 8.87
C ILE B 224 -10.76 9.85 7.82
N VAL B 225 -11.86 9.41 7.24
CA VAL B 225 -12.52 10.21 6.21
C VAL B 225 -13.89 10.68 6.65
N THR B 226 -14.20 11.94 6.39
CA THR B 226 -15.53 12.43 6.73
C THR B 226 -16.21 12.71 5.38
N GLU B 227 -17.46 12.33 5.26
CA GLU B 227 -18.16 12.53 4.01
C GLU B 227 -19.63 12.81 4.22
N VAL B 228 -20.25 13.39 3.21
CA VAL B 228 -21.66 13.70 3.26
C VAL B 228 -22.40 12.79 2.29
N ASP B 229 -21.71 12.37 1.23
CA ASP B 229 -22.29 11.48 0.22
C ASP B 229 -21.98 10.04 0.59
N PRO B 230 -22.98 9.29 1.10
CA PRO B 230 -22.79 7.89 1.50
C PRO B 230 -22.05 7.00 0.49
N VAL B 231 -22.29 7.20 -0.80
CA VAL B 231 -21.60 6.36 -1.78
C VAL B 231 -20.09 6.52 -1.66
N LYS B 232 -19.61 7.72 -1.39
CA LYS B 232 -18.17 7.94 -1.23
C LYS B 232 -17.74 7.37 0.13
N ALA B 233 -18.52 7.66 1.16
CA ALA B 233 -18.20 7.17 2.50
C ALA B 233 -18.06 5.65 2.50
N VAL B 234 -18.91 4.95 1.74
CA VAL B 234 -18.82 3.49 1.70
C VAL B 234 -17.57 3.03 0.96
N GLU B 235 -17.15 3.82 -0.02
CA GLU B 235 -15.95 3.48 -0.77
C GLU B 235 -14.71 3.65 0.11
N ALA B 236 -14.75 4.64 1.01
CA ALA B 236 -13.63 4.91 1.90
C ALA B 236 -13.42 3.75 2.86
N ILE B 237 -14.53 3.15 3.31
CA ILE B 237 -14.44 2.02 4.21
C ILE B 237 -13.75 0.90 3.44
N MET B 238 -14.30 0.61 2.26
CA MET B 238 -13.76 -0.44 1.39
C MET B 238 -12.29 -0.24 1.12
N ASP B 239 -11.85 1.01 1.08
CA ASP B 239 -10.44 1.28 0.84
C ASP B 239 -9.58 1.08 2.07
N GLY B 240 -10.20 0.57 3.13
CA GLY B 240 -9.48 0.31 4.37
C GLY B 240 -9.39 1.45 5.38
N PHE B 241 -10.18 2.51 5.18
CA PHE B 241 -10.16 3.64 6.11
C PHE B 241 -11.36 3.60 7.05
N THR B 242 -11.34 4.48 8.05
CA THR B 242 -12.43 4.58 9.02
C THR B 242 -13.22 5.81 8.68
N VAL B 243 -14.53 5.72 8.79
CA VAL B 243 -15.36 6.88 8.49
C VAL B 243 -16.20 7.27 9.69
N MET B 244 -16.21 8.56 10.02
CA MET B 244 -17.00 9.04 11.12
C MET B 244 -17.41 10.47 10.90
N PRO B 245 -18.28 10.99 11.77
CA PRO B 245 -18.70 12.38 11.59
C PRO B 245 -17.55 13.30 11.97
N MET B 246 -17.49 14.46 11.34
CA MET B 246 -16.45 15.42 11.62
C MET B 246 -16.42 15.72 13.11
N LYS B 247 -17.61 15.79 13.71
CA LYS B 247 -17.77 16.07 15.13
C LYS B 247 -17.00 15.09 16.01
N GLU B 248 -16.94 13.84 15.56
CA GLU B 248 -16.29 12.76 16.28
C GLU B 248 -14.82 12.57 15.89
N ALA B 249 -14.51 12.83 14.63
CA ALA B 249 -13.15 12.66 14.15
C ALA B 249 -12.24 13.75 14.70
N VAL B 250 -12.78 14.96 14.73
CA VAL B 250 -12.03 16.13 15.18
C VAL B 250 -11.37 15.96 16.56
N LYS B 251 -11.98 15.11 17.38
CA LYS B 251 -11.46 14.86 18.73
C LYS B 251 -10.17 14.06 18.75
N ILE B 252 -9.80 13.44 17.64
CA ILE B 252 -8.60 12.61 17.61
C ILE B 252 -7.60 12.95 16.51
N ALA B 253 -7.97 13.87 15.62
CA ALA B 253 -7.12 14.26 14.51
C ALA B 253 -5.83 14.96 14.89
N ASP B 254 -4.78 14.71 14.12
CA ASP B 254 -3.49 15.35 14.34
C ASP B 254 -3.40 16.38 13.22
N PHE B 255 -4.04 16.09 12.10
CA PHE B 255 -4.09 17.00 10.96
C PHE B 255 -5.52 16.88 10.51
N VAL B 256 -6.05 17.94 9.95
CA VAL B 256 -7.39 17.91 9.40
C VAL B 256 -7.22 18.62 8.07
N ILE B 257 -7.75 18.02 7.02
CA ILE B 257 -7.61 18.58 5.70
C ILE B 257 -8.94 18.63 5.01
N THR B 258 -9.39 19.81 4.65
CA THR B 258 -10.65 19.92 3.97
C THR B 258 -10.39 19.77 2.48
N ALA B 259 -11.22 18.99 1.81
CA ALA B 259 -11.08 18.76 0.39
C ALA B 259 -12.47 18.65 -0.21
N SER B 260 -13.42 19.31 0.43
CA SER B 260 -14.81 19.31 -0.02
C SER B 260 -15.05 20.65 -0.64
N GLY B 261 -15.89 20.72 -1.66
CA GLY B 261 -16.11 22.03 -2.25
C GLY B 261 -17.12 22.81 -1.42
N ASN B 262 -17.03 22.72 -0.10
CA ASN B 262 -17.98 23.37 0.79
C ASN B 262 -17.47 24.48 1.72
N THR B 263 -18.26 24.80 2.74
CA THR B 263 -17.92 25.83 3.72
C THR B 263 -18.23 25.36 5.13
N ASP B 264 -17.50 25.93 6.08
CA ASP B 264 -17.67 25.61 7.49
C ASP B 264 -17.70 24.12 7.68
N VAL B 265 -16.68 23.44 7.19
CA VAL B 265 -16.62 22.00 7.34
C VAL B 265 -16.39 21.73 8.82
N LEU B 266 -16.02 22.78 9.55
CA LEU B 266 -15.78 22.74 11.00
C LEU B 266 -16.57 23.82 11.73
N SER B 267 -17.31 23.44 12.76
CA SER B 267 -18.11 24.40 13.52
C SER B 267 -17.34 24.84 14.76
N LYS B 268 -17.84 25.88 15.42
CA LYS B 268 -17.19 26.38 16.64
C LYS B 268 -17.02 25.16 17.53
N GLU B 269 -18.05 24.32 17.53
CA GLU B 269 -18.08 23.09 18.30
C GLU B 269 -16.85 22.23 18.09
N ASP B 270 -16.71 21.76 16.85
CA ASP B 270 -15.62 20.90 16.43
C ASP B 270 -14.27 21.51 16.77
N ILE B 271 -14.09 22.77 16.42
CA ILE B 271 -12.83 23.45 16.70
C ILE B 271 -12.46 23.41 18.18
N LEU B 272 -13.46 23.42 19.04
CA LEU B 272 -13.22 23.36 20.47
C LEU B 272 -13.01 21.94 20.97
N SER B 273 -13.23 20.97 20.08
CA SER B 273 -13.03 19.56 20.40
C SER B 273 -11.62 19.20 19.96
N LEU B 274 -11.13 19.91 18.94
CA LEU B 274 -9.78 19.70 18.40
C LEU B 274 -8.78 19.60 19.52
N LYS B 275 -7.90 18.60 19.45
CA LYS B 275 -6.91 18.44 20.50
C LYS B 275 -5.83 19.47 20.30
N ASP B 276 -5.02 19.68 21.34
CA ASP B 276 -3.95 20.68 21.28
C ASP B 276 -2.87 20.32 20.25
N GLY B 277 -2.51 21.26 19.38
CA GLY B 277 -1.51 21.01 18.37
C GLY B 277 -2.06 20.51 17.05
N ALA B 278 -3.38 20.54 16.92
CA ALA B 278 -4.03 20.08 15.70
C ALA B 278 -3.75 21.06 14.59
N VAL B 279 -3.15 20.56 13.51
CA VAL B 279 -2.83 21.39 12.36
C VAL B 279 -3.93 21.27 11.33
N LEU B 280 -4.46 22.39 10.87
CA LEU B 280 -5.54 22.35 9.90
C LEU B 280 -5.11 22.92 8.58
N ALA B 281 -5.53 22.31 7.48
CA ALA B 281 -5.19 22.79 6.16
C ALA B 281 -6.35 22.66 5.21
N ASN B 282 -6.43 23.55 4.26
CA ASN B 282 -7.50 23.49 3.29
C ASN B 282 -6.87 23.24 1.94
N ALA B 283 -7.36 22.22 1.24
CA ALA B 283 -6.83 21.86 -0.06
C ALA B 283 -7.93 21.94 -1.08
N GLY B 284 -9.00 22.64 -0.72
CA GLY B 284 -10.15 22.75 -1.59
C GLY B 284 -10.49 24.11 -2.15
N HIS B 285 -11.74 24.53 -1.98
CA HIS B 285 -12.19 25.81 -2.50
C HIS B 285 -11.45 27.01 -1.91
N PHE B 286 -12.18 28.11 -1.77
CA PHE B 286 -11.74 29.40 -1.24
C PHE B 286 -11.08 29.20 0.14
N ASN B 287 -11.23 30.17 1.02
CA ASN B 287 -10.68 30.07 2.36
C ASN B 287 -11.83 29.94 3.35
N VAL B 288 -12.87 29.24 2.94
CA VAL B 288 -14.05 29.09 3.77
C VAL B 288 -14.34 27.68 4.26
N GLU B 289 -13.58 26.71 3.78
CA GLU B 289 -13.78 25.33 4.21
C GLU B 289 -13.50 25.28 5.69
N ILE B 290 -12.34 25.77 6.10
CA ILE B 290 -12.00 25.83 7.51
C ILE B 290 -12.42 27.25 7.90
N PRO B 291 -13.35 27.40 8.85
CA PRO B 291 -13.85 28.71 9.30
C PRO B 291 -12.81 29.65 9.90
N VAL B 292 -12.00 30.27 9.04
CA VAL B 292 -10.96 31.17 9.50
C VAL B 292 -11.54 32.31 10.37
N ARG B 293 -12.65 32.88 9.92
CA ARG B 293 -13.28 33.97 10.67
C ARG B 293 -13.65 33.49 12.07
N VAL B 294 -14.25 32.30 12.13
CA VAL B 294 -14.65 31.73 13.40
C VAL B 294 -13.44 31.52 14.30
N LEU B 295 -12.30 31.14 13.71
CA LEU B 295 -11.07 30.95 14.49
C LEU B 295 -10.62 32.28 15.05
N GLU B 296 -10.53 33.29 14.18
CA GLU B 296 -10.10 34.63 14.60
C GLU B 296 -10.91 35.18 15.80
N GLU B 297 -12.25 35.09 15.73
CA GLU B 297 -13.10 35.58 16.82
C GLU B 297 -12.88 34.77 18.09
N ILE B 298 -13.22 33.50 18.02
CA ILE B 298 -13.08 32.57 19.14
C ILE B 298 -11.71 32.53 19.81
N ALA B 299 -10.68 33.00 19.12
CA ALA B 299 -9.33 32.96 19.67
C ALA B 299 -9.03 33.92 20.82
N VAL B 300 -8.34 33.38 21.82
CA VAL B 300 -7.91 34.11 23.01
C VAL B 300 -6.58 34.77 22.67
N GLU B 301 -5.81 34.12 21.82
CA GLU B 301 -4.53 34.64 21.37
C GLU B 301 -4.45 34.25 19.91
N LYS B 302 -3.53 34.84 19.18
CA LYS B 302 -3.37 34.54 17.77
C LYS B 302 -1.94 34.95 17.49
N PHE B 303 -1.16 34.08 16.87
CA PHE B 303 0.23 34.43 16.62
C PHE B 303 0.84 33.68 15.45
N GLU B 304 1.93 34.20 14.91
CA GLU B 304 2.59 33.52 13.80
C GLU B 304 3.62 32.64 14.44
N ALA B 305 3.54 31.33 14.17
CA ALA B 305 4.46 30.36 14.74
C ALA B 305 5.60 30.01 13.80
N ARG B 306 5.25 29.79 12.55
CA ARG B 306 6.19 29.44 11.48
C ARG B 306 5.77 30.24 10.26
N PRO B 307 6.70 30.44 9.30
CA PRO B 307 6.40 31.20 8.09
C PRO B 307 5.01 31.02 7.46
N ASN B 308 4.41 29.84 7.57
CA ASN B 308 3.09 29.69 7.01
C ASN B 308 2.09 29.13 7.99
N VAL B 309 2.49 29.07 9.27
CA VAL B 309 1.61 28.55 10.29
C VAL B 309 1.18 29.63 11.27
N THR B 310 -0.12 29.83 11.39
CA THR B 310 -0.67 30.81 12.31
C THR B 310 -1.37 30.00 13.40
N GLY B 311 -1.01 30.25 14.66
CA GLY B 311 -1.60 29.52 15.77
C GLY B 311 -2.64 30.31 16.55
N TYR B 312 -3.69 29.62 16.97
CA TYR B 312 -4.79 30.20 17.72
C TYR B 312 -4.97 29.44 19.04
N THR B 313 -4.86 30.16 20.15
CA THR B 313 -5.05 29.54 21.46
C THR B 313 -6.51 29.85 21.80
N LEU B 314 -7.24 28.81 22.18
CA LEU B 314 -8.67 28.90 22.51
C LEU B 314 -8.95 28.99 24.02
N GLU B 315 -10.21 29.26 24.38
CA GLU B 315 -10.57 29.36 25.79
C GLU B 315 -10.15 28.12 26.56
N ASN B 316 -10.29 26.96 25.91
CA ASN B 316 -9.94 25.68 26.53
C ASN B 316 -8.44 25.54 26.75
N GLY B 317 -7.70 26.60 26.49
CA GLY B 317 -6.26 26.55 26.70
C GLY B 317 -5.54 25.75 25.63
N LYS B 318 -6.30 25.10 24.75
CA LYS B 318 -5.71 24.32 23.67
C LYS B 318 -5.44 25.28 22.49
N THR B 319 -4.31 25.13 21.84
CA THR B 319 -3.98 25.97 20.70
C THR B 319 -3.86 25.15 19.40
N VAL B 320 -4.57 25.63 18.39
CA VAL B 320 -4.63 25.01 17.08
C VAL B 320 -3.87 25.81 16.04
N PHE B 321 -3.32 25.15 15.04
CA PHE B 321 -2.56 25.85 14.00
C PHE B 321 -3.25 25.77 12.65
N LEU B 322 -3.11 26.84 11.88
CA LEU B 322 -3.70 26.90 10.56
C LEU B 322 -2.66 27.25 9.49
N LEU B 323 -2.55 26.36 8.51
CA LEU B 323 -1.61 26.54 7.41
C LEU B 323 -2.20 27.49 6.36
N ALA B 324 -1.32 28.26 5.73
CA ALA B 324 -1.69 29.19 4.68
C ALA B 324 -2.95 29.98 4.94
N GLU B 325 -3.19 30.34 6.20
CA GLU B 325 -4.37 31.13 6.53
C GLU B 325 -5.67 30.55 5.97
N GLY B 326 -5.78 29.22 5.93
CA GLY B 326 -7.01 28.62 5.45
C GLY B 326 -7.20 28.66 3.95
N ARG B 327 -6.20 29.16 3.24
CA ARG B 327 -6.27 29.21 1.78
C ARG B 327 -5.72 27.90 1.24
N LEU B 328 -5.92 27.68 -0.06
CA LEU B 328 -5.45 26.48 -0.76
C LEU B 328 -4.00 26.23 -0.31
N VAL B 329 -3.81 25.30 0.63
CA VAL B 329 -2.49 25.03 1.19
C VAL B 329 -1.32 24.69 0.27
N ASN B 330 -1.52 23.89 -0.76
CA ASN B 330 -0.40 23.53 -1.63
C ASN B 330 0.07 24.69 -2.53
N LEU B 331 -0.84 25.59 -2.83
CA LEU B 331 -0.53 26.73 -3.69
C LEU B 331 0.10 27.90 -2.93
N ALA B 332 -0.53 28.30 -1.83
CA ALA B 332 -0.07 29.41 -1.03
C ALA B 332 0.95 29.05 0.05
N ALA B 333 1.43 27.83 0.05
CA ALA B 333 2.41 27.40 1.06
C ALA B 333 3.39 26.42 0.46
N GLY B 334 3.04 25.88 -0.71
CA GLY B 334 3.91 24.93 -1.39
C GLY B 334 4.36 25.51 -2.71
N ASP B 335 4.47 24.66 -3.73
CA ASP B 335 4.88 25.15 -5.04
C ASP B 335 3.75 24.99 -6.04
N GLY B 336 2.53 24.84 -5.52
CA GLY B 336 1.41 24.61 -6.40
C GLY B 336 1.57 23.14 -6.70
N HIS B 337 1.26 22.70 -7.91
CA HIS B 337 1.39 21.29 -8.26
C HIS B 337 2.78 20.99 -8.77
N PRO B 338 3.16 19.70 -8.79
CA PRO B 338 4.46 19.23 -9.27
C PRO B 338 4.73 19.70 -10.69
N VAL B 339 5.97 20.00 -11.01
CA VAL B 339 6.27 20.49 -12.35
C VAL B 339 5.65 19.74 -13.51
N GLU B 340 5.80 18.42 -13.61
CA GLU B 340 5.18 17.72 -14.74
C GLU B 340 3.67 17.65 -14.63
N ILE B 341 3.13 17.74 -13.43
CA ILE B 341 1.67 17.70 -13.27
C ILE B 341 1.12 18.91 -13.99
N MET B 342 1.82 20.03 -13.80
CA MET B 342 1.45 21.30 -14.38
C MET B 342 1.71 21.29 -15.87
N ASP B 343 2.78 20.62 -16.26
CA ASP B 343 3.13 20.53 -17.67
C ASP B 343 1.96 19.94 -18.43
N LEU B 344 1.31 18.95 -17.83
CA LEU B 344 0.17 18.32 -18.48
C LEU B 344 -1.08 19.19 -18.42
N SER B 345 -1.31 19.86 -17.29
CA SER B 345 -2.45 20.75 -17.12
C SER B 345 -2.33 21.93 -18.09
N PHE B 346 -1.09 22.23 -18.49
CA PHE B 346 -0.88 23.32 -19.44
C PHE B 346 -1.04 22.75 -20.84
N ALA B 347 -0.33 21.68 -21.15
CA ALA B 347 -0.41 21.07 -22.47
C ALA B 347 -1.88 20.98 -22.91
N LEU B 348 -2.75 20.62 -21.98
CA LEU B 348 -4.17 20.53 -22.29
C LEU B 348 -4.69 21.91 -22.72
N GLN B 349 -4.30 22.95 -21.99
CA GLN B 349 -4.75 24.28 -22.34
C GLN B 349 -4.17 24.81 -23.65
N ILE B 350 -2.91 24.49 -23.92
CA ILE B 350 -2.29 24.94 -25.17
C ILE B 350 -3.04 24.33 -26.36
N PHE B 351 -3.57 23.12 -26.21
CA PHE B 351 -4.30 22.47 -27.28
C PHE B 351 -5.73 22.99 -27.33
N ALA B 352 -6.24 23.40 -26.18
CA ALA B 352 -7.59 23.97 -26.12
C ALA B 352 -7.56 25.24 -26.97
N VAL B 353 -6.45 25.97 -26.91
CA VAL B 353 -6.28 27.20 -27.69
C VAL B 353 -6.10 26.85 -29.15
N LEU B 354 -5.19 25.93 -29.44
CA LEU B 354 -4.95 25.52 -30.83
C LEU B 354 -6.19 24.86 -31.45
N TYR B 355 -7.17 24.53 -30.62
CA TYR B 355 -8.41 23.94 -31.10
C TYR B 355 -9.32 25.11 -31.47
N LEU B 356 -9.38 26.10 -30.58
CA LEU B 356 -10.19 27.30 -30.79
C LEU B 356 -9.75 27.96 -32.09
N LEU B 357 -8.45 27.95 -32.34
CA LEU B 357 -7.89 28.53 -33.55
C LEU B 357 -8.36 27.76 -34.79
N GLU B 358 -8.24 26.44 -34.77
CA GLU B 358 -8.65 25.59 -35.88
C GLU B 358 -10.16 25.68 -36.06
N ASN B 359 -10.90 24.90 -35.27
CA ASN B 359 -12.36 24.88 -35.34
C ASN B 359 -12.90 26.20 -34.81
N HIS B 360 -12.26 27.29 -35.21
CA HIS B 360 -12.59 28.64 -34.80
C HIS B 360 -14.05 29.03 -34.99
N ARG B 361 -14.40 29.33 -36.24
CA ARG B 361 -15.74 29.75 -36.63
C ARG B 361 -16.77 28.64 -36.46
N LYS B 362 -16.46 27.45 -36.98
CA LYS B 362 -17.34 26.30 -36.87
C LYS B 362 -18.09 26.27 -35.53
N MET B 363 -17.48 26.84 -34.48
CA MET B 363 -18.06 26.85 -33.14
C MET B 363 -18.97 28.05 -32.87
N SER B 364 -20.03 27.80 -32.09
CA SER B 364 -21.00 28.81 -31.73
C SER B 364 -20.91 29.20 -30.25
N PRO B 365 -21.09 30.49 -29.94
CA PRO B 365 -21.04 31.07 -28.60
C PRO B 365 -21.65 30.19 -27.51
N LYS B 366 -20.99 29.07 -27.25
CA LYS B 366 -21.43 28.11 -26.25
C LYS B 366 -20.18 27.57 -25.54
N VAL B 367 -20.34 27.16 -24.28
CA VAL B 367 -19.22 26.63 -23.53
C VAL B 367 -19.10 25.12 -23.79
N TYR B 368 -18.00 24.72 -24.40
CA TYR B 368 -17.74 23.32 -24.73
C TYR B 368 -16.79 22.61 -23.77
N MET B 369 -17.05 21.33 -23.53
CA MET B 369 -16.17 20.56 -22.65
C MET B 369 -15.01 20.12 -23.53
N LEU B 370 -13.81 20.13 -22.98
CA LEU B 370 -12.62 19.73 -23.73
C LEU B 370 -12.96 18.53 -24.60
N PRO B 371 -12.54 18.55 -25.86
CA PRO B 371 -12.80 17.44 -26.77
C PRO B 371 -12.00 16.21 -26.40
N ASP B 372 -12.69 15.11 -26.18
CA ASP B 372 -12.08 13.84 -25.79
C ASP B 372 -10.86 13.48 -26.66
N GLU B 373 -10.77 14.04 -27.85
CA GLU B 373 -9.63 13.74 -28.73
C GLU B 373 -8.33 14.34 -28.18
N ILE B 374 -8.43 15.35 -27.32
CA ILE B 374 -7.25 15.98 -26.72
C ILE B 374 -6.68 15.11 -25.60
N ASP B 375 -7.56 14.60 -24.75
CA ASP B 375 -7.14 13.73 -23.66
C ASP B 375 -6.31 12.60 -24.28
N GLU B 376 -6.90 11.89 -25.23
CA GLU B 376 -6.25 10.79 -25.91
C GLU B 376 -4.87 11.20 -26.41
N ARG B 377 -4.78 12.42 -26.93
CA ARG B 377 -3.53 12.92 -27.47
C ARG B 377 -2.46 13.13 -26.41
N VAL B 378 -2.82 13.88 -25.37
CA VAL B 378 -1.92 14.17 -24.27
C VAL B 378 -1.44 12.90 -23.60
N ALA B 379 -2.32 11.94 -23.42
CA ALA B 379 -1.95 10.68 -22.82
C ALA B 379 -0.90 9.99 -23.70
N ARG B 380 -1.19 9.90 -24.99
CA ARG B 380 -0.25 9.27 -25.93
C ARG B 380 1.12 9.98 -25.86
N MET B 381 1.10 11.31 -25.76
CA MET B 381 2.31 12.13 -25.70
C MET B 381 3.10 11.92 -24.41
N LYS B 382 2.36 11.74 -23.32
CA LYS B 382 2.95 11.53 -22.01
C LYS B 382 3.60 10.14 -21.99
N LEU B 383 2.84 9.13 -22.45
CA LEU B 383 3.35 7.75 -22.52
C LEU B 383 4.61 7.75 -23.34
N ASP B 384 4.59 8.49 -24.44
CA ASP B 384 5.73 8.53 -25.33
C ASP B 384 6.99 9.11 -24.67
N SER B 385 6.82 10.19 -23.92
CA SER B 385 7.98 10.81 -23.28
C SER B 385 8.44 9.94 -22.12
N LEU B 386 7.53 9.11 -21.61
CA LEU B 386 7.83 8.21 -20.51
C LEU B 386 8.51 6.95 -20.97
N GLY B 387 8.54 6.75 -22.28
CA GLY B 387 9.15 5.55 -22.84
C GLY B 387 8.26 4.33 -22.68
N VAL B 388 6.95 4.55 -22.71
CA VAL B 388 6.02 3.45 -22.57
C VAL B 388 5.27 3.24 -23.86
N LYS B 389 5.12 1.98 -24.23
CA LYS B 389 4.41 1.63 -25.43
C LYS B 389 3.33 0.63 -25.06
N ILE B 390 2.09 0.93 -25.42
CA ILE B 390 0.97 0.04 -25.13
C ILE B 390 0.52 -0.68 -26.38
N ASP B 391 -0.29 -1.72 -26.19
CA ASP B 391 -0.81 -2.50 -27.31
C ASP B 391 -1.76 -1.70 -28.20
N GLU B 392 -1.76 -2.04 -29.48
CA GLU B 392 -2.63 -1.38 -30.43
C GLU B 392 -3.74 -2.38 -30.75
N LEU B 393 -4.96 -1.89 -30.84
CA LEU B 393 -6.11 -2.74 -31.12
C LEU B 393 -6.04 -3.27 -32.55
N THR B 394 -6.21 -4.59 -32.71
CA THR B 394 -6.17 -5.23 -34.04
C THR B 394 -7.57 -5.20 -34.64
N GLU B 395 -7.70 -5.73 -35.86
CA GLU B 395 -8.99 -5.74 -36.54
C GLU B 395 -9.97 -6.77 -35.99
N LYS B 396 -9.46 -7.95 -35.64
CA LYS B 396 -10.30 -9.00 -35.08
C LYS B 396 -11.02 -8.43 -33.87
N GLN B 397 -10.26 -7.73 -33.04
CA GLN B 397 -10.78 -7.14 -31.82
C GLN B 397 -11.61 -5.90 -32.06
N ARG B 398 -11.10 -5.00 -32.90
CA ARG B 398 -11.83 -3.76 -33.20
C ARG B 398 -13.20 -4.15 -33.72
N ARG B 399 -13.24 -5.23 -34.50
CA ARG B 399 -14.49 -5.74 -35.06
C ARG B 399 -15.31 -6.32 -33.93
N TYR B 400 -14.69 -7.21 -33.16
CA TYR B 400 -15.35 -7.85 -32.04
C TYR B 400 -16.11 -6.87 -31.14
N LEU B 401 -15.41 -5.84 -30.69
CA LEU B 401 -16.00 -4.82 -29.81
C LEU B 401 -17.26 -4.16 -30.39
N ARG B 402 -17.23 -3.79 -31.66
CA ARG B 402 -18.37 -3.15 -32.32
C ARG B 402 -19.71 -3.77 -31.90
N ALA C 2 -1.94 -43.10 -6.32
CA ALA C 2 -0.75 -43.43 -7.16
C ALA C 2 -0.76 -42.65 -8.46
N ASN C 3 -1.94 -42.52 -9.09
CA ASN C 3 -2.08 -41.79 -10.36
C ASN C 3 -2.64 -40.39 -10.08
N THR C 4 -3.14 -40.20 -8.87
CA THR C 4 -3.68 -38.92 -8.43
C THR C 4 -2.57 -38.31 -7.60
N GLY C 5 -2.06 -39.10 -6.67
CA GLY C 5 -0.97 -38.64 -5.81
C GLY C 5 0.23 -38.37 -6.68
N GLU C 6 0.20 -38.90 -7.90
CA GLU C 6 1.30 -38.69 -8.84
C GLU C 6 1.19 -37.27 -9.35
N MET C 7 -0.02 -36.83 -9.65
CA MET C 7 -0.25 -35.49 -10.15
C MET C 7 -0.11 -34.44 -9.06
N LYS C 8 -0.62 -34.74 -7.87
CA LYS C 8 -0.52 -33.81 -6.75
C LYS C 8 0.96 -33.51 -6.52
N ILE C 9 1.82 -34.40 -6.99
CA ILE C 9 3.25 -34.21 -6.84
C ILE C 9 3.86 -33.59 -8.09
N ASN C 10 3.24 -33.84 -9.24
CA ASN C 10 3.73 -33.27 -10.50
C ASN C 10 3.48 -31.79 -10.44
N TRP C 11 2.34 -31.41 -9.86
CA TRP C 11 2.00 -30.01 -9.71
C TRP C 11 3.06 -29.34 -8.87
N VAL C 12 3.20 -29.81 -7.64
CA VAL C 12 4.17 -29.27 -6.72
C VAL C 12 5.56 -29.22 -7.33
N SER C 13 5.92 -30.30 -8.01
CA SER C 13 7.24 -30.45 -8.63
C SER C 13 7.66 -29.33 -9.57
N ARG C 14 6.73 -28.81 -10.37
CA ARG C 14 7.09 -27.74 -11.28
C ARG C 14 7.20 -26.36 -10.64
N TYR C 15 6.99 -26.29 -9.32
CA TYR C 15 7.08 -25.03 -8.61
C TYR C 15 7.95 -25.10 -7.38
N MET C 16 8.99 -25.94 -7.46
CA MET C 16 9.95 -26.08 -6.37
C MET C 16 11.28 -25.85 -7.05
N PRO C 17 11.49 -24.63 -7.55
CA PRO C 17 12.70 -24.20 -8.25
C PRO C 17 13.98 -24.60 -7.56
N LEU C 18 14.08 -24.30 -6.27
CA LEU C 18 15.27 -24.59 -5.52
C LEU C 18 15.58 -26.06 -5.43
N LEU C 19 14.61 -26.85 -4.98
CA LEU C 19 14.82 -28.30 -4.89
C LEU C 19 15.19 -28.95 -6.24
N ASN C 20 14.75 -28.37 -7.33
CA ASN C 20 15.07 -28.93 -8.63
C ASN C 20 16.51 -28.60 -8.92
N LYS C 21 16.96 -27.44 -8.42
CA LYS C 21 18.34 -27.01 -8.61
C LYS C 21 19.26 -27.88 -7.77
N ILE C 22 18.78 -28.23 -6.58
CA ILE C 22 19.55 -29.07 -5.70
C ILE C 22 19.58 -30.47 -6.29
N ALA C 23 18.60 -30.78 -7.13
CA ALA C 23 18.47 -32.10 -7.76
C ALA C 23 19.13 -32.24 -9.11
N GLU C 24 19.97 -31.28 -9.47
CA GLU C 24 20.68 -31.33 -10.74
C GLU C 24 22.06 -30.72 -10.56
N GLU C 25 22.51 -30.73 -9.31
CA GLU C 25 23.82 -30.21 -8.95
C GLU C 25 24.31 -31.16 -7.87
N TYR C 26 23.59 -32.26 -7.70
CA TYR C 26 23.92 -33.25 -6.69
C TYR C 26 23.30 -34.57 -7.07
N SER C 27 22.43 -34.53 -8.06
CA SER C 27 21.74 -35.73 -8.53
C SER C 27 22.73 -36.77 -9.05
N ARG C 28 23.69 -36.30 -9.84
CA ARG C 28 24.71 -37.16 -10.40
C ARG C 28 25.71 -37.64 -9.34
N GLU C 29 26.21 -36.70 -8.55
CA GLU C 29 27.17 -36.99 -7.50
C GLU C 29 26.60 -37.85 -6.36
N LYS C 30 25.28 -37.98 -6.29
CA LYS C 30 24.60 -38.76 -5.24
C LYS C 30 25.34 -38.86 -3.90
N PRO C 31 25.55 -37.72 -3.21
CA PRO C 31 26.24 -37.62 -1.92
C PRO C 31 25.59 -38.26 -0.72
N LEU C 32 24.37 -38.76 -0.89
CA LEU C 32 23.66 -39.39 0.21
C LEU C 32 23.43 -40.87 -0.01
N SER C 33 24.34 -41.52 -0.72
CA SER C 33 24.22 -42.95 -1.00
C SER C 33 24.59 -43.78 0.23
N GLY C 34 23.85 -44.86 0.44
CA GLY C 34 24.12 -45.70 1.59
C GLY C 34 23.47 -45.11 2.83
N PHE C 35 23.47 -43.79 2.89
CA PHE C 35 22.86 -43.05 4.00
C PHE C 35 21.35 -43.11 3.91
N THR C 36 20.70 -43.28 5.04
CA THR C 36 19.25 -43.35 5.05
C THR C 36 18.74 -42.22 5.94
N VAL C 37 17.77 -41.48 5.43
CA VAL C 37 17.20 -40.37 6.16
C VAL C 37 15.83 -40.74 6.69
N GLY C 38 15.64 -40.53 7.99
CA GLY C 38 14.36 -40.82 8.60
C GLY C 38 13.73 -39.47 8.88
N MET C 39 12.41 -39.41 8.83
CA MET C 39 11.75 -38.14 9.07
C MET C 39 10.27 -38.24 9.45
N SER C 40 9.85 -37.34 10.33
CA SER C 40 8.48 -37.25 10.77
C SER C 40 8.00 -35.91 10.30
N ILE C 41 7.03 -35.90 9.38
CA ILE C 41 6.53 -34.64 8.87
C ILE C 41 5.16 -34.73 8.24
N HIS C 42 4.40 -33.63 8.31
CA HIS C 42 3.07 -33.61 7.72
C HIS C 42 3.21 -34.16 6.30
N LEU C 43 2.55 -35.27 6.04
CA LEU C 43 2.64 -35.90 4.74
C LEU C 43 1.61 -35.41 3.72
N GLU C 44 2.14 -34.82 2.64
CA GLU C 44 1.32 -34.33 1.54
C GLU C 44 2.23 -33.99 0.38
N ALA C 45 1.63 -33.74 -0.78
CA ALA C 45 2.39 -33.45 -2.00
C ALA C 45 3.70 -32.69 -1.85
N LYS C 46 3.71 -31.62 -1.06
CA LYS C 46 4.93 -30.83 -0.90
C LYS C 46 6.03 -31.53 -0.12
N THR C 47 5.76 -31.92 1.12
CA THR C 47 6.77 -32.58 1.93
C THR C 47 7.24 -33.84 1.21
N ALA C 48 6.37 -34.41 0.38
CA ALA C 48 6.72 -35.60 -0.38
C ALA C 48 7.80 -35.30 -1.40
N TYR C 49 7.78 -34.11 -2.00
CA TYR C 49 8.77 -33.75 -3.00
C TYR C 49 10.11 -33.53 -2.31
N LEU C 50 10.06 -33.28 -1.00
CA LEU C 50 11.28 -33.10 -0.21
C LEU C 50 11.92 -34.46 -0.14
N ALA C 51 11.10 -35.43 0.25
CA ALA C 51 11.54 -36.82 0.37
C ALA C 51 12.04 -37.30 -1.00
N ILE C 52 11.30 -36.99 -2.05
CA ILE C 52 11.70 -37.41 -3.38
C ILE C 52 13.05 -36.84 -3.82
N THR C 53 13.31 -35.56 -3.55
CA THR C 53 14.59 -35.01 -3.96
C THR C 53 15.72 -35.52 -3.08
N LEU C 54 15.41 -35.89 -1.83
CA LEU C 54 16.42 -36.44 -0.92
C LEU C 54 16.84 -37.78 -1.51
N SER C 55 15.84 -38.53 -1.97
CA SER C 55 16.06 -39.83 -2.60
C SER C 55 16.84 -39.64 -3.91
N LYS C 56 16.54 -38.57 -4.63
CA LYS C 56 17.25 -38.27 -5.88
C LYS C 56 18.74 -38.14 -5.56
N LEU C 57 19.05 -37.64 -4.37
CA LEU C 57 20.42 -37.47 -3.95
C LEU C 57 21.02 -38.80 -3.51
N GLY C 58 20.25 -39.87 -3.65
CA GLY C 58 20.73 -41.20 -3.28
C GLY C 58 20.47 -41.71 -1.88
N ALA C 59 19.60 -41.03 -1.15
CA ALA C 59 19.30 -41.45 0.21
C ALA C 59 18.11 -42.42 0.29
N LYS C 60 18.08 -43.20 1.37
CA LYS C 60 16.98 -44.13 1.60
C LYS C 60 16.10 -43.32 2.54
N VAL C 61 14.94 -42.90 2.04
CA VAL C 61 14.06 -42.10 2.87
C VAL C 61 13.02 -42.96 3.57
N VAL C 62 12.89 -42.75 4.87
CA VAL C 62 11.90 -43.46 5.70
C VAL C 62 11.06 -42.39 6.39
N ILE C 63 9.82 -42.24 5.94
CA ILE C 63 8.90 -41.22 6.45
C ILE C 63 7.82 -41.76 7.36
N THR C 64 7.32 -40.89 8.24
CA THR C 64 6.23 -41.21 9.15
C THR C 64 5.19 -40.12 8.92
N GLY C 65 3.92 -40.48 9.05
CA GLY C 65 2.87 -39.50 8.85
C GLY C 65 2.57 -38.68 10.10
N SER C 66 3.31 -37.60 10.29
CA SER C 66 3.09 -36.74 11.45
C SER C 66 1.61 -36.46 11.60
N ASN C 67 0.92 -36.35 10.48
CA ASN C 67 -0.51 -36.08 10.40
C ASN C 67 -1.23 -37.41 10.19
N PRO C 68 -1.80 -37.99 11.24
CA PRO C 68 -2.49 -39.26 11.06
C PRO C 68 -3.80 -39.03 10.30
N LEU C 69 -4.54 -38.03 10.76
CA LEU C 69 -5.82 -37.67 10.18
C LEU C 69 -5.73 -37.14 8.74
N SER C 70 -4.71 -36.32 8.48
CA SER C 70 -4.52 -35.71 7.16
C SER C 70 -3.73 -36.53 6.14
N THR C 71 -3.38 -37.77 6.50
CA THR C 71 -2.62 -38.63 5.57
C THR C 71 -3.36 -38.79 4.25
N GLN C 72 -2.74 -38.30 3.16
CA GLN C 72 -3.34 -38.41 1.83
C GLN C 72 -2.91 -39.73 1.17
N ASP C 73 -3.68 -40.79 1.46
CA ASP C 73 -3.43 -42.12 0.92
C ASP C 73 -2.78 -42.09 -0.47
N ASP C 74 -3.50 -41.58 -1.48
CA ASP C 74 -2.98 -41.55 -2.85
C ASP C 74 -1.60 -40.94 -3.02
N VAL C 75 -1.17 -40.14 -2.06
CA VAL C 75 0.15 -39.50 -2.12
C VAL C 75 1.18 -40.43 -1.50
N ALA C 76 0.81 -41.01 -0.36
CA ALA C 76 1.70 -41.93 0.35
C ALA C 76 2.03 -43.08 -0.59
N GLU C 77 1.02 -43.55 -1.32
CA GLU C 77 1.18 -44.65 -2.27
C GLU C 77 2.07 -44.30 -3.45
N ALA C 78 2.05 -43.04 -3.86
CA ALA C 78 2.87 -42.58 -4.97
C ALA C 78 4.34 -42.56 -4.55
N LEU C 79 4.58 -42.31 -3.27
CA LEU C 79 5.93 -42.27 -2.71
C LEU C 79 6.51 -43.67 -2.67
N ARG C 80 5.71 -44.63 -2.22
CA ARG C 80 6.12 -46.02 -2.13
C ARG C 80 6.56 -46.54 -3.50
N SER C 81 5.78 -46.21 -4.52
CA SER C 81 6.07 -46.62 -5.88
C SER C 81 7.29 -45.87 -6.44
N LYS C 82 8.05 -45.24 -5.57
CA LYS C 82 9.27 -44.53 -5.97
C LYS C 82 10.41 -44.96 -5.05
N GLY C 83 10.16 -46.04 -4.32
CA GLY C 83 11.15 -46.58 -3.41
C GLY C 83 11.38 -45.72 -2.18
N ILE C 84 10.32 -45.50 -1.42
CA ILE C 84 10.41 -44.69 -0.21
C ILE C 84 9.51 -45.30 0.87
N THR C 85 10.14 -45.80 1.91
CA THR C 85 9.42 -46.41 3.02
C THR C 85 8.62 -45.34 3.74
N VAL C 86 7.30 -45.47 3.70
CA VAL C 86 6.44 -44.50 4.35
C VAL C 86 5.45 -45.18 5.28
N TYR C 87 5.64 -44.95 6.58
CA TYR C 87 4.78 -45.51 7.62
C TYR C 87 3.72 -44.48 8.02
N ALA C 88 2.56 -44.57 7.38
CA ALA C 88 1.49 -43.65 7.69
C ALA C 88 0.19 -44.43 7.72
N ARG C 89 -0.67 -44.03 8.64
CA ARG C 89 -1.96 -44.68 8.79
C ARG C 89 -2.97 -43.70 9.39
N ARG C 90 -4.20 -43.79 8.91
CA ARG C 90 -5.29 -42.95 9.39
C ARG C 90 -5.63 -43.40 10.81
N THR C 91 -4.58 -43.79 11.52
CA THR C 91 -4.62 -44.26 12.89
C THR C 91 -5.66 -43.59 13.76
N HIS C 92 -5.57 -42.25 13.83
CA HIS C 92 -6.50 -41.46 14.64
C HIS C 92 -6.18 -41.72 16.12
N ASP C 93 -5.72 -42.93 16.42
CA ASP C 93 -5.35 -43.34 17.77
C ASP C 93 -3.90 -42.98 18.09
N GLU C 94 -3.74 -42.17 19.15
CA GLU C 94 -2.45 -41.69 19.62
C GLU C 94 -1.36 -42.77 19.64
N SER C 95 -1.74 -43.93 20.15
CA SER C 95 -0.86 -45.08 20.25
C SER C 95 -0.07 -45.40 18.98
N ILE C 96 -0.77 -45.41 17.84
CA ILE C 96 -0.16 -45.74 16.57
C ILE C 96 0.84 -44.73 16.02
N TYR C 97 0.81 -43.50 16.52
CA TYR C 97 1.76 -42.52 16.01
C TYR C 97 3.16 -42.90 16.46
N ARG C 98 3.38 -42.98 17.77
CA ARG C 98 4.70 -43.31 18.29
C ARG C 98 5.18 -44.64 17.73
N GLU C 99 4.24 -45.49 17.36
CA GLU C 99 4.59 -46.79 16.79
C GLU C 99 5.26 -46.62 15.42
N ASN C 100 4.75 -45.72 14.59
CA ASN C 100 5.38 -45.50 13.30
C ASN C 100 6.70 -44.77 13.53
N LEU C 101 6.72 -43.88 14.51
CA LEU C 101 7.94 -43.15 14.84
C LEU C 101 8.95 -44.26 15.14
N MET C 102 8.48 -45.26 15.86
CA MET C 102 9.33 -46.37 16.24
C MET C 102 9.84 -47.17 15.05
N LYS C 103 9.01 -47.33 14.03
CA LYS C 103 9.45 -48.10 12.85
C LYS C 103 10.48 -47.40 11.95
N VAL C 104 10.61 -46.09 12.03
CA VAL C 104 11.63 -45.40 11.23
C VAL C 104 12.95 -45.59 11.94
N LEU C 105 12.88 -45.67 13.28
CA LEU C 105 14.07 -45.88 14.09
C LEU C 105 14.47 -47.34 13.88
N ASP C 106 13.48 -48.18 13.58
CA ASP C 106 13.69 -49.60 13.30
C ASP C 106 14.47 -49.73 12.00
N GLU C 107 14.90 -48.60 11.47
CA GLU C 107 15.66 -48.55 10.22
C GLU C 107 17.02 -47.91 10.50
N ARG C 108 17.24 -47.59 11.77
CA ARG C 108 18.49 -46.98 12.21
C ARG C 108 19.03 -46.05 11.13
N PRO C 109 18.55 -44.79 11.14
CA PRO C 109 18.92 -43.75 10.19
C PRO C 109 20.20 -43.03 10.58
N ASP C 110 20.84 -42.43 9.58
CA ASP C 110 22.07 -41.68 9.78
C ASP C 110 21.70 -40.25 10.12
N PHE C 111 20.72 -39.72 9.40
CA PHE C 111 20.26 -38.36 9.59
C PHE C 111 18.76 -38.31 9.85
N ILE C 112 18.34 -37.30 10.61
CA ILE C 112 16.93 -37.15 10.91
C ILE C 112 16.43 -35.72 10.83
N ILE C 113 15.39 -35.54 10.03
CA ILE C 113 14.70 -34.27 9.84
C ILE C 113 13.41 -34.60 10.58
N ASP C 114 13.28 -34.19 11.84
CA ASP C 114 12.06 -34.56 12.52
C ASP C 114 11.14 -33.45 12.98
N ASP C 115 10.00 -33.87 13.52
CA ASP C 115 8.94 -33.01 14.00
C ASP C 115 8.99 -32.86 15.51
N GLY C 116 9.06 -31.62 16.00
CA GLY C 116 9.09 -31.37 17.43
C GLY C 116 10.06 -32.17 18.29
N GLY C 117 11.07 -32.78 17.65
CA GLY C 117 12.02 -33.56 18.40
C GLY C 117 11.46 -34.90 18.87
N ASP C 118 10.25 -35.23 18.42
CA ASP C 118 9.60 -36.49 18.82
C ASP C 118 10.44 -37.69 18.42
N LEU C 119 11.18 -37.57 17.33
CA LEU C 119 12.01 -38.68 16.86
C LEU C 119 13.36 -38.75 17.56
N THR C 120 14.07 -37.62 17.61
CA THR C 120 15.39 -37.59 18.25
C THR C 120 15.30 -37.77 19.77
N VAL C 121 14.18 -37.40 20.36
CA VAL C 121 14.03 -37.55 21.80
C VAL C 121 13.68 -38.98 22.15
N ILE C 122 13.01 -39.69 21.23
CA ILE C 122 12.65 -41.08 21.48
C ILE C 122 13.93 -41.90 21.49
N SER C 123 14.88 -41.52 20.65
CA SER C 123 16.15 -42.21 20.57
C SER C 123 16.95 -42.09 21.88
N HIS C 124 17.19 -40.85 22.29
CA HIS C 124 17.95 -40.53 23.50
C HIS C 124 17.34 -41.04 24.80
N THR C 125 16.08 -41.47 24.78
CA THR C 125 15.44 -41.93 26.01
C THR C 125 14.77 -43.30 25.99
N GLU C 126 14.77 -43.98 24.85
CA GLU C 126 14.14 -45.30 24.79
C GLU C 126 14.80 -46.21 23.77
N ARG C 127 15.58 -45.64 22.87
CA ARG C 127 16.24 -46.44 21.83
C ARG C 127 17.61 -45.92 21.47
N GLU C 128 18.61 -46.28 22.27
CA GLU C 128 19.98 -45.84 22.02
C GLU C 128 20.64 -46.65 20.91
N GLU C 129 19.98 -47.71 20.46
CA GLU C 129 20.54 -48.53 19.39
C GLU C 129 20.88 -47.60 18.25
N VAL C 130 19.84 -46.99 17.70
CA VAL C 130 19.94 -46.04 16.60
C VAL C 130 20.81 -44.85 16.97
N LEU C 131 20.76 -44.46 18.25
CA LEU C 131 21.50 -43.32 18.78
C LEU C 131 22.98 -43.33 18.42
N GLU C 132 23.51 -44.49 18.03
CA GLU C 132 24.92 -44.57 17.66
C GLU C 132 25.12 -44.38 16.17
N ASN C 133 24.36 -45.12 15.37
CA ASN C 133 24.46 -44.98 13.92
C ASN C 133 24.02 -43.57 13.55
N LEU C 134 23.11 -43.00 14.34
CA LEU C 134 22.61 -41.65 14.09
C LEU C 134 23.77 -40.66 14.07
N LYS C 135 23.95 -40.05 12.91
CA LYS C 135 25.04 -39.11 12.69
C LYS C 135 24.66 -37.63 12.87
N GLY C 136 23.45 -37.25 12.49
CA GLY C 136 23.01 -35.87 12.63
C GLY C 136 21.51 -35.64 12.62
N VAL C 137 21.10 -34.50 13.17
CA VAL C 137 19.68 -34.16 13.23
C VAL C 137 19.39 -32.73 12.79
N SER C 138 18.27 -32.57 12.10
CA SER C 138 17.81 -31.27 11.60
C SER C 138 16.45 -30.97 12.22
N GLU C 139 16.33 -29.81 12.86
CA GLU C 139 15.07 -29.45 13.51
C GLU C 139 14.50 -28.13 12.98
N GLU C 140 13.32 -28.20 12.38
CA GLU C 140 12.67 -27.03 11.79
C GLU C 140 11.68 -26.36 12.72
N THR C 141 10.96 -27.17 13.49
CA THR C 141 9.94 -26.66 14.41
C THR C 141 10.48 -25.62 15.40
N THR C 142 9.73 -25.43 16.49
CA THR C 142 10.08 -24.49 17.52
C THR C 142 9.99 -25.26 18.83
N THR C 143 8.95 -26.10 18.91
CA THR C 143 8.74 -26.95 20.07
C THR C 143 9.95 -27.87 20.15
N GLY C 144 10.26 -28.49 19.02
CA GLY C 144 11.38 -29.39 18.95
C GLY C 144 12.66 -28.74 19.43
N VAL C 145 13.08 -27.68 18.76
CA VAL C 145 14.30 -26.99 19.15
C VAL C 145 14.26 -26.64 20.65
N ARG C 146 13.07 -26.36 21.18
CA ARG C 146 12.94 -26.04 22.59
C ARG C 146 13.39 -27.28 23.35
N ARG C 147 12.86 -28.42 22.93
CA ARG C 147 13.15 -29.71 23.52
C ARG C 147 14.61 -30.17 23.34
N LEU C 148 15.08 -30.18 22.11
CA LEU C 148 16.45 -30.63 21.83
C LEU C 148 17.49 -29.68 22.42
N LYS C 149 17.04 -28.66 23.13
CA LYS C 149 17.96 -27.73 23.77
C LYS C 149 17.96 -28.08 25.25
N ALA C 150 16.80 -28.46 25.76
CA ALA C 150 16.66 -28.86 27.14
C ALA C 150 17.62 -30.03 27.34
N LEU C 151 17.80 -30.83 26.28
CA LEU C 151 18.71 -31.96 26.34
C LEU C 151 20.14 -31.47 26.41
N GLU C 152 20.55 -30.69 25.41
CA GLU C 152 21.91 -30.17 25.36
C GLU C 152 22.31 -29.53 26.69
N GLU C 153 21.40 -28.78 27.30
CA GLU C 153 21.72 -28.13 28.57
C GLU C 153 21.85 -29.12 29.73
N THR C 154 21.21 -30.29 29.60
CA THR C 154 21.29 -31.31 30.64
C THR C 154 22.21 -32.42 30.15
N GLY C 155 23.13 -32.06 29.26
CA GLY C 155 24.11 -32.99 28.72
C GLY C 155 23.60 -34.33 28.20
N LYS C 156 22.29 -34.51 28.15
CA LYS C 156 21.72 -35.77 27.67
C LYS C 156 21.82 -35.94 26.16
N LEU C 157 22.03 -34.82 25.46
CA LEU C 157 22.14 -34.84 24.00
C LEU C 157 23.51 -35.34 23.58
N ARG C 158 23.53 -36.30 22.65
CA ARG C 158 24.80 -36.83 22.15
C ARG C 158 24.83 -37.01 20.63
N VAL C 159 24.46 -35.95 19.93
CA VAL C 159 24.46 -35.89 18.48
C VAL C 159 24.26 -34.44 18.05
N PRO C 160 25.01 -33.98 17.03
CA PRO C 160 24.88 -32.60 16.55
C PRO C 160 23.53 -32.29 15.92
N VAL C 161 22.95 -31.16 16.31
CA VAL C 161 21.65 -30.74 15.81
C VAL C 161 21.73 -29.37 15.13
N ILE C 162 20.98 -29.20 14.04
CA ILE C 162 20.96 -27.94 13.31
C ILE C 162 19.54 -27.37 13.32
N ALA C 163 19.34 -26.27 14.03
CA ALA C 163 18.04 -25.64 14.11
C ALA C 163 17.88 -24.68 12.94
N VAL C 164 17.01 -25.05 11.99
CA VAL C 164 16.76 -24.23 10.81
C VAL C 164 15.61 -23.25 11.05
N ASN C 165 15.03 -23.26 12.24
CA ASN C 165 13.94 -22.35 12.54
C ASN C 165 14.47 -20.93 12.68
N ASP C 166 15.76 -20.80 12.90
CA ASP C 166 16.36 -19.48 13.05
C ASP C 166 17.38 -19.18 11.97
N SER C 167 16.97 -18.31 11.06
CA SER C 167 17.76 -17.86 9.94
C SER C 167 16.85 -16.80 9.38
N LYS C 168 17.39 -15.67 8.94
CA LYS C 168 16.52 -14.62 8.43
C LYS C 168 15.72 -15.06 7.21
N MET C 169 16.17 -16.11 6.52
CA MET C 169 15.46 -16.61 5.34
C MET C 169 14.17 -17.35 5.69
N LYS C 170 14.15 -18.01 6.85
CA LYS C 170 12.98 -18.73 7.31
C LYS C 170 11.98 -17.70 7.81
N TYR C 171 12.43 -16.87 8.75
CA TYR C 171 11.58 -15.85 9.31
C TYR C 171 10.92 -15.04 8.21
N LEU C 172 11.65 -14.84 7.12
CA LEU C 172 11.11 -14.07 6.01
C LEU C 172 10.05 -14.83 5.23
N PHE C 173 10.46 -15.95 4.63
CA PHE C 173 9.55 -16.73 3.82
C PHE C 173 8.53 -17.56 4.56
N ASP C 174 8.91 -18.11 5.70
CA ASP C 174 7.97 -18.91 6.43
C ASP C 174 7.04 -18.00 7.21
N ASN C 175 7.58 -17.42 8.28
CA ASN C 175 6.84 -16.53 9.17
C ASN C 175 6.16 -15.32 8.56
N ARG C 176 6.81 -14.66 7.61
CA ARG C 176 6.21 -13.47 7.03
C ARG C 176 5.30 -13.65 5.83
N TYR C 177 5.90 -13.81 4.65
CA TYR C 177 5.16 -13.96 3.40
C TYR C 177 4.35 -15.22 3.29
N GLY C 178 4.88 -16.31 3.80
CA GLY C 178 4.18 -17.57 3.71
C GLY C 178 2.91 -17.63 4.53
N THR C 179 3.09 -17.60 5.84
CA THR C 179 1.95 -17.63 6.73
C THR C 179 1.05 -16.42 6.45
N GLY C 180 1.63 -15.35 5.94
CA GLY C 180 0.81 -14.19 5.62
C GLY C 180 -0.19 -14.50 4.51
N GLN C 181 0.28 -15.08 3.41
CA GLN C 181 -0.62 -15.40 2.30
C GLN C 181 -1.52 -16.58 2.64
N SER C 182 -0.90 -17.69 3.01
CA SER C 182 -1.62 -18.92 3.37
C SER C 182 -2.72 -18.76 4.42
N THR C 183 -2.55 -17.78 5.32
CA THR C 183 -3.52 -17.54 6.36
C THR C 183 -4.75 -16.90 5.79
N TRP C 184 -4.58 -15.93 4.90
CA TRP C 184 -5.76 -15.29 4.35
C TRP C 184 -6.45 -16.11 3.34
N ASP C 185 -5.70 -17.01 2.72
CA ASP C 185 -6.24 -17.90 1.72
C ASP C 185 -7.10 -18.94 2.42
N ALA C 186 -6.61 -19.44 3.54
CA ALA C 186 -7.36 -20.43 4.28
C ALA C 186 -8.66 -19.79 4.75
N ILE C 187 -8.58 -18.54 5.21
CA ILE C 187 -9.75 -17.86 5.69
C ILE C 187 -10.79 -17.52 4.62
N MET C 188 -10.37 -17.16 3.41
CA MET C 188 -11.39 -16.82 2.43
C MET C 188 -11.91 -17.97 1.57
N ARG C 189 -11.17 -19.07 1.47
CA ARG C 189 -11.64 -20.20 0.67
C ARG C 189 -12.66 -20.99 1.51
N ASN C 190 -12.54 -20.85 2.83
CA ASN C 190 -13.43 -21.54 3.77
C ASN C 190 -14.59 -20.68 4.30
N THR C 191 -14.74 -19.46 3.83
CA THR C 191 -15.82 -18.64 4.33
C THR C 191 -16.39 -17.74 3.25
N ASN C 192 -15.58 -17.45 2.23
CA ASN C 192 -15.97 -16.56 1.13
C ASN C 192 -16.56 -15.23 1.62
N LEU C 193 -16.08 -14.76 2.76
CA LEU C 193 -16.53 -13.49 3.30
C LEU C 193 -15.69 -12.40 2.65
N LEU C 194 -16.15 -11.16 2.71
CA LEU C 194 -15.41 -10.06 2.12
C LEU C 194 -14.39 -9.62 3.13
N VAL C 195 -13.21 -9.20 2.68
CA VAL C 195 -12.23 -8.75 3.66
C VAL C 195 -12.17 -7.24 3.65
N ALA C 196 -12.42 -6.66 2.47
CA ALA C 196 -12.37 -5.20 2.33
C ALA C 196 -13.39 -4.52 3.21
N GLY C 197 -13.00 -3.42 3.82
CA GLY C 197 -13.93 -2.70 4.66
C GLY C 197 -14.49 -3.47 5.85
N LYS C 198 -13.64 -4.31 6.45
CA LYS C 198 -14.01 -5.07 7.63
C LYS C 198 -12.88 -4.90 8.62
N ASN C 199 -13.19 -4.90 9.90
CA ASN C 199 -12.14 -4.73 10.90
C ASN C 199 -11.51 -6.07 11.18
N VAL C 200 -10.22 -6.13 10.98
CA VAL C 200 -9.48 -7.34 11.22
C VAL C 200 -8.64 -7.09 12.44
N VAL C 201 -8.71 -7.99 13.41
CA VAL C 201 -7.89 -7.83 14.61
C VAL C 201 -6.81 -8.90 14.62
N VAL C 202 -5.57 -8.46 14.69
CA VAL C 202 -4.44 -9.37 14.71
C VAL C 202 -3.79 -9.34 16.10
N ALA C 203 -3.83 -10.46 16.81
CA ALA C 203 -3.21 -10.51 18.14
C ALA C 203 -1.75 -10.95 18.03
N GLY C 204 -0.85 -10.01 18.30
CA GLY C 204 0.57 -10.27 18.20
C GLY C 204 1.11 -9.59 16.96
N TYR C 205 2.24 -8.90 17.08
CA TYR C 205 2.82 -8.21 15.94
C TYR C 205 4.31 -8.54 15.71
N GLY C 206 4.61 -9.82 15.52
CA GLY C 206 5.98 -10.21 15.26
C GLY C 206 6.09 -10.52 13.79
N TRP C 207 6.88 -11.50 13.41
CA TRP C 207 7.00 -11.84 12.00
C TRP C 207 5.65 -12.19 11.40
N CYS C 208 4.95 -13.11 12.05
CA CYS C 208 3.65 -13.55 11.59
C CYS C 208 2.59 -12.48 11.72
N GLY C 209 2.58 -11.78 12.85
CA GLY C 209 1.59 -10.73 13.04
C GLY C 209 1.68 -9.72 11.92
N ARG C 210 2.86 -9.14 11.72
CA ARG C 210 3.07 -8.16 10.66
C ARG C 210 2.62 -8.70 9.29
N GLY C 211 3.09 -9.90 8.93
CA GLY C 211 2.72 -10.49 7.65
C GLY C 211 1.23 -10.57 7.46
N ILE C 212 0.54 -11.17 8.43
CA ILE C 212 -0.91 -11.30 8.40
C ILE C 212 -1.53 -9.90 8.29
N ALA C 213 -1.04 -8.99 9.12
CA ALA C 213 -1.52 -7.63 9.14
C ALA C 213 -1.37 -6.99 7.76
N LEU C 214 -0.14 -7.07 7.27
CA LEU C 214 0.19 -6.50 5.98
C LEU C 214 -0.74 -6.99 4.89
N ARG C 215 -0.85 -8.30 4.77
CA ARG C 215 -1.69 -8.92 3.78
C ARG C 215 -3.17 -8.50 3.92
N ALA C 216 -3.62 -8.42 5.18
CA ALA C 216 -4.99 -8.00 5.53
C ALA C 216 -5.22 -6.60 5.00
N ALA C 217 -4.23 -5.74 5.23
CA ALA C 217 -4.33 -4.37 4.73
C ALA C 217 -4.41 -4.50 3.22
N GLY C 218 -3.64 -5.46 2.68
CA GLY C 218 -3.60 -5.69 1.26
C GLY C 218 -4.96 -6.01 0.70
N LEU C 219 -5.78 -6.69 1.48
CA LEU C 219 -7.10 -7.06 1.02
C LEU C 219 -8.18 -5.99 1.25
N GLY C 220 -7.82 -4.88 1.89
CA GLY C 220 -8.77 -3.80 2.12
C GLY C 220 -9.33 -3.68 3.53
N ALA C 221 -8.84 -4.50 4.43
CA ALA C 221 -9.32 -4.47 5.78
C ALA C 221 -8.75 -3.31 6.57
N ARG C 222 -9.48 -2.89 7.60
CA ARG C 222 -9.04 -1.82 8.50
C ARG C 222 -8.40 -2.70 9.55
N VAL C 223 -7.10 -2.57 9.74
CA VAL C 223 -6.42 -3.43 10.70
C VAL C 223 -6.23 -2.87 12.11
N ILE C 224 -6.54 -3.70 13.11
CA ILE C 224 -6.36 -3.34 14.51
C ILE C 224 -5.38 -4.38 15.04
N VAL C 225 -4.36 -3.92 15.75
CA VAL C 225 -3.37 -4.82 16.30
C VAL C 225 -3.39 -4.81 17.82
N THR C 226 -3.30 -5.98 18.43
CA THR C 226 -3.23 -6.03 19.88
C THR C 226 -1.85 -6.58 20.20
N GLU C 227 -1.18 -5.97 21.17
CA GLU C 227 0.17 -6.40 21.52
C GLU C 227 0.43 -6.32 22.99
N VAL C 228 1.47 -7.02 23.43
CA VAL C 228 1.87 -7.00 24.82
C VAL C 228 3.22 -6.30 24.94
N ASP C 229 4.01 -6.38 23.87
CA ASP C 229 5.32 -5.72 23.84
C ASP C 229 5.19 -4.30 23.24
N PRO C 230 5.26 -3.26 24.09
CA PRO C 230 5.12 -1.88 23.59
C PRO C 230 5.95 -1.53 22.34
N VAL C 231 7.16 -2.05 22.24
CA VAL C 231 8.00 -1.77 21.09
C VAL C 231 7.31 -2.15 19.77
N LYS C 232 6.62 -3.29 19.77
CA LYS C 232 5.92 -3.73 18.58
C LYS C 232 4.68 -2.88 18.39
N ALA C 233 3.94 -2.67 19.48
CA ALA C 233 2.72 -1.90 19.40
C ALA C 233 3.01 -0.52 18.81
N VAL C 234 4.13 0.07 19.18
CA VAL C 234 4.48 1.38 18.67
C VAL C 234 4.77 1.31 17.17
N GLU C 235 5.35 0.20 16.73
CA GLU C 235 5.69 0.00 15.31
C GLU C 235 4.39 -0.12 14.49
N ALA C 236 3.39 -0.80 15.06
CA ALA C 236 2.10 -0.99 14.42
C ALA C 236 1.41 0.36 14.17
N ILE C 237 1.54 1.29 15.11
CA ILE C 237 0.94 2.59 14.95
C ILE C 237 1.64 3.23 13.77
N MET C 238 2.96 3.30 13.84
CA MET C 238 3.75 3.89 12.77
C MET C 238 3.43 3.29 11.41
N ASP C 239 3.02 2.03 11.39
CA ASP C 239 2.69 1.37 10.13
C ASP C 239 1.30 1.74 9.61
N GLY C 240 0.65 2.67 10.33
CA GLY C 240 -0.66 3.13 9.94
C GLY C 240 -1.84 2.38 10.56
N PHE C 241 -1.56 1.50 11.52
CA PHE C 241 -2.65 0.75 12.14
C PHE C 241 -3.09 1.34 13.47
N THR C 242 -4.18 0.82 14.00
CA THR C 242 -4.71 1.25 15.30
C THR C 242 -4.42 0.18 16.32
N VAL C 243 -3.96 0.56 17.49
CA VAL C 243 -3.64 -0.42 18.52
C VAL C 243 -4.52 -0.22 19.75
N MET C 244 -5.06 -1.31 20.29
CA MET C 244 -5.88 -1.22 21.47
C MET C 244 -5.89 -2.54 22.23
N PRO C 245 -6.47 -2.56 23.44
CA PRO C 245 -6.47 -3.82 24.16
C PRO C 245 -7.42 -4.80 23.50
N MET C 246 -7.12 -6.09 23.63
CA MET C 246 -7.95 -7.12 23.03
C MET C 246 -9.39 -6.95 23.54
N LYS C 247 -9.51 -6.53 24.79
CA LYS C 247 -10.81 -6.33 25.43
C LYS C 247 -11.68 -5.32 24.69
N GLU C 248 -11.02 -4.33 24.11
CA GLU C 248 -11.68 -3.24 23.39
C GLU C 248 -11.81 -3.52 21.90
N ALA C 249 -10.82 -4.19 21.33
CA ALA C 249 -10.84 -4.51 19.90
C ALA C 249 -11.89 -5.55 19.58
N VAL C 250 -11.97 -6.55 20.42
CA VAL C 250 -12.91 -7.64 20.23
C VAL C 250 -14.34 -7.17 19.99
N LYS C 251 -14.69 -6.00 20.52
CA LYS C 251 -16.05 -5.47 20.37
C LYS C 251 -16.39 -5.01 18.96
N ILE C 252 -15.38 -4.87 18.11
CA ILE C 252 -15.62 -4.38 16.76
C ILE C 252 -15.05 -5.23 15.64
N ALA C 253 -14.33 -6.29 16.00
CA ALA C 253 -13.70 -7.18 15.04
C ALA C 253 -14.64 -7.98 14.16
N ASP C 254 -14.23 -8.20 12.91
CA ASP C 254 -15.02 -9.00 11.99
C ASP C 254 -14.29 -10.32 11.87
N PHE C 255 -12.98 -10.25 12.08
CA PHE C 255 -12.11 -11.43 12.07
C PHE C 255 -11.17 -11.15 13.21
N VAL C 256 -10.73 -12.19 13.89
CA VAL C 256 -9.75 -12.05 14.95
C VAL C 256 -8.78 -13.15 14.61
N ILE C 257 -7.50 -12.82 14.62
CA ILE C 257 -6.48 -13.78 14.27
C ILE C 257 -5.35 -13.76 15.29
N THR C 258 -5.17 -14.86 15.99
CA THR C 258 -4.09 -14.90 16.96
C THR C 258 -2.80 -15.25 16.25
N ALA C 259 -1.72 -14.57 16.59
CA ALA C 259 -0.44 -14.85 15.96
C ALA C 259 0.62 -14.63 17.03
N SER C 260 0.24 -14.81 18.28
CA SER C 260 1.17 -14.62 19.38
C SER C 260 1.52 -16.01 19.82
N GLY C 261 2.73 -16.22 20.32
CA GLY C 261 3.06 -17.57 20.76
C GLY C 261 2.50 -17.87 22.14
N ASN C 262 1.30 -17.34 22.42
CA ASN C 262 0.71 -17.49 23.75
C ASN C 262 -0.57 -18.34 23.87
N THR C 263 -1.27 -18.15 24.99
CA THR C 263 -2.51 -18.87 25.29
C THR C 263 -3.58 -17.94 25.81
N ASP C 264 -4.82 -18.35 25.60
CA ASP C 264 -5.97 -17.58 26.07
C ASP C 264 -5.80 -16.12 25.69
N VAL C 265 -5.62 -15.85 24.41
CA VAL C 265 -5.47 -14.49 23.96
C VAL C 265 -6.82 -13.82 24.12
N LEU C 266 -7.84 -14.66 24.31
CA LEU C 266 -9.23 -14.21 24.49
C LEU C 266 -9.82 -14.83 25.76
N SER C 267 -10.40 -13.98 26.60
CA SER C 267 -11.00 -14.47 27.85
C SER C 267 -12.51 -14.67 27.64
N LYS C 268 -13.15 -15.33 28.61
CA LYS C 268 -14.58 -15.56 28.54
C LYS C 268 -15.21 -14.19 28.27
N GLU C 269 -14.62 -13.18 28.90
CA GLU C 269 -15.06 -11.80 28.76
C GLU C 269 -15.14 -11.36 27.32
N ASP C 270 -13.96 -11.29 26.70
CA ASP C 270 -13.81 -10.88 25.31
C ASP C 270 -14.72 -11.64 24.37
N ILE C 271 -14.75 -12.97 24.50
CA ILE C 271 -15.60 -13.78 23.65
C ILE C 271 -17.05 -13.35 23.73
N LEU C 272 -17.44 -12.87 24.91
CA LEU C 272 -18.82 -12.40 25.14
C LEU C 272 -19.05 -10.97 24.66
N SER C 273 -17.96 -10.31 24.25
CA SER C 273 -18.02 -8.96 23.72
C SER C 273 -18.04 -9.06 22.21
N LEU C 274 -17.44 -10.14 21.68
CA LEU C 274 -17.42 -10.39 20.24
C LEU C 274 -18.77 -10.15 19.59
N LYS C 275 -18.81 -9.44 18.48
CA LYS C 275 -20.09 -9.20 17.82
C LYS C 275 -20.55 -10.46 17.10
N ASP C 276 -21.82 -10.53 16.76
CA ASP C 276 -22.35 -11.70 16.09
C ASP C 276 -21.72 -11.90 14.72
N GLY C 277 -21.29 -13.12 14.42
CA GLY C 277 -20.68 -13.42 13.13
C GLY C 277 -19.18 -13.22 13.08
N ALA C 278 -18.57 -13.01 14.25
CA ALA C 278 -17.13 -12.82 14.33
C ALA C 278 -16.47 -14.14 14.04
N VAL C 279 -15.58 -14.16 13.06
CA VAL C 279 -14.84 -15.36 12.70
C VAL C 279 -13.49 -15.35 13.39
N LEU C 280 -13.15 -16.43 14.07
CA LEU C 280 -11.86 -16.43 14.75
C LEU C 280 -10.96 -17.47 14.14
N ALA C 281 -9.67 -17.15 14.05
CA ALA C 281 -8.68 -18.07 13.50
C ALA C 281 -7.34 -17.98 14.23
N ASN C 282 -6.67 -19.11 14.35
CA ASN C 282 -5.39 -19.12 14.99
C ASN C 282 -4.36 -19.43 13.93
N ALA C 283 -3.31 -18.62 13.87
CA ALA C 283 -2.25 -18.80 12.90
C ALA C 283 -0.94 -18.89 13.66
N GLY C 284 -1.04 -19.20 14.96
CA GLY C 284 0.15 -19.28 15.80
C GLY C 284 0.48 -20.65 16.34
N HIS C 285 0.68 -20.72 17.64
CA HIS C 285 1.03 -21.96 18.32
C HIS C 285 -0.01 -23.07 18.18
N PHE C 286 -0.13 -23.87 19.23
CA PHE C 286 -1.04 -25.01 19.36
C PHE C 286 -2.48 -24.55 19.11
N ASN C 287 -3.44 -25.17 19.78
CA ASN C 287 -4.83 -24.78 19.63
C ASN C 287 -5.29 -24.10 20.90
N VAL C 288 -4.38 -23.39 21.55
CA VAL C 288 -4.69 -22.73 22.81
C VAL C 288 -4.76 -21.20 22.77
N GLU C 289 -4.36 -20.62 21.65
CA GLU C 289 -4.38 -19.18 21.54
C GLU C 289 -5.80 -18.71 21.69
N ILE C 290 -6.71 -19.29 20.90
CA ILE C 290 -8.11 -18.95 21.03
C ILE C 290 -8.59 -20.07 21.95
N PRO C 291 -9.17 -19.73 23.11
CA PRO C 291 -9.65 -20.71 24.09
C PRO C 291 -10.77 -21.62 23.59
N VAL C 292 -10.42 -22.64 22.83
CA VAL C 292 -11.44 -23.54 22.29
C VAL C 292 -12.24 -24.20 23.40
N ARG C 293 -11.56 -24.64 24.45
CA ARG C 293 -12.23 -25.29 25.57
C ARG C 293 -13.29 -24.33 26.12
N VAL C 294 -12.89 -23.09 26.37
CA VAL C 294 -13.78 -22.08 26.91
C VAL C 294 -15.00 -21.85 26.01
N LEU C 295 -14.81 -21.94 24.69
CA LEU C 295 -15.91 -21.75 23.76
C LEU C 295 -16.88 -22.91 23.91
N GLU C 296 -16.34 -24.13 23.86
CA GLU C 296 -17.14 -25.35 23.98
C GLU C 296 -18.06 -25.33 25.23
N GLU C 297 -17.52 -24.99 26.39
CA GLU C 297 -18.30 -24.92 27.63
C GLU C 297 -19.34 -23.80 27.59
N ILE C 298 -18.86 -22.58 27.44
CA ILE C 298 -19.70 -21.40 27.38
C ILE C 298 -20.81 -21.47 26.32
N ALA C 299 -20.66 -22.33 25.33
CA ALA C 299 -21.64 -22.43 24.26
C ALA C 299 -23.00 -23.01 24.63
N VAL C 300 -24.03 -22.34 24.14
CA VAL C 300 -25.43 -22.75 24.32
C VAL C 300 -25.76 -23.74 23.19
N GLU C 301 -25.11 -23.55 22.05
CA GLU C 301 -25.26 -24.40 20.89
C GLU C 301 -23.87 -24.52 20.29
N LYS C 302 -23.68 -25.53 19.44
CA LYS C 302 -22.41 -25.75 18.79
C LYS C 302 -22.79 -26.51 17.54
N PHE C 303 -22.31 -26.08 16.39
CA PHE C 303 -22.68 -26.75 15.16
C PHE C 303 -21.68 -26.54 14.04
N GLU C 304 -21.65 -27.45 13.07
CA GLU C 304 -20.76 -27.33 11.94
C GLU C 304 -21.52 -26.52 10.91
N ALA C 305 -20.93 -25.42 10.47
CA ALA C 305 -21.58 -24.53 9.50
C ALA C 305 -21.04 -24.74 8.09
N ARG C 306 -19.72 -24.84 8.02
CA ARG C 306 -18.99 -25.01 6.77
C ARG C 306 -17.90 -26.06 7.03
N PRO C 307 -17.46 -26.76 5.97
CA PRO C 307 -16.43 -27.78 6.12
C PRO C 307 -15.30 -27.50 7.13
N ASN C 308 -14.97 -26.24 7.38
CA ASN C 308 -13.92 -25.98 8.36
C ASN C 308 -14.33 -24.95 9.38
N VAL C 309 -15.60 -24.59 9.36
CA VAL C 309 -16.12 -23.61 10.27
C VAL C 309 -17.10 -24.21 11.28
N THR C 310 -16.78 -24.08 12.56
CA THR C 310 -17.65 -24.56 13.62
C THR C 310 -18.21 -23.31 14.33
N GLY C 311 -19.54 -23.23 14.42
CA GLY C 311 -20.17 -22.08 15.05
C GLY C 311 -20.67 -22.34 16.46
N TYR C 312 -20.47 -21.33 17.31
CA TYR C 312 -20.88 -21.38 18.72
C TYR C 312 -21.87 -20.25 19.05
N THR C 313 -23.09 -20.59 19.48
CA THR C 313 -24.05 -19.56 19.84
C THR C 313 -23.89 -19.42 21.34
N LEU C 314 -23.77 -18.18 21.80
CA LEU C 314 -23.56 -17.87 23.23
C LEU C 314 -24.83 -17.43 23.95
N GLU C 315 -24.74 -17.31 25.28
CA GLU C 315 -25.90 -16.90 26.08
C GLU C 315 -26.52 -15.61 25.56
N ASN C 316 -25.66 -14.69 25.10
CA ASN C 316 -26.10 -13.40 24.58
C ASN C 316 -26.79 -13.51 23.23
N GLY C 317 -27.06 -14.73 22.79
CA GLY C 317 -27.74 -14.94 21.52
C GLY C 317 -26.86 -14.69 20.32
N LYS C 318 -25.64 -14.21 20.55
CA LYS C 318 -24.71 -13.97 19.47
C LYS C 318 -23.95 -15.28 19.21
N THR C 319 -23.71 -15.57 17.92
CA THR C 319 -22.97 -16.78 17.54
C THR C 319 -21.67 -16.44 16.82
N VAL C 320 -20.59 -17.04 17.31
CA VAL C 320 -19.25 -16.85 16.80
C VAL C 320 -18.76 -18.10 16.05
N PHE C 321 -17.90 -17.92 15.06
CA PHE C 321 -17.40 -19.04 14.29
C PHE C 321 -15.93 -19.24 14.52
N LEU C 322 -15.51 -20.49 14.48
CA LEU C 322 -14.10 -20.83 14.68
C LEU C 322 -13.57 -21.68 13.51
N LEU C 323 -12.52 -21.18 12.86
CA LEU C 323 -11.92 -21.89 11.75
C LEU C 323 -10.97 -22.98 12.26
N ALA C 324 -10.92 -24.09 11.52
CA ALA C 324 -10.04 -25.21 11.84
C ALA C 324 -9.98 -25.57 13.32
N GLU C 325 -11.09 -25.42 14.03
CA GLU C 325 -11.13 -25.79 15.44
C GLU C 325 -10.06 -25.15 16.31
N GLY C 326 -9.65 -23.94 15.98
CA GLY C 326 -8.63 -23.28 16.77
C GLY C 326 -7.21 -23.75 16.52
N ARG C 327 -7.03 -24.63 15.54
CA ARG C 327 -5.71 -25.12 15.20
C ARG C 327 -5.12 -24.18 14.14
N LEU C 328 -3.82 -24.34 13.89
CA LEU C 328 -3.12 -23.54 12.88
C LEU C 328 -3.97 -23.49 11.61
N VAL C 329 -4.71 -22.41 11.44
CA VAL C 329 -5.64 -22.25 10.31
C VAL C 329 -5.16 -22.47 8.88
N ASN C 330 -3.96 -22.03 8.54
CA ASN C 330 -3.52 -22.20 7.16
C ASN C 330 -3.11 -23.63 6.83
N LEU C 331 -2.70 -24.36 7.86
CA LEU C 331 -2.27 -25.74 7.70
C LEU C 331 -3.43 -26.73 7.69
N ALA C 332 -4.30 -26.59 8.70
CA ALA C 332 -5.43 -27.48 8.84
C ALA C 332 -6.70 -27.03 8.14
N ALA C 333 -6.62 -25.99 7.31
CA ALA C 333 -7.80 -25.52 6.59
C ALA C 333 -7.41 -25.00 5.23
N GLY C 334 -6.10 -24.85 5.03
CA GLY C 334 -5.58 -24.38 3.76
C GLY C 334 -4.67 -25.43 3.13
N ASP C 335 -3.62 -24.99 2.45
CA ASP C 335 -2.68 -25.93 1.85
C ASP C 335 -1.33 -25.81 2.54
N GLY C 336 -1.32 -25.23 3.74
CA GLY C 336 -0.08 -25.04 4.45
C GLY C 336 0.50 -23.82 3.76
N HIS C 337 1.81 -23.72 3.63
CA HIS C 337 2.38 -22.55 2.97
C HIS C 337 2.37 -22.70 1.46
N PRO C 338 2.59 -21.59 0.73
CA PRO C 338 2.61 -21.63 -0.74
C PRO C 338 3.71 -22.56 -1.26
N VAL C 339 3.47 -23.20 -2.39
CA VAL C 339 4.44 -24.15 -2.90
C VAL C 339 5.90 -23.67 -2.91
N GLU C 340 6.20 -22.50 -3.47
CA GLU C 340 7.58 -22.03 -3.47
C GLU C 340 8.05 -21.59 -2.09
N ILE C 341 7.12 -21.21 -1.22
CA ILE C 341 7.52 -20.82 0.13
C ILE C 341 8.10 -22.05 0.78
N MET C 342 7.42 -23.16 0.53
CA MET C 342 7.83 -24.43 1.08
C MET C 342 9.13 -24.90 0.44
N ASP C 343 9.24 -24.68 -0.86
CA ASP C 343 10.41 -25.09 -1.61
C ASP C 343 11.66 -24.53 -0.94
N LEU C 344 11.56 -23.29 -0.46
CA LEU C 344 12.69 -22.64 0.19
C LEU C 344 12.89 -23.14 1.62
N SER C 345 11.79 -23.41 2.32
CA SER C 345 11.88 -23.91 3.68
C SER C 345 12.48 -25.33 3.64
N PHE C 346 12.31 -26.02 2.52
CA PHE C 346 12.85 -27.37 2.35
C PHE C 346 14.31 -27.23 1.95
N ALA C 347 14.57 -26.51 0.86
CA ALA C 347 15.93 -26.30 0.39
C ALA C 347 16.87 -26.04 1.58
N LEU C 348 16.40 -25.24 2.55
CA LEU C 348 17.21 -24.94 3.73
C LEU C 348 17.51 -26.22 4.51
N GLN C 349 16.51 -27.07 4.66
CA GLN C 349 16.71 -28.31 5.40
C GLN C 349 17.60 -29.28 4.63
N ILE C 350 17.41 -29.36 3.32
CA ILE C 350 18.21 -30.26 2.50
C ILE C 350 19.70 -29.93 2.65
N PHE C 351 20.01 -28.64 2.80
CA PHE C 351 21.39 -28.21 2.96
C PHE C 351 21.84 -28.43 4.39
N ALA C 352 20.90 -28.37 5.33
CA ALA C 352 21.21 -28.58 6.73
C ALA C 352 21.68 -30.02 6.86
N VAL C 353 21.08 -30.91 6.07
CA VAL C 353 21.45 -32.32 6.06
C VAL C 353 22.82 -32.48 5.40
N LEU C 354 22.96 -31.95 4.18
CA LEU C 354 24.22 -32.03 3.46
C LEU C 354 25.36 -31.33 4.21
N TYR C 355 25.03 -30.56 5.23
CA TYR C 355 26.03 -29.87 6.05
C TYR C 355 26.42 -30.86 7.14
N LEU C 356 25.42 -31.50 7.72
CA LEU C 356 25.65 -32.48 8.76
C LEU C 356 26.53 -33.58 8.18
N LEU C 357 26.30 -33.92 6.91
CA LEU C 357 27.07 -34.97 6.24
C LEU C 357 28.54 -34.56 6.10
N GLU C 358 28.75 -33.34 5.61
CA GLU C 358 30.09 -32.82 5.41
C GLU C 358 30.78 -32.64 6.75
N ASN C 359 30.52 -31.51 7.40
CA ASN C 359 31.10 -31.20 8.71
C ASN C 359 30.50 -32.13 9.77
N HIS C 360 30.41 -33.40 9.40
CA HIS C 360 29.86 -34.46 10.24
C HIS C 360 30.51 -34.54 11.62
N ARG C 361 31.70 -35.15 11.64
CA ARG C 361 32.48 -35.37 12.86
C ARG C 361 32.91 -34.08 13.51
N LYS C 362 33.47 -33.18 12.72
CA LYS C 362 33.93 -31.87 13.20
C LYS C 362 32.99 -31.28 14.26
N MET C 363 31.70 -31.61 14.17
CA MET C 363 30.70 -31.10 15.10
C MET C 363 30.55 -31.92 16.38
N SER C 364 30.30 -31.21 17.48
CA SER C 364 30.12 -31.84 18.80
C SER C 364 28.65 -31.77 19.25
N PRO C 365 28.16 -32.84 19.88
CA PRO C 365 26.79 -32.97 20.40
C PRO C 365 26.21 -31.70 21.02
N LYS C 366 25.94 -30.73 20.15
CA LYS C 366 25.39 -29.44 20.55
C LYS C 366 24.39 -29.02 19.46
N VAL C 367 23.43 -28.18 19.82
CA VAL C 367 22.44 -27.69 18.86
C VAL C 367 22.96 -26.41 18.20
N TYR C 368 23.22 -26.47 16.90
CA TYR C 368 23.73 -25.32 16.16
C TYR C 368 22.67 -24.59 15.34
N MET C 369 22.80 -23.27 15.26
CA MET C 369 21.88 -22.47 14.46
C MET C 369 22.35 -22.57 13.03
N LEU C 370 21.40 -22.67 12.10
CA LEU C 370 21.74 -22.79 10.69
C LEU C 370 22.93 -21.88 10.38
N PRO C 371 23.91 -22.39 9.62
CA PRO C 371 25.08 -21.59 9.28
C PRO C 371 24.71 -20.49 8.28
N ASP C 372 25.04 -19.25 8.64
CA ASP C 372 24.74 -18.10 7.81
C ASP C 372 25.13 -18.30 6.34
N GLU C 373 26.08 -19.19 6.10
CA GLU C 373 26.52 -19.47 4.74
C GLU C 373 25.43 -20.12 3.89
N ILE C 374 24.48 -20.78 4.54
CA ILE C 374 23.37 -21.44 3.82
C ILE C 374 22.34 -20.40 3.35
N ASP C 375 22.00 -19.45 4.22
CA ASP C 375 21.06 -18.40 3.90
C ASP C 375 21.54 -17.72 2.63
N GLU C 376 22.78 -17.25 2.67
CA GLU C 376 23.40 -16.58 1.53
C GLU C 376 23.27 -17.44 0.26
N ARG C 377 23.47 -18.74 0.41
CA ARG C 377 23.39 -19.63 -0.74
C ARG C 377 21.98 -19.74 -1.33
N VAL C 378 21.01 -20.01 -0.47
CA VAL C 378 19.62 -20.15 -0.90
C VAL C 378 19.11 -18.86 -1.55
N ALA C 379 19.48 -17.73 -0.96
CA ALA C 379 19.06 -16.44 -1.49
C ALA C 379 19.58 -16.29 -2.92
N ARG C 380 20.87 -16.55 -3.10
CA ARG C 380 21.49 -16.44 -4.41
C ARG C 380 20.85 -17.41 -5.41
N MET C 381 20.47 -18.60 -4.93
CA MET C 381 19.84 -19.61 -5.77
C MET C 381 18.44 -19.16 -6.19
N LYS C 382 17.75 -18.49 -5.26
CA LYS C 382 16.40 -18.01 -5.50
C LYS C 382 16.45 -16.84 -6.49
N LEU C 383 17.35 -15.90 -6.24
CA LEU C 383 17.52 -14.75 -7.13
C LEU C 383 17.82 -15.26 -8.53
N ASP C 384 18.64 -16.30 -8.59
CA ASP C 384 19.03 -16.88 -9.86
C ASP C 384 17.86 -17.50 -10.61
N SER C 385 17.00 -18.25 -9.92
CA SER C 385 15.87 -18.87 -10.61
C SER C 385 14.83 -17.81 -10.98
N LEU C 386 14.87 -16.70 -10.25
CA LEU C 386 13.94 -15.59 -10.49
C LEU C 386 14.43 -14.71 -11.64
N GLY C 387 15.67 -14.92 -12.07
CA GLY C 387 16.21 -14.12 -13.15
C GLY C 387 16.63 -12.74 -12.67
N VAL C 388 17.05 -12.67 -11.42
CA VAL C 388 17.48 -11.41 -10.87
C VAL C 388 18.99 -11.44 -10.65
N LYS C 389 19.65 -10.35 -10.99
CA LYS C 389 21.10 -10.23 -10.83
C LYS C 389 21.37 -8.97 -10.02
N ILE C 390 22.10 -9.10 -8.91
CA ILE C 390 22.41 -7.95 -8.08
C ILE C 390 23.85 -7.56 -8.24
N ASP C 391 24.21 -6.38 -7.76
CA ASP C 391 25.57 -5.88 -7.85
C ASP C 391 26.54 -6.68 -6.99
N GLU C 392 27.79 -6.76 -7.47
CA GLU C 392 28.86 -7.46 -6.78
C GLU C 392 29.75 -6.39 -6.15
N LEU C 393 30.13 -6.60 -4.91
CA LEU C 393 30.97 -5.63 -4.22
C LEU C 393 32.36 -5.60 -4.87
N THR C 394 32.87 -4.41 -5.17
CA THR C 394 34.21 -4.26 -5.78
C THR C 394 35.27 -4.17 -4.68
N GLU C 395 36.53 -4.03 -5.07
CA GLU C 395 37.59 -3.95 -4.08
C GLU C 395 37.66 -2.60 -3.37
N LYS C 396 37.44 -1.52 -4.11
CA LYS C 396 37.47 -0.19 -3.51
C LYS C 396 36.50 -0.16 -2.34
N GLN C 397 35.32 -0.74 -2.55
CA GLN C 397 34.26 -0.80 -1.54
C GLN C 397 34.53 -1.85 -0.47
N ARG C 398 34.87 -3.06 -0.90
CA ARG C 398 35.15 -4.13 0.06
C ARG C 398 36.20 -3.63 1.05
N ARG C 399 37.17 -2.90 0.54
CA ARG C 399 38.23 -2.34 1.36
C ARG C 399 37.61 -1.27 2.24
N TYR C 400 36.92 -0.32 1.61
CA TYR C 400 36.28 0.78 2.32
C TYR C 400 35.52 0.32 3.57
N LEU C 401 34.64 -0.67 3.39
CA LEU C 401 33.83 -1.20 4.49
C LEU C 401 34.67 -1.71 5.68
N ARG C 402 35.73 -2.46 5.40
CA ARG C 402 36.61 -2.99 6.44
C ARG C 402 36.83 -1.97 7.55
N ALA D 2 16.89 35.58 18.94
CA ALA D 2 16.40 35.52 20.35
C ALA D 2 14.88 35.53 20.40
N ASN D 3 14.24 36.29 19.50
CA ASN D 3 12.78 36.37 19.44
C ASN D 3 12.27 35.53 18.27
N THR D 4 13.18 35.12 17.40
CA THR D 4 12.88 34.28 16.24
C THR D 4 13.29 32.90 16.69
N GLY D 5 14.53 32.82 17.18
CA GLY D 5 15.07 31.57 17.67
C GLY D 5 14.23 31.09 18.84
N GLU D 6 13.46 32.01 19.40
CA GLU D 6 12.58 31.68 20.53
C GLU D 6 11.39 30.91 19.98
N MET D 7 10.86 31.35 18.83
CA MET D 7 9.72 30.67 18.22
C MET D 7 10.10 29.37 17.56
N LYS D 8 11.26 29.34 16.89
CA LYS D 8 11.75 28.14 16.25
C LYS D 8 11.83 27.04 17.30
N ILE D 9 11.95 27.46 18.55
CA ILE D 9 12.03 26.52 19.65
C ILE D 9 10.67 26.29 20.27
N ASN D 10 9.79 27.28 20.19
CA ASN D 10 8.45 27.10 20.74
C ASN D 10 7.71 26.11 19.89
N TRP D 11 7.96 26.17 18.58
CA TRP D 11 7.32 25.26 17.64
C TRP D 11 7.74 23.83 17.98
N VAL D 12 9.03 23.60 17.97
CA VAL D 12 9.59 22.30 18.30
C VAL D 12 9.08 21.81 19.66
N SER D 13 9.10 22.71 20.63
CA SER D 13 8.68 22.39 21.99
C SER D 13 7.30 21.76 22.13
N ARG D 14 6.32 22.21 21.34
CA ARG D 14 4.99 21.63 21.44
C ARG D 14 4.83 20.29 20.75
N TYR D 15 5.91 19.79 20.14
CA TYR D 15 5.85 18.49 19.47
C TYR D 15 7.00 17.60 19.89
N MET D 16 7.34 17.66 21.17
CA MET D 16 8.40 16.84 21.74
C MET D 16 7.77 16.22 22.99
N PRO D 17 6.66 15.51 22.80
CA PRO D 17 5.90 14.85 23.84
C PRO D 17 6.75 14.13 24.87
N LEU D 18 7.69 13.32 24.41
CA LEU D 18 8.54 12.57 25.33
C LEU D 18 9.40 13.45 26.21
N LEU D 19 10.15 14.37 25.60
CA LEU D 19 11.01 15.25 26.38
C LEU D 19 10.22 16.10 27.37
N ASN D 20 8.97 16.43 27.04
CA ASN D 20 8.17 17.21 27.96
C ASN D 20 7.79 16.33 29.14
N LYS D 21 7.61 15.05 28.89
CA LYS D 21 7.28 14.10 29.94
C LYS D 21 8.49 13.90 30.83
N ILE D 22 9.67 13.84 30.23
CA ILE D 22 10.90 13.68 30.98
C ILE D 22 11.12 14.97 31.79
N ALA D 23 10.53 16.07 31.33
CA ALA D 23 10.69 17.36 31.99
C ALA D 23 9.62 17.69 33.03
N GLU D 24 8.85 16.69 33.44
CA GLU D 24 7.83 16.94 34.44
C GLU D 24 7.70 15.69 35.28
N GLU D 25 8.79 14.93 35.33
CA GLU D 25 8.89 13.70 36.09
C GLU D 25 10.31 13.67 36.60
N TYR D 26 11.02 14.77 36.39
CA TYR D 26 12.41 14.90 36.80
C TYR D 26 12.75 16.38 36.97
N SER D 27 11.86 17.23 36.49
CA SER D 27 12.05 18.68 36.57
C SER D 27 12.16 19.13 38.02
N ARG D 28 11.29 18.61 38.88
CA ARG D 28 11.29 18.94 40.29
C ARG D 28 12.49 18.32 41.01
N GLU D 29 12.67 17.03 40.81
CA GLU D 29 13.77 16.30 41.43
C GLU D 29 15.17 16.71 40.97
N LYS D 30 15.25 17.48 39.88
CA LYS D 30 16.53 17.96 39.31
C LYS D 30 17.75 17.07 39.57
N PRO D 31 17.72 15.83 39.07
CA PRO D 31 18.80 14.85 39.23
C PRO D 31 20.13 15.16 38.58
N LEU D 32 20.21 16.26 37.84
CA LEU D 32 21.47 16.59 37.18
C LEU D 32 22.04 17.91 37.68
N SER D 33 21.78 18.23 38.95
CA SER D 33 22.28 19.46 39.54
C SER D 33 23.78 19.34 39.84
N GLY D 34 24.51 20.44 39.63
CA GLY D 34 25.94 20.44 39.86
C GLY D 34 26.67 19.81 38.69
N PHE D 35 26.03 18.80 38.10
CA PHE D 35 26.58 18.10 36.94
C PHE D 35 26.50 18.99 35.70
N THR D 36 27.53 18.91 34.87
CA THR D 36 27.53 19.72 33.67
C THR D 36 27.65 18.78 32.47
N VAL D 37 26.76 18.96 31.50
CA VAL D 37 26.77 18.13 30.31
C VAL D 37 27.37 18.88 29.12
N GLY D 38 28.36 18.26 28.49
CA GLY D 38 28.99 18.87 27.35
C GLY D 38 28.51 18.11 26.15
N MET D 39 28.41 18.76 24.99
CA MET D 39 27.92 18.08 23.81
C MET D 39 28.24 18.76 22.49
N SER D 40 28.53 17.95 21.48
CA SER D 40 28.82 18.45 20.16
C SER D 40 27.70 17.92 19.31
N ILE D 41 26.88 18.81 18.76
CA ILE D 41 25.76 18.37 17.95
C ILE D 41 25.22 19.42 17.01
N HIS D 42 24.68 18.97 15.87
CA HIS D 42 24.11 19.89 14.89
C HIS D 42 23.20 20.84 15.66
N LEU D 43 23.54 22.11 15.65
CA LEU D 43 22.77 23.09 16.39
C LEU D 43 21.58 23.69 15.63
N GLU D 44 20.38 23.41 16.14
CA GLU D 44 19.16 23.94 15.57
C GLU D 44 18.00 23.76 16.55
N ALA D 45 16.87 24.36 16.24
CA ALA D 45 15.72 24.31 17.12
C ALA D 45 15.49 23.01 17.90
N LYS D 46 15.59 21.88 17.23
CA LYS D 46 15.36 20.59 17.87
C LYS D 46 16.45 20.18 18.86
N THR D 47 17.70 20.10 18.41
CA THR D 47 18.77 19.71 19.31
C THR D 47 18.83 20.67 20.49
N ALA D 48 18.40 21.91 20.26
CA ALA D 48 18.40 22.91 21.31
C ALA D 48 17.39 22.58 22.39
N TYR D 49 16.25 21.98 22.03
CA TYR D 49 15.25 21.64 23.02
C TYR D 49 15.78 20.49 23.86
N LEU D 50 16.73 19.74 23.30
CA LEU D 50 17.35 18.63 24.02
C LEU D 50 18.15 19.29 25.14
N ALA D 51 19.00 20.23 24.75
CA ALA D 51 19.83 20.97 25.68
C ALA D 51 18.94 21.63 26.72
N ILE D 52 17.84 22.26 26.28
CA ILE D 52 16.94 22.94 27.20
C ILE D 52 16.29 22.01 28.23
N THR D 53 15.91 20.81 27.85
CA THR D 53 15.29 19.90 28.82
C THR D 53 16.36 19.32 29.74
N LEU D 54 17.58 19.18 29.25
CA LEU D 54 18.66 18.66 30.09
C LEU D 54 18.85 19.70 31.20
N SER D 55 18.83 20.96 30.81
CA SER D 55 18.98 22.10 31.71
C SER D 55 17.81 22.12 32.68
N LYS D 56 16.63 21.77 32.19
CA LYS D 56 15.46 21.74 33.04
C LYS D 56 15.68 20.72 34.15
N LEU D 57 16.50 19.70 33.85
CA LEU D 57 16.81 18.67 34.84
C LEU D 57 17.88 19.16 35.80
N GLY D 58 18.32 20.41 35.62
CA GLY D 58 19.32 20.97 36.52
C GLY D 58 20.77 20.89 36.07
N ALA D 59 21.02 20.52 34.81
CA ALA D 59 22.39 20.42 34.35
C ALA D 59 22.92 21.70 33.72
N LYS D 60 24.24 21.84 33.72
CA LYS D 60 24.90 22.98 33.10
C LYS D 60 25.23 22.44 31.72
N VAL D 61 24.56 22.96 30.70
CA VAL D 61 24.82 22.47 29.36
C VAL D 61 25.81 23.34 28.63
N VAL D 62 26.80 22.70 28.02
CA VAL D 62 27.83 23.38 27.25
C VAL D 62 27.81 22.74 25.86
N ILE D 63 27.32 23.49 24.88
CA ILE D 63 27.18 23.02 23.51
C ILE D 63 28.21 23.59 22.54
N THR D 64 28.46 22.83 21.48
CA THR D 64 29.37 23.25 20.42
C THR D 64 28.56 23.08 19.15
N GLY D 65 28.82 23.93 18.17
CA GLY D 65 28.09 23.84 16.92
C GLY D 65 28.74 22.88 15.96
N SER D 66 28.38 21.60 16.04
CA SER D 66 28.92 20.59 15.16
C SER D 66 28.85 21.09 13.71
N ASN D 67 27.79 21.84 13.43
CA ASN D 67 27.55 22.42 12.12
C ASN D 67 28.03 23.88 12.13
N PRO D 68 29.22 24.11 11.59
CA PRO D 68 29.70 25.50 11.59
C PRO D 68 28.88 26.33 10.60
N LEU D 69 28.68 25.77 9.41
CA LEU D 69 27.93 26.42 8.33
C LEU D 69 26.44 26.58 8.63
N SER D 70 25.85 25.56 9.22
CA SER D 70 24.41 25.57 9.52
C SER D 70 24.01 26.20 10.85
N THR D 71 24.97 26.79 11.57
CA THR D 71 24.64 27.41 12.84
C THR D 71 23.58 28.49 12.67
N GLN D 72 22.44 28.29 13.33
CA GLN D 72 21.35 29.26 13.26
C GLN D 72 21.47 30.30 14.38
N ASP D 73 22.25 31.34 14.11
CA ASP D 73 22.47 32.41 15.07
C ASP D 73 21.30 32.66 16.02
N ASP D 74 20.17 33.14 15.49
CA ASP D 74 18.99 33.44 16.33
C ASP D 74 18.58 32.33 17.28
N VAL D 75 19.02 31.12 17.02
CA VAL D 75 18.69 29.99 17.89
C VAL D 75 19.74 29.87 18.99
N ALA D 76 21.01 30.00 18.59
CA ALA D 76 22.11 29.92 19.54
C ALA D 76 21.92 30.99 20.60
N GLU D 77 21.51 32.17 20.15
CA GLU D 77 21.31 33.32 21.04
C GLU D 77 20.13 33.09 21.98
N ALA D 78 19.13 32.33 21.53
CA ALA D 78 17.97 32.05 22.36
C ALA D 78 18.35 31.10 23.48
N LEU D 79 19.32 30.23 23.20
CA LEU D 79 19.81 29.27 24.19
C LEU D 79 20.61 29.98 25.28
N ARG D 80 21.50 30.89 24.86
CA ARG D 80 22.31 31.65 25.79
C ARG D 80 21.40 32.39 26.78
N SER D 81 20.33 32.97 26.27
CA SER D 81 19.37 33.71 27.11
C SER D 81 18.55 32.78 27.99
N LYS D 82 19.02 31.54 28.13
CA LYS D 82 18.35 30.56 28.99
C LYS D 82 19.41 29.90 29.86
N GLY D 83 20.59 30.50 29.87
CA GLY D 83 21.68 29.99 30.68
C GLY D 83 22.28 28.72 30.13
N ILE D 84 22.77 28.78 28.90
CA ILE D 84 23.39 27.62 28.29
C ILE D 84 24.57 28.06 27.44
N THR D 85 25.76 27.68 27.90
CA THR D 85 27.00 28.02 27.21
C THR D 85 27.03 27.33 25.86
N VAL D 86 27.02 28.14 24.79
CA VAL D 86 27.03 27.60 23.46
C VAL D 86 28.16 28.20 22.63
N TYR D 87 29.14 27.39 22.30
CA TYR D 87 30.28 27.82 21.49
C TYR D 87 30.03 27.44 20.04
N ALA D 88 29.48 28.39 19.28
CA ALA D 88 29.20 28.17 17.88
C ALA D 88 29.57 29.41 17.08
N ARG D 89 30.14 29.16 15.91
CA ARG D 89 30.57 30.23 15.03
C ARG D 89 30.53 29.74 13.57
N ARG D 90 30.12 30.64 12.68
CA ARG D 90 30.04 30.39 11.24
C ARG D 90 31.48 30.27 10.74
N THR D 91 32.32 29.74 11.60
CA THR D 91 33.73 29.54 11.35
C THR D 91 34.09 29.19 9.91
N HIS D 92 33.45 28.15 9.37
CA HIS D 92 33.71 27.72 8.01
C HIS D 92 35.12 27.10 7.95
N ASP D 93 36.01 27.64 8.79
CA ASP D 93 37.39 27.17 8.86
C ASP D 93 37.53 25.99 9.84
N GLU D 94 38.03 24.87 9.33
CA GLU D 94 38.22 23.63 10.10
C GLU D 94 38.84 23.86 11.48
N SER D 95 39.88 24.70 11.51
CA SER D 95 40.62 25.05 12.73
C SER D 95 39.73 25.44 13.91
N ILE D 96 38.73 26.28 13.65
CA ILE D 96 37.85 26.76 14.70
C ILE D 96 36.89 25.74 15.29
N TYR D 97 36.67 24.62 14.61
CA TYR D 97 35.76 23.62 15.17
C TYR D 97 36.37 22.96 16.39
N ARG D 98 37.56 22.36 16.23
CA ARG D 98 38.22 21.68 17.33
C ARG D 98 38.44 22.65 18.48
N GLU D 99 38.57 23.93 18.14
CA GLU D 99 38.76 24.95 19.16
C GLU D 99 37.53 25.06 20.06
N ASN D 100 36.33 25.00 19.48
CA ASN D 100 35.12 25.06 20.30
C ASN D 100 35.02 23.76 21.05
N LEU D 101 35.38 22.66 20.38
CA LEU D 101 35.34 21.34 21.02
C LEU D 101 36.20 21.49 22.25
N MET D 102 37.33 22.15 22.07
CA MET D 102 38.26 22.37 23.17
C MET D 102 37.67 23.20 24.30
N LYS D 103 36.85 24.19 23.97
CA LYS D 103 36.27 25.03 25.00
C LYS D 103 35.19 24.36 25.84
N VAL D 104 34.59 23.27 25.36
CA VAL D 104 33.57 22.58 26.17
C VAL D 104 34.32 21.73 27.19
N LEU D 105 35.50 21.27 26.79
CA LEU D 105 36.35 20.46 27.66
C LEU D 105 36.94 21.42 28.68
N ASP D 106 37.09 22.69 28.29
CA ASP D 106 37.61 23.74 29.17
C ASP D 106 36.58 23.99 30.27
N GLU D 107 35.56 23.15 30.31
CA GLU D 107 34.50 23.27 31.31
C GLU D 107 34.45 21.99 32.12
N ARG D 108 35.36 21.07 31.77
CA ARG D 108 35.45 19.75 32.41
C ARG D 108 34.07 19.24 32.79
N PRO D 109 33.40 18.55 31.84
CA PRO D 109 32.06 18.00 32.01
C PRO D 109 32.06 16.63 32.66
N ASP D 110 30.93 16.30 33.29
CA ASP D 110 30.76 15.01 33.95
C ASP D 110 30.28 14.02 32.91
N PHE D 111 29.35 14.46 32.06
CA PHE D 111 28.81 13.62 31.02
C PHE D 111 28.95 14.25 29.63
N ILE D 112 29.04 13.40 28.62
CA ILE D 112 29.19 13.89 27.26
C ILE D 112 28.34 13.15 26.24
N ILE D 113 27.54 13.92 25.52
CA ILE D 113 26.69 13.40 24.46
C ILE D 113 27.43 13.99 23.27
N ASP D 114 28.30 13.23 22.62
CA ASP D 114 29.02 13.85 21.52
C ASP D 114 28.81 13.30 20.13
N ASP D 115 29.43 14.01 19.18
CA ASP D 115 29.36 13.71 17.77
C ASP D 115 30.59 12.94 17.28
N GLY D 116 30.36 11.78 16.67
CA GLY D 116 31.44 10.96 16.14
C GLY D 116 32.62 10.68 17.06
N GLY D 117 32.45 10.89 18.36
CA GLY D 117 33.53 10.64 19.29
C GLY D 117 34.60 11.71 19.22
N ASP D 118 34.34 12.78 18.48
CA ASP D 118 35.30 13.88 18.35
C ASP D 118 35.63 14.46 19.71
N LEU D 119 34.65 14.48 20.61
CA LEU D 119 34.87 15.05 21.94
C LEU D 119 35.56 14.08 22.91
N THR D 120 35.03 12.88 23.04
CA THR D 120 35.61 11.90 23.94
C THR D 120 36.99 11.44 23.49
N VAL D 121 37.26 11.49 22.18
CA VAL D 121 38.56 11.06 21.68
C VAL D 121 39.59 12.15 21.90
N ILE D 122 39.15 13.40 21.90
CA ILE D 122 40.08 14.50 22.13
C ILE D 122 40.58 14.42 23.56
N SER D 123 39.68 14.02 24.47
CA SER D 123 40.02 13.89 25.88
C SER D 123 41.10 12.83 26.11
N HIS D 124 40.81 11.61 25.66
CA HIS D 124 41.71 10.47 25.81
C HIS D 124 43.07 10.61 25.10
N THR D 125 43.22 11.59 24.23
CA THR D 125 44.49 11.73 23.51
C THR D 125 45.17 13.09 23.55
N GLU D 126 44.55 14.09 24.17
CA GLU D 126 45.17 15.41 24.25
C GLU D 126 44.78 16.19 25.50
N ARG D 127 43.75 15.73 26.20
CA ARG D 127 43.30 16.43 27.39
C ARG D 127 42.77 15.49 28.46
N GLU D 128 43.69 14.89 29.20
CA GLU D 128 43.31 13.97 30.27
C GLU D 128 42.78 14.68 31.51
N GLU D 129 42.94 16.00 31.58
CA GLU D 129 42.45 16.77 32.73
C GLU D 129 41.00 16.38 32.95
N VAL D 130 40.19 16.72 31.95
CA VAL D 130 38.77 16.44 31.94
C VAL D 130 38.51 14.95 32.06
N LEU D 131 39.39 14.14 31.47
CA LEU D 131 39.27 12.69 31.46
C LEU D 131 39.01 12.07 32.84
N GLU D 132 39.33 12.80 33.90
CA GLU D 132 39.10 12.29 35.24
C GLU D 132 37.74 12.68 35.78
N ASN D 133 37.40 13.96 35.68
CA ASN D 133 36.10 14.42 36.15
C ASN D 133 35.02 13.78 35.29
N LEU D 134 35.36 13.49 34.02
CA LEU D 134 34.44 12.87 33.08
C LEU D 134 33.95 11.55 33.65
N LYS D 135 32.65 11.48 33.88
CA LYS D 135 32.01 10.32 34.46
C LYS D 135 31.37 9.35 33.46
N GLY D 136 30.82 9.88 32.37
CA GLY D 136 30.20 9.01 31.37
C GLY D 136 30.04 9.63 29.99
N VAL D 137 29.88 8.77 28.98
CA VAL D 137 29.73 9.23 27.61
C VAL D 137 28.59 8.52 26.88
N SER D 138 27.86 9.30 26.07
CA SER D 138 26.74 8.80 25.27
C SER D 138 27.04 9.04 23.80
N GLU D 139 27.01 7.96 23.01
CA GLU D 139 27.29 8.09 21.57
C GLU D 139 26.13 7.64 20.68
N GLU D 140 25.61 8.57 19.88
CA GLU D 140 24.49 8.29 19.00
C GLU D 140 24.91 7.94 17.57
N THR D 141 25.97 8.58 17.09
CA THR D 141 26.44 8.34 15.73
C THR D 141 26.77 6.87 15.43
N THR D 142 27.59 6.67 14.41
CA THR D 142 28.00 5.33 14.00
C THR D 142 29.50 5.40 13.85
N THR D 143 29.96 6.53 13.32
CA THR D 143 31.39 6.77 13.14
C THR D 143 32.00 6.78 14.54
N GLY D 144 31.36 7.54 15.41
CA GLY D 144 31.81 7.64 16.79
C GLY D 144 31.91 6.29 17.44
N VAL D 145 30.79 5.59 17.53
CA VAL D 145 30.77 4.26 18.13
C VAL D 145 31.89 3.41 17.53
N ARG D 146 32.16 3.59 16.24
CA ARG D 146 33.21 2.83 15.57
C ARG D 146 34.52 3.20 16.26
N ARG D 147 34.72 4.51 16.44
CA ARG D 147 35.91 5.06 17.08
C ARG D 147 36.06 4.70 18.56
N LEU D 148 35.02 4.98 19.34
CA LEU D 148 35.09 4.69 20.75
C LEU D 148 35.15 3.20 21.05
N LYS D 149 35.19 2.38 20.00
CA LYS D 149 35.29 0.93 20.18
C LYS D 149 36.73 0.54 19.91
N ALA D 150 37.32 1.22 18.93
CA ALA D 150 38.71 0.99 18.59
C ALA D 150 39.52 1.26 19.85
N LEU D 151 39.04 2.21 20.66
CA LEU D 151 39.71 2.55 21.91
C LEU D 151 39.56 1.41 22.89
N GLU D 152 38.31 1.07 23.22
CA GLU D 152 38.03 -0.01 24.15
C GLU D 152 38.86 -1.26 23.84
N GLU D 153 38.97 -1.60 22.56
CA GLU D 153 39.73 -2.79 22.16
C GLU D 153 41.24 -2.64 22.35
N THR D 154 41.72 -1.40 22.34
CA THR D 154 43.14 -1.15 22.53
C THR D 154 43.32 -0.58 23.94
N GLY D 155 42.38 -0.94 24.81
CA GLY D 155 42.42 -0.52 26.21
C GLY D 155 42.68 0.94 26.51
N LYS D 156 42.69 1.78 25.48
CA LYS D 156 42.92 3.21 25.68
C LYS D 156 41.71 3.94 26.30
N LEU D 157 40.54 3.31 26.24
CA LEU D 157 39.33 3.89 26.78
C LEU D 157 39.24 3.70 28.28
N ARG D 158 38.97 4.79 28.99
CA ARG D 158 38.86 4.73 30.45
C ARG D 158 37.66 5.48 31.00
N VAL D 159 36.50 5.18 30.43
CA VAL D 159 35.23 5.78 30.84
C VAL D 159 34.11 5.01 30.17
N PRO D 160 33.04 4.70 30.90
CA PRO D 160 31.91 3.95 30.35
C PRO D 160 31.16 4.72 29.25
N VAL D 161 30.89 4.02 28.15
CA VAL D 161 30.19 4.59 27.00
C VAL D 161 28.89 3.85 26.70
N ILE D 162 27.84 4.58 26.31
CA ILE D 162 26.56 3.97 25.99
C ILE D 162 26.21 4.30 24.53
N ALA D 163 26.27 3.30 23.66
CA ALA D 163 25.94 3.50 22.26
C ALA D 163 24.44 3.38 22.06
N VAL D 164 23.80 4.51 21.78
CA VAL D 164 22.35 4.52 21.58
C VAL D 164 21.98 4.30 20.12
N ASN D 165 22.99 4.10 19.27
CA ASN D 165 22.73 3.87 17.86
C ASN D 165 22.13 2.49 17.63
N ASP D 166 22.29 1.62 18.62
CA ASP D 166 21.76 0.26 18.52
C ASP D 166 20.73 -0.03 19.58
N SER D 167 19.48 -0.02 19.13
CA SER D 167 18.31 -0.30 19.94
C SER D 167 17.23 -0.36 18.88
N LYS D 168 16.32 -1.32 18.97
CA LYS D 168 15.30 -1.42 17.93
C LYS D 168 14.46 -0.15 17.81
N MET D 169 14.45 0.68 18.86
CA MET D 169 13.68 1.91 18.82
C MET D 169 14.32 2.98 17.95
N LYS D 170 15.64 2.97 17.87
CA LYS D 170 16.33 3.95 17.04
C LYS D 170 16.20 3.47 15.61
N TYR D 171 16.61 2.24 15.36
CA TYR D 171 16.51 1.69 14.02
C TYR D 171 15.11 1.92 13.45
N LEU D 172 14.12 1.85 14.31
CA LEU D 172 12.75 2.05 13.86
C LEU D 172 12.45 3.50 13.52
N PHE D 173 12.54 4.37 14.51
CA PHE D 173 12.21 5.76 14.31
C PHE D 173 13.22 6.60 13.58
N ASP D 174 14.49 6.30 13.77
CA ASP D 174 15.51 7.09 13.10
C ASP D 174 15.69 6.53 11.71
N ASN D 175 16.34 5.37 11.61
CA ASN D 175 16.61 4.73 10.33
C ASN D 175 15.45 4.44 9.41
N ARG D 176 14.29 4.08 9.95
CA ARG D 176 13.17 3.74 9.07
C ARG D 176 12.22 4.87 8.73
N TYR D 177 11.30 5.17 9.65
CA TYR D 177 10.27 6.19 9.48
C TYR D 177 10.78 7.61 9.37
N GLY D 178 11.81 7.92 10.15
CA GLY D 178 12.35 9.25 10.13
C GLY D 178 13.07 9.59 8.83
N THR D 179 14.17 8.91 8.57
CA THR D 179 14.92 9.17 7.36
C THR D 179 14.02 8.89 6.15
N GLY D 180 13.03 8.00 6.31
CA GLY D 180 12.12 7.73 5.22
C GLY D 180 11.28 8.96 4.85
N GLN D 181 10.64 9.57 5.83
CA GLN D 181 9.84 10.75 5.54
C GLN D 181 10.72 11.94 5.19
N SER D 182 11.63 12.28 6.07
CA SER D 182 12.57 13.41 5.86
C SER D 182 13.34 13.43 4.53
N THR D 183 13.59 12.24 3.98
CA THR D 183 14.32 12.13 2.73
C THR D 183 13.45 12.55 1.58
N TRP D 184 12.21 12.08 1.57
CA TRP D 184 11.37 12.48 0.45
C TRP D 184 10.94 13.90 0.54
N ASP D 185 10.86 14.42 1.77
CA ASP D 185 10.46 15.80 1.97
C ASP D 185 11.56 16.70 1.46
N ALA D 186 12.79 16.36 1.79
CA ALA D 186 13.92 17.14 1.34
C ALA D 186 13.90 17.15 -0.17
N ILE D 187 13.69 16.00 -0.78
CA ILE D 187 13.67 15.88 -2.24
C ILE D 187 12.54 16.61 -2.96
N MET D 188 11.34 16.66 -2.39
CA MET D 188 10.30 17.36 -3.11
C MET D 188 10.15 18.83 -2.77
N ARG D 189 10.70 19.29 -1.65
CA ARG D 189 10.58 20.70 -1.32
C ARG D 189 11.64 21.45 -2.12
N ASN D 190 12.69 20.74 -2.50
CA ASN D 190 13.81 21.32 -3.22
C ASN D 190 13.81 21.09 -4.74
N THR D 191 12.79 20.42 -5.26
CA THR D 191 12.76 20.19 -6.69
C THR D 191 11.34 20.31 -7.27
N ASN D 192 10.36 20.09 -6.40
CA ASN D 192 8.95 20.11 -6.77
C ASN D 192 8.62 19.24 -7.99
N LEU D 193 9.39 18.17 -8.18
CA LEU D 193 9.13 17.24 -9.26
C LEU D 193 8.07 16.27 -8.78
N LEU D 194 7.43 15.58 -9.71
CA LEU D 194 6.39 14.63 -9.36
C LEU D 194 7.05 13.33 -8.96
N VAL D 195 6.52 12.61 -7.98
CA VAL D 195 7.17 11.35 -7.65
C VAL D 195 6.35 10.21 -8.24
N ALA D 196 5.03 10.39 -8.30
CA ALA D 196 4.17 9.34 -8.85
C ALA D 196 4.53 9.01 -10.27
N GLY D 197 4.54 7.72 -10.59
CA GLY D 197 4.82 7.30 -11.94
C GLY D 197 6.19 7.64 -12.47
N LYS D 198 7.17 7.58 -11.59
CA LYS D 198 8.55 7.85 -11.94
C LYS D 198 9.34 6.70 -11.37
N ASN D 199 10.46 6.36 -12.00
CA ASN D 199 11.25 5.26 -11.48
C ASN D 199 12.21 5.76 -10.43
N VAL D 200 12.10 5.20 -9.25
CA VAL D 200 12.95 5.59 -8.13
C VAL D 200 13.90 4.44 -7.86
N VAL D 201 15.19 4.72 -7.85
CA VAL D 201 16.16 3.68 -7.57
C VAL D 201 16.77 3.92 -6.19
N VAL D 202 16.62 2.94 -5.33
CA VAL D 202 17.16 3.03 -3.99
C VAL D 202 18.34 2.06 -3.90
N ALA D 203 19.54 2.59 -3.65
CA ALA D 203 20.72 1.72 -3.53
C ALA D 203 20.87 1.32 -2.08
N GLY D 204 20.64 0.06 -1.81
CA GLY D 204 20.74 -0.44 -0.46
C GLY D 204 19.36 -0.66 0.10
N TYR D 205 19.13 -1.81 0.72
CA TYR D 205 17.83 -2.14 1.28
C TYR D 205 17.87 -2.54 2.75
N GLY D 206 18.45 -1.67 3.57
CA GLY D 206 18.50 -1.96 5.00
C GLY D 206 17.36 -1.21 5.68
N TRP D 207 17.58 -0.74 6.91
CA TRP D 207 16.54 0.00 7.58
C TRP D 207 16.19 1.23 6.78
N CYS D 208 17.22 1.95 6.33
CA CYS D 208 17.04 3.15 5.56
C CYS D 208 16.53 2.86 4.19
N GLY D 209 17.12 1.87 3.53
CA GLY D 209 16.68 1.51 2.20
C GLY D 209 15.19 1.24 2.18
N ARG D 210 14.76 0.27 2.99
CA ARG D 210 13.34 -0.09 3.08
C ARG D 210 12.44 1.14 3.35
N GLY D 211 12.82 1.96 4.34
CA GLY D 211 12.02 3.13 4.65
C GLY D 211 11.84 4.03 3.46
N ILE D 212 12.95 4.38 2.84
CA ILE D 212 12.94 5.26 1.67
C ILE D 212 12.11 4.63 0.57
N ALA D 213 12.33 3.34 0.35
CA ALA D 213 11.61 2.58 -0.66
C ALA D 213 10.10 2.61 -0.37
N LEU D 214 9.76 2.24 0.86
CA LEU D 214 8.38 2.19 1.29
C LEU D 214 7.66 3.50 1.02
N ARG D 215 8.26 4.57 1.50
CA ARG D 215 7.70 5.89 1.35
C ARG D 215 7.55 6.26 -0.13
N ALA D 216 8.57 5.90 -0.93
CA ALA D 216 8.59 6.19 -2.37
C ALA D 216 7.40 5.50 -3.04
N ALA D 217 7.14 4.27 -2.62
CA ALA D 217 6.03 3.53 -3.17
C ALA D 217 4.84 4.32 -2.72
N GLY D 218 4.95 4.85 -1.49
CA GLY D 218 3.87 5.61 -0.89
C GLY D 218 3.47 6.74 -1.78
N LEU D 219 4.45 7.40 -2.37
CA LEU D 219 4.18 8.54 -3.22
C LEU D 219 3.78 8.20 -4.66
N GLY D 220 3.77 6.90 -4.99
CA GLY D 220 3.37 6.45 -6.31
C GLY D 220 4.46 6.09 -7.31
N ALA D 221 5.69 6.06 -6.83
CA ALA D 221 6.82 5.75 -7.67
C ALA D 221 6.92 4.26 -7.91
N ARG D 222 7.54 3.88 -9.02
CA ARG D 222 7.77 2.47 -9.32
C ARG D 222 9.16 2.34 -8.72
N VAL D 223 9.31 1.52 -7.70
CA VAL D 223 10.61 1.39 -7.05
C VAL D 223 11.50 0.25 -7.58
N ILE D 224 12.77 0.61 -7.79
CA ILE D 224 13.79 -0.34 -8.22
C ILE D 224 14.82 -0.32 -7.10
N VAL D 225 15.22 -1.49 -6.64
CA VAL D 225 16.20 -1.60 -5.57
C VAL D 225 17.48 -2.25 -6.04
N THR D 226 18.61 -1.69 -5.63
CA THR D 226 19.89 -2.30 -5.98
C THR D 226 20.49 -2.77 -4.66
N GLU D 227 21.01 -3.99 -4.65
CA GLU D 227 21.60 -4.51 -3.43
C GLU D 227 22.80 -5.38 -3.69
N VAL D 228 23.59 -5.55 -2.64
CA VAL D 228 24.78 -6.37 -2.68
C VAL D 228 24.53 -7.66 -1.88
N ASP D 229 23.74 -7.57 -0.82
CA ASP D 229 23.40 -8.73 0.00
C ASP D 229 22.16 -9.43 -0.54
N PRO D 230 22.33 -10.58 -1.21
CA PRO D 230 21.19 -11.32 -1.77
C PRO D 230 19.99 -11.50 -0.84
N VAL D 231 20.21 -11.62 0.46
CA VAL D 231 19.09 -11.79 1.40
C VAL D 231 18.14 -10.59 1.37
N LYS D 232 18.70 -9.39 1.26
CA LYS D 232 17.88 -8.20 1.20
C LYS D 232 17.26 -8.13 -0.19
N ALA D 233 18.06 -8.36 -1.21
CA ALA D 233 17.57 -8.30 -2.58
C ALA D 233 16.34 -9.18 -2.73
N VAL D 234 16.38 -10.38 -2.16
CA VAL D 234 15.25 -11.30 -2.26
C VAL D 234 14.05 -10.77 -1.48
N GLU D 235 14.29 -10.03 -0.40
CA GLU D 235 13.20 -9.47 0.39
C GLU D 235 12.51 -8.37 -0.42
N ALA D 236 13.30 -7.58 -1.14
CA ALA D 236 12.78 -6.49 -1.97
C ALA D 236 11.84 -7.02 -3.06
N ILE D 237 12.21 -8.14 -3.66
CA ILE D 237 11.38 -8.77 -4.68
C ILE D 237 10.04 -9.06 -4.02
N MET D 238 10.09 -9.84 -2.93
CA MET D 238 8.90 -10.22 -2.19
C MET D 238 8.05 -9.02 -1.77
N ASP D 239 8.68 -7.85 -1.63
CA ASP D 239 7.95 -6.66 -1.24
C ASP D 239 7.24 -5.99 -2.41
N GLY D 240 7.33 -6.63 -3.58
CA GLY D 240 6.69 -6.10 -4.77
C GLY D 240 7.57 -5.20 -5.65
N PHE D 241 8.86 -5.12 -5.33
CA PHE D 241 9.76 -4.29 -6.10
C PHE D 241 10.57 -5.08 -7.11
N THR D 242 11.29 -4.37 -7.99
CA THR D 242 12.12 -4.99 -9.02
C THR D 242 13.55 -4.78 -8.63
N VAL D 243 14.37 -5.81 -8.73
CA VAL D 243 15.78 -5.65 -8.35
C VAL D 243 16.70 -5.84 -9.53
N MET D 244 17.70 -4.98 -9.66
CA MET D 244 18.64 -5.12 -10.76
C MET D 244 19.97 -4.48 -10.45
N PRO D 245 20.96 -4.67 -11.32
CA PRO D 245 22.26 -4.06 -11.03
C PRO D 245 22.17 -2.55 -11.19
N MET D 246 22.96 -1.82 -10.42
CA MET D 246 22.96 -0.37 -10.51
C MET D 246 23.24 0.04 -11.93
N LYS D 247 24.08 -0.74 -12.61
CA LYS D 247 24.47 -0.48 -13.99
C LYS D 247 23.26 -0.47 -14.93
N GLU D 248 22.29 -1.33 -14.63
CA GLU D 248 21.11 -1.44 -15.46
C GLU D 248 19.97 -0.53 -15.01
N ALA D 249 19.86 -0.31 -13.70
CA ALA D 249 18.81 0.54 -13.14
C ALA D 249 19.05 2.00 -13.48
N VAL D 250 20.30 2.41 -13.37
CA VAL D 250 20.69 3.78 -13.63
C VAL D 250 20.17 4.30 -14.99
N LYS D 251 20.03 3.42 -15.97
CA LYS D 251 19.56 3.81 -17.31
C LYS D 251 18.08 4.22 -17.36
N ILE D 252 17.32 3.95 -16.31
CA ILE D 252 15.91 4.28 -16.33
C ILE D 252 15.40 5.07 -15.13
N ALA D 253 16.29 5.35 -14.19
CA ALA D 253 15.91 6.08 -12.98
C ALA D 253 15.58 7.54 -13.17
N ASP D 254 14.64 8.04 -12.39
CA ASP D 254 14.27 9.45 -12.41
C ASP D 254 14.90 10.05 -11.17
N PHE D 255 15.02 9.24 -10.13
CA PHE D 255 15.67 9.64 -8.89
C PHE D 255 16.55 8.47 -8.53
N VAL D 256 17.68 8.74 -7.92
CA VAL D 256 18.58 7.67 -7.47
C VAL D 256 18.90 8.08 -6.04
N ILE D 257 18.75 7.15 -5.11
CA ILE D 257 19.01 7.49 -3.73
C ILE D 257 19.90 6.46 -3.09
N THR D 258 21.09 6.86 -2.66
CA THR D 258 21.95 5.91 -2.01
C THR D 258 21.57 5.83 -0.56
N ALA D 259 21.56 4.62 -0.03
CA ALA D 259 21.22 4.40 1.35
C ALA D 259 22.05 3.22 1.86
N SER D 260 23.19 3.02 1.23
CA SER D 260 24.10 1.93 1.60
C SER D 260 25.22 2.59 2.38
N GLY D 261 25.79 1.92 3.35
CA GLY D 261 26.86 2.59 4.05
C GLY D 261 28.15 2.46 3.28
N ASN D 262 28.09 2.60 1.95
CA ASN D 262 29.28 2.41 1.12
C ASN D 262 29.78 3.64 0.36
N THR D 263 30.62 3.40 -0.65
CA THR D 263 31.19 4.46 -1.49
C THR D 263 31.13 4.11 -2.95
N ASP D 264 31.12 5.15 -3.78
CA ASP D 264 31.08 4.98 -5.22
C ASP D 264 30.01 3.97 -5.59
N VAL D 265 28.78 4.24 -5.18
CA VAL D 265 27.68 3.35 -5.47
C VAL D 265 27.42 3.50 -6.96
N LEU D 266 27.97 4.58 -7.53
CA LEU D 266 27.85 4.89 -8.94
C LEU D 266 29.21 5.12 -9.59
N SER D 267 29.50 4.40 -10.67
CA SER D 267 30.78 4.55 -11.36
C SER D 267 30.67 5.57 -12.51
N LYS D 268 31.81 6.03 -13.02
CA LYS D 268 31.82 6.98 -14.14
C LYS D 268 30.85 6.42 -15.17
N GLU D 269 30.89 5.10 -15.32
CA GLU D 269 30.05 4.36 -16.26
C GLU D 269 28.56 4.64 -16.08
N ASP D 270 28.06 4.30 -14.90
CA ASP D 270 26.66 4.48 -14.54
C ASP D 270 26.22 5.93 -14.71
N ILE D 271 27.03 6.85 -14.20
CA ILE D 271 26.70 8.26 -14.32
C ILE D 271 26.46 8.66 -15.77
N LEU D 272 27.21 8.04 -16.68
CA LEU D 272 27.11 8.33 -18.11
C LEU D 272 25.96 7.59 -18.78
N SER D 273 25.31 6.72 -18.02
CA SER D 273 24.15 5.98 -18.49
C SER D 273 22.89 6.71 -18.04
N LEU D 274 23.01 7.42 -16.91
CA LEU D 274 21.92 8.19 -16.33
C LEU D 274 21.24 8.99 -17.40
N LYS D 275 19.92 8.99 -17.40
CA LYS D 275 19.19 9.74 -18.42
C LYS D 275 19.18 11.18 -18.01
N ASP D 276 18.89 12.07 -18.97
CA ASP D 276 18.89 13.51 -18.73
C ASP D 276 17.85 13.91 -17.67
N GLY D 277 18.28 14.70 -16.69
CA GLY D 277 17.35 15.13 -15.66
C GLY D 277 17.26 14.21 -14.46
N ALA D 278 18.16 13.25 -14.37
CA ALA D 278 18.19 12.31 -13.26
C ALA D 278 18.65 13.05 -12.00
N VAL D 279 17.84 12.99 -10.96
CA VAL D 279 18.17 13.67 -9.71
C VAL D 279 18.78 12.64 -8.74
N LEU D 280 19.96 12.95 -8.22
CA LEU D 280 20.62 12.02 -7.29
C LEU D 280 20.69 12.58 -5.89
N ALA D 281 20.45 11.73 -4.91
CA ALA D 281 20.50 12.15 -3.52
C ALA D 281 21.13 11.08 -2.67
N ASN D 282 21.84 11.50 -1.62
CA ASN D 282 22.45 10.56 -0.72
C ASN D 282 21.74 10.68 0.61
N ALA D 283 21.31 9.55 1.15
CA ALA D 283 20.62 9.57 2.42
C ALA D 283 21.35 8.65 3.39
N GLY D 284 22.59 8.33 3.04
CA GLY D 284 23.41 7.44 3.84
C GLY D 284 24.61 8.04 4.54
N HIS D 285 25.77 7.44 4.34
CA HIS D 285 26.98 7.90 4.99
C HIS D 285 27.41 9.33 4.62
N PHE D 286 28.71 9.53 4.53
CA PHE D 286 29.38 10.79 4.21
C PHE D 286 28.88 11.31 2.87
N ASN D 287 29.76 11.95 2.10
CA ASN D 287 29.40 12.46 0.80
C ASN D 287 30.12 11.66 -0.28
N VAL D 288 30.33 10.37 -0.03
CA VAL D 288 31.04 9.52 -0.97
C VAL D 288 30.23 8.41 -1.61
N GLU D 289 28.95 8.29 -1.23
CA GLU D 289 28.09 7.26 -1.80
C GLU D 289 27.89 7.61 -3.27
N ILE D 290 27.54 8.87 -3.52
CA ILE D 290 27.40 9.33 -4.90
C ILE D 290 28.75 9.99 -5.16
N PRO D 291 29.53 9.48 -6.13
CA PRO D 291 30.85 10.06 -6.44
C PRO D 291 30.85 11.55 -6.83
N VAL D 292 30.73 12.44 -5.85
CA VAL D 292 30.74 13.86 -6.14
C VAL D 292 32.02 14.26 -6.87
N ARG D 293 33.17 13.78 -6.41
CA ARG D 293 34.44 14.12 -7.06
C ARG D 293 34.40 13.73 -8.54
N VAL D 294 33.92 12.52 -8.81
CA VAL D 294 33.82 12.02 -10.18
C VAL D 294 32.89 12.88 -11.04
N LEU D 295 31.82 13.41 -10.45
CA LEU D 295 30.91 14.25 -11.19
C LEU D 295 31.64 15.53 -11.53
N GLU D 296 32.23 16.17 -10.54
CA GLU D 296 32.97 17.42 -10.74
C GLU D 296 33.99 17.36 -11.89
N GLU D 297 34.80 16.28 -11.93
CA GLU D 297 35.80 16.13 -12.98
C GLU D 297 35.14 15.91 -14.34
N ILE D 298 34.43 14.80 -14.46
CA ILE D 298 33.72 14.43 -15.67
C ILE D 298 32.80 15.52 -16.26
N ALA D 299 32.40 16.49 -15.46
CA ALA D 299 31.50 17.54 -15.93
C ALA D 299 32.05 18.53 -16.94
N VAL D 300 31.24 18.80 -17.96
CA VAL D 300 31.55 19.76 -19.03
C VAL D 300 31.10 21.14 -18.57
N GLU D 301 30.06 21.15 -17.75
CA GLU D 301 29.51 22.38 -17.16
C GLU D 301 29.11 22.01 -15.74
N LYS D 302 28.94 23.01 -14.88
CA LYS D 302 28.57 22.75 -13.50
C LYS D 302 27.89 24.05 -13.13
N PHE D 303 26.68 23.96 -12.58
CA PHE D 303 25.95 25.17 -12.24
C PHE D 303 24.94 24.94 -11.12
N GLU D 304 24.59 26.02 -10.42
CA GLU D 304 23.60 25.94 -9.37
C GLU D 304 22.26 26.16 -10.06
N ALA D 305 21.34 25.22 -9.90
CA ALA D 305 20.03 25.31 -10.54
C ALA D 305 18.93 25.77 -9.61
N ARG D 306 18.97 25.26 -8.39
CA ARG D 306 18.01 25.57 -7.34
C ARG D 306 18.80 25.63 -6.04
N PRO D 307 18.30 26.35 -5.03
CA PRO D 307 18.98 26.47 -3.75
C PRO D 307 19.74 25.24 -3.23
N ASN D 308 19.31 24.03 -3.56
CA ASN D 308 20.08 22.89 -3.06
C ASN D 308 20.37 21.89 -4.16
N VAL D 309 20.17 22.34 -5.39
CA VAL D 309 20.39 21.48 -6.53
C VAL D 309 21.50 22.00 -7.40
N THR D 310 22.52 21.19 -7.59
CA THR D 310 23.64 21.59 -8.44
C THR D 310 23.54 20.66 -9.64
N GLY D 311 23.69 21.21 -10.84
CA GLY D 311 23.55 20.38 -12.01
C GLY D 311 24.84 20.25 -12.75
N TYR D 312 25.06 19.08 -13.31
CA TYR D 312 26.26 18.77 -14.07
C TYR D 312 25.93 18.32 -15.47
N THR D 313 26.44 19.01 -16.48
CA THR D 313 26.19 18.60 -17.86
C THR D 313 27.41 17.79 -18.27
N LEU D 314 27.16 16.59 -18.78
CA LEU D 314 28.21 15.65 -19.18
C LEU D 314 28.54 15.70 -20.68
N GLU D 315 29.59 14.99 -21.08
CA GLU D 315 30.00 14.96 -22.49
C GLU D 315 28.85 14.52 -23.39
N ASN D 316 28.03 13.58 -22.90
CA ASN D 316 26.90 13.08 -23.68
C ASN D 316 25.77 14.11 -23.85
N GLY D 317 26.02 15.33 -23.40
CA GLY D 317 25.02 16.37 -23.51
C GLY D 317 23.90 16.24 -22.49
N LYS D 318 23.89 15.14 -21.75
CA LYS D 318 22.88 14.95 -20.73
C LYS D 318 23.35 15.63 -19.45
N THR D 319 22.45 16.29 -18.74
CA THR D 319 22.83 16.92 -17.48
C THR D 319 22.06 16.32 -16.31
N VAL D 320 22.82 15.97 -15.28
CA VAL D 320 22.32 15.36 -14.05
C VAL D 320 22.35 16.33 -12.88
N PHE D 321 21.44 16.16 -11.93
CA PHE D 321 21.38 17.05 -10.77
C PHE D 321 21.72 16.32 -9.50
N LEU D 322 22.35 17.04 -8.58
CA LEU D 322 22.76 16.46 -7.32
C LEU D 322 22.25 17.30 -6.16
N LEU D 323 21.47 16.68 -5.29
CA LEU D 323 20.92 17.40 -4.15
C LEU D 323 21.95 17.50 -3.03
N ALA D 324 21.89 18.60 -2.27
CA ALA D 324 22.78 18.84 -1.14
C ALA D 324 24.24 18.44 -1.37
N GLU D 325 24.75 18.64 -2.58
CA GLU D 325 26.15 18.31 -2.85
C GLU D 325 26.58 16.90 -2.47
N GLY D 326 25.69 15.93 -2.57
CA GLY D 326 26.05 14.56 -2.24
C GLY D 326 26.07 14.26 -0.76
N ARG D 327 25.77 15.25 0.06
CA ARG D 327 25.74 15.06 1.51
C ARG D 327 24.38 14.53 1.93
N LEU D 328 24.28 14.05 3.18
CA LEU D 328 23.03 13.53 3.74
C LEU D 328 21.91 14.50 3.34
N VAL D 329 21.14 14.13 2.33
CA VAL D 329 20.10 14.99 1.79
C VAL D 329 19.00 15.51 2.72
N ASN D 330 18.51 14.71 3.65
CA ASN D 330 17.44 15.21 4.51
C ASN D 330 17.90 16.18 5.56
N LEU D 331 19.17 16.09 5.93
CA LEU D 331 19.76 16.94 6.95
C LEU D 331 20.25 18.28 6.39
N ALA D 332 21.03 18.22 5.32
CA ALA D 332 21.58 19.40 4.68
C ALA D 332 20.69 20.03 3.60
N ALA D 333 19.45 19.59 3.49
CA ALA D 333 18.54 20.15 2.50
C ALA D 333 17.13 20.12 3.01
N GLY D 334 16.93 19.41 4.11
CA GLY D 334 15.61 19.34 4.71
C GLY D 334 15.66 19.91 6.13
N ASP D 335 14.88 19.33 7.03
CA ASP D 335 14.89 19.78 8.41
C ASP D 335 15.45 18.68 9.32
N GLY D 336 16.20 17.74 8.73
CA GLY D 336 16.73 16.63 9.51
C GLY D 336 15.52 15.73 9.65
N HIS D 337 15.38 15.03 10.75
CA HIS D 337 14.23 14.17 10.90
C HIS D 337 13.01 14.94 11.41
N PRO D 338 11.83 14.33 11.36
CA PRO D 338 10.61 14.99 11.83
C PRO D 338 10.68 15.32 13.32
N VAL D 339 10.06 16.40 13.73
CA VAL D 339 10.12 16.79 15.13
C VAL D 339 9.94 15.65 16.16
N GLU D 340 8.83 14.91 16.12
CA GLU D 340 8.66 13.83 17.08
C GLU D 340 9.62 12.67 16.89
N ILE D 341 10.13 12.48 15.68
CA ILE D 341 11.09 11.40 15.46
C ILE D 341 12.31 11.75 16.31
N MET D 342 12.69 13.01 16.24
CA MET D 342 13.84 13.52 16.98
C MET D 342 13.55 13.49 18.46
N ASP D 343 12.34 13.81 18.84
CA ASP D 343 11.96 13.80 20.23
C ASP D 343 12.31 12.45 20.85
N LEU D 344 12.04 11.38 20.11
CA LEU D 344 12.29 10.04 20.57
C LEU D 344 13.78 9.67 20.56
N SER D 345 14.48 10.11 19.53
CA SER D 345 15.92 9.84 19.45
C SER D 345 16.64 10.59 20.57
N PHE D 346 16.03 11.67 21.06
CA PHE D 346 16.62 12.45 22.14
C PHE D 346 16.27 11.77 23.44
N ALA D 347 14.99 11.57 23.66
CA ALA D 347 14.52 10.92 24.87
C ALA D 347 15.42 9.74 25.20
N LEU D 348 15.80 8.98 24.19
CA LEU D 348 16.69 7.83 24.39
C LEU D 348 18.04 8.27 24.97
N GLN D 349 18.58 9.37 24.44
CA GLN D 349 19.86 9.89 24.92
C GLN D 349 19.75 10.48 26.32
N ILE D 350 18.66 11.18 26.59
CA ILE D 350 18.48 11.77 27.91
C ILE D 350 18.44 10.67 28.98
N PHE D 351 17.94 9.49 28.63
CA PHE D 351 17.90 8.38 29.58
C PHE D 351 19.26 7.69 29.64
N ALA D 352 19.98 7.69 28.52
CA ALA D 352 21.31 7.09 28.48
C ALA D 352 22.19 7.88 29.45
N VAL D 353 21.94 9.19 29.55
CA VAL D 353 22.69 10.02 30.47
C VAL D 353 22.25 9.70 31.89
N LEU D 354 20.95 9.78 32.14
CA LEU D 354 20.42 9.50 33.46
C LEU D 354 20.74 8.08 33.92
N TYR D 355 21.20 7.24 32.99
CA TYR D 355 21.56 5.86 33.31
C TYR D 355 23.02 5.91 33.73
N LEU D 356 23.82 6.66 33.00
CA LEU D 356 25.22 6.81 33.31
C LEU D 356 25.34 7.39 34.71
N LEU D 357 24.45 8.32 35.04
CA LEU D 357 24.43 8.97 36.35
C LEU D 357 24.15 7.97 37.46
N GLU D 358 23.10 7.18 37.28
CA GLU D 358 22.70 6.17 38.25
C GLU D 358 23.78 5.10 38.35
N ASN D 359 23.73 4.13 37.44
CA ASN D 359 24.71 3.04 37.41
C ASN D 359 26.07 3.58 36.99
N HIS D 360 26.41 4.73 37.57
CA HIS D 360 27.65 5.44 37.30
C HIS D 360 28.90 4.57 37.47
N ARG D 361 29.29 4.40 38.74
CA ARG D 361 30.46 3.63 39.13
C ARG D 361 30.37 2.15 38.77
N LYS D 362 29.24 1.53 39.09
CA LYS D 362 29.01 0.12 38.79
C LYS D 362 29.57 -0.27 37.40
N MET D 363 29.61 0.67 36.48
CA MET D 363 30.10 0.42 35.13
C MET D 363 31.61 0.55 34.95
N SER D 364 32.16 -0.30 34.11
CA SER D 364 33.60 -0.31 33.82
C SER D 364 33.91 0.21 32.42
N PRO D 365 35.00 0.99 32.27
CA PRO D 365 35.45 1.58 31.00
C PRO D 365 35.29 0.66 29.78
N LYS D 366 34.04 0.48 29.38
CA LYS D 366 33.67 -0.36 28.25
C LYS D 366 32.49 0.31 27.55
N VAL D 367 32.34 0.06 26.25
CA VAL D 367 31.23 0.63 25.48
C VAL D 367 30.01 -0.31 25.54
N TYR D 368 28.95 0.15 26.20
CA TYR D 368 27.73 -0.63 26.38
C TYR D 368 26.61 -0.26 25.40
N MET D 369 25.86 -1.26 24.95
CA MET D 369 24.75 -1.02 24.04
C MET D 369 23.59 -0.58 24.93
N LEU D 370 22.82 0.38 24.45
CA LEU D 370 21.69 0.88 25.22
C LEU D 370 21.00 -0.26 25.94
N PRO D 371 20.64 -0.07 27.21
CA PRO D 371 19.96 -1.13 27.97
C PRO D 371 18.53 -1.31 27.48
N ASP D 372 18.19 -2.53 27.09
CA ASP D 372 16.86 -2.85 26.58
C ASP D 372 15.73 -2.32 27.45
N GLU D 373 16.04 -2.02 28.72
CA GLU D 373 15.04 -1.51 29.65
C GLU D 373 14.60 -0.10 29.25
N ILE D 374 15.48 0.61 28.55
CA ILE D 374 15.17 1.98 28.11
C ILE D 374 14.18 1.96 26.94
N ASP D 375 14.44 1.08 25.96
CA ASP D 375 13.58 0.92 24.78
C ASP D 375 12.16 0.71 25.27
N GLU D 376 11.99 -0.28 26.12
CA GLU D 376 10.69 -0.63 26.70
C GLU D 376 10.05 0.62 27.32
N ARG D 377 10.85 1.40 28.04
CA ARG D 377 10.38 2.61 28.70
C ARG D 377 9.86 3.66 27.71
N VAL D 378 10.70 4.01 26.75
CA VAL D 378 10.35 5.00 25.75
C VAL D 378 9.11 4.60 24.95
N ALA D 379 9.02 3.32 24.60
CA ALA D 379 7.87 2.82 23.86
C ALA D 379 6.59 3.03 24.68
N ARG D 380 6.64 2.64 25.96
CA ARG D 380 5.49 2.81 26.83
C ARG D 380 5.13 4.31 26.96
N MET D 381 6.13 5.17 27.05
CA MET D 381 5.92 6.62 27.16
C MET D 381 5.29 7.20 25.89
N LYS D 382 5.70 6.67 24.74
CA LYS D 382 5.19 7.11 23.45
C LYS D 382 3.75 6.66 23.30
N LEU D 383 3.50 5.38 23.57
CA LEU D 383 2.15 4.84 23.48
C LEU D 383 1.24 5.64 24.39
N ASP D 384 1.77 6.00 25.56
CA ASP D 384 1.00 6.76 26.52
C ASP D 384 0.62 8.15 26.03
N SER D 385 1.56 8.85 25.42
CA SER D 385 1.26 10.19 24.94
C SER D 385 0.35 10.13 23.71
N LEU D 386 0.37 8.98 23.03
CA LEU D 386 -0.44 8.78 21.83
C LEU D 386 -1.85 8.35 22.18
N GLY D 387 -2.09 8.04 23.46
CA GLY D 387 -3.41 7.63 23.87
C GLY D 387 -3.70 6.18 23.50
N VAL D 388 -2.66 5.37 23.49
CA VAL D 388 -2.83 3.97 23.17
C VAL D 388 -2.54 3.12 24.40
N LYS D 389 -3.39 2.12 24.61
CA LYS D 389 -3.20 1.22 25.74
C LYS D 389 -3.17 -0.21 25.18
N ILE D 390 -2.12 -0.95 25.54
CA ILE D 390 -2.00 -2.34 25.06
C ILE D 390 -2.32 -3.33 26.18
N ASP D 391 -2.50 -4.59 25.81
CA ASP D 391 -2.81 -5.62 26.79
C ASP D 391 -1.62 -5.88 27.69
N GLU D 392 -1.94 -6.30 28.92
CA GLU D 392 -0.93 -6.61 29.93
C GLU D 392 -0.94 -8.13 30.04
N LEU D 393 0.24 -8.72 30.08
CA LEU D 393 0.37 -10.18 30.18
C LEU D 393 -0.16 -10.66 31.54
N THR D 394 -1.02 -11.68 31.54
CA THR D 394 -1.57 -12.22 32.79
C THR D 394 -0.65 -13.33 33.33
N GLU D 395 -1.00 -13.90 34.46
CA GLU D 395 -0.17 -14.95 35.04
C GLU D 395 -0.26 -16.30 34.30
N LYS D 396 -1.47 -16.65 33.85
CA LYS D 396 -1.65 -17.89 33.12
C LYS D 396 -0.69 -17.90 31.94
N GLN D 397 -0.62 -16.76 31.25
CA GLN D 397 0.23 -16.61 30.07
C GLN D 397 1.70 -16.43 30.42
N ARG D 398 1.99 -15.55 31.37
CA ARG D 398 3.37 -15.30 31.78
C ARG D 398 4.01 -16.64 32.17
N ARG D 399 3.20 -17.48 32.82
CA ARG D 399 3.65 -18.81 33.25
C ARG D 399 3.83 -19.66 31.99
N TYR D 400 2.77 -19.72 31.19
CA TYR D 400 2.77 -20.49 29.95
C TYR D 400 4.05 -20.27 29.15
N LEU D 401 4.36 -19.01 28.88
CA LEU D 401 5.55 -18.66 28.11
C LEU D 401 6.84 -19.23 28.68
N ARG D 402 7.02 -19.14 30.00
CA ARG D 402 8.22 -19.65 30.65
C ARG D 402 8.67 -20.98 30.04
PA NAI E . -13.70 -1.59 -18.60
O1A NAI E . -14.21 -1.03 -19.88
O2A NAI E . -14.05 -0.55 -17.40
O5B NAI E . -12.11 -1.80 -18.68
C5B NAI E . -11.80 -2.43 -19.93
C4B NAI E . -10.38 -2.07 -20.33
O4B NAI E . -9.83 -3.13 -21.11
C3B NAI E . -10.35 -0.80 -21.20
O3B NAI E . -9.72 0.30 -20.51
C2B NAI E . -9.59 -1.26 -22.47
O2B NAI E . -8.70 -0.27 -22.98
C1B NAI E . -8.87 -2.54 -21.99
N9A NAI E . -8.55 -3.47 -23.08
C8A NAI E . -9.36 -3.82 -24.13
N7A NAI E . -8.74 -4.68 -24.90
C5A NAI E . -7.50 -4.92 -24.40
C6A NAI E . -6.38 -5.73 -24.80
N6A NAI E . -6.43 -6.52 -25.94
N1A NAI E . -5.27 -5.72 -24.02
C2A NAI E . -5.20 -4.96 -22.90
N3A NAI E . -6.22 -4.19 -22.51
C4A NAI E . -7.37 -4.13 -23.22
O3 NAI E . -14.44 -3.02 -18.36
PN NAI E . -14.36 -3.55 -16.83
O1N NAI E . -15.50 -2.81 -15.95
O2N NAI E . -13.02 -3.27 -16.25
O5D NAI E . -14.63 -5.14 -16.79
C5D NAI E . -13.87 -5.77 -17.84
C4D NAI E . -14.43 -7.17 -18.08
O4D NAI E . -14.64 -7.85 -16.80
C3D NAI E . -15.81 -7.13 -18.81
O3D NAI E . -15.81 -7.99 -19.95
C2D NAI E . -16.81 -7.57 -17.75
O2D NAI E . -17.92 -8.26 -18.34
C1D NAI E . -15.96 -8.47 -16.84
N1N NAI E . -16.50 -8.59 -15.45
C2N NAI E . -16.15 -9.70 -14.72
C3N NAI E . -16.59 -9.91 -13.45
C7N NAI E . -16.18 -11.08 -12.75
O7N NAI E . -16.97 -11.72 -12.06
N7N NAI E . -14.90 -11.50 -12.86
C4N NAI E . -17.52 -8.92 -12.77
C5N NAI E . -17.85 -7.72 -13.66
C6N NAI E . -17.36 -7.60 -14.89
PA NAI F . -15.40 16.17 -5.60
O1A NAI F . -16.82 16.44 -5.93
O2A NAI F . -14.97 14.79 -6.36
O5B NAI F . -15.18 16.00 -3.99
C5B NAI F . -16.34 16.45 -3.30
C4B NAI F . -16.62 15.52 -2.12
O4B NAI F . -16.70 16.30 -0.90
C3B NAI F . -17.95 14.78 -2.29
O3B NAI F . -17.78 13.37 -2.06
C2B NAI F . -18.88 15.44 -1.23
O2B NAI F . -19.93 14.57 -0.80
C1B NAI F . -17.85 15.83 -0.15
N9A NAI F . -18.29 16.91 0.74
C8A NAI F . -18.94 18.07 0.39
N7A NAI F . -19.16 18.79 1.46
C5A NAI F . -18.66 18.14 2.55
C6A NAI F . -18.58 18.39 3.97
N6A NAI F . -19.08 19.56 4.53
N1A NAI F . -17.98 17.47 4.77
C2A NAI F . -17.49 16.33 4.27
N3A NAI F . -17.54 16.06 2.95
C4A NAI F . -18.10 16.92 2.08
O3 NAI F . -14.52 17.43 -6.14
PN NAI F . -12.91 17.29 -5.79
O1N NAI F . -12.16 16.68 -7.06
O2N NAI F . -12.67 16.39 -4.61
O5D NAI F . -12.31 18.74 -5.49
C5D NAI F . -12.90 19.22 -4.28
C4D NAI F . -12.33 20.61 -3.99
O4D NAI F . -10.88 20.61 -4.24
C3D NAI F . -12.97 21.67 -4.93
O3D NAI F . -13.41 22.81 -4.18
C2D NAI F . -11.84 22.01 -5.91
O2D NAI F . -11.94 23.36 -6.38
C1D NAI F . -10.57 21.75 -5.08
N1N NAI F . -9.38 21.45 -5.91
C2N NAI F . -8.14 21.82 -5.39
C3N NAI F . -6.97 21.60 -6.07
C7N NAI F . -5.71 22.00 -5.47
O7N NAI F . -4.78 22.33 -6.18
N7N NAI F . -5.56 21.99 -4.12
C4N NAI F . -6.99 20.91 -7.43
C5N NAI F . -8.40 20.55 -7.90
C6N NAI F . -9.49 20.82 -7.18
PA NAI G . 6.97 -13.34 17.47
O1A NAI G . 7.65 -13.29 18.79
O2A NAI G . 7.89 -12.57 16.39
O5B NAI G . 5.54 -12.64 17.54
C5B NAI G . 4.93 -12.96 18.77
C4B NAI G . 4.29 -11.71 19.31
O4B NAI G . 3.12 -12.02 20.07
C3B NAI G . 5.24 -10.96 20.21
O3B NAI G . 5.65 -9.77 19.57
C2B NAI G . 4.42 -10.73 21.51
O2B NAI G . 4.65 -9.42 22.05
C1B NAI G . 2.97 -10.95 21.02
N9A NAI G . 2.04 -11.38 22.08
C8A NAI G . 2.26 -12.27 23.08
N7A NAI G . 1.19 -12.39 23.82
C5A NAI G . 0.21 -11.60 23.34
C6A NAI G . -1.14 -11.32 23.70
N6A NAI G . -1.72 -11.94 24.80
N1A NAI G . -1.85 -10.43 22.96
C2A NAI G . -1.31 -9.82 21.91
N3A NAI G . -0.04 -10.06 21.53
C4A NAI G . 0.74 -10.94 22.22
O3 NAI G . 6.80 -14.89 17.02
PN NAI G . 6.19 -14.99 15.52
O1N NAI G . 7.37 -15.00 14.43
O2N NAI G . 5.27 -13.86 15.21
O5D NAI G . 5.39 -16.37 15.39
C5D NAI G . 4.35 -16.34 16.38
C4D NAI G . 3.68 -17.70 16.41
O4D NAI G . 3.31 -18.12 15.06
C3D NAI G . 4.62 -18.76 16.99
O3D NAI G . 3.95 -19.54 18.00
C2D NAI G . 5.03 -19.60 15.76
O2D NAI G . 5.36 -20.95 16.11
C1D NAI G . 3.77 -19.49 14.87
N1N NAI G . 4.03 -19.73 13.43
C2N NAI G . 2.96 -20.17 12.66
C3N NAI G . 3.08 -20.41 11.31
C7N NAI G . 1.93 -20.87 10.57
O7N NAI G . 2.07 -21.58 9.59
N7N NAI G . 0.68 -20.51 10.94
C4N NAI G . 4.42 -20.19 10.61
C5N NAI G . 5.52 -19.70 11.55
C6N NAI G . 5.31 -19.50 12.85
PA NAI H . 21.93 -1.35 6.59
O1A NAI H . 23.10 -2.27 6.78
O2A NAI H . 20.70 -1.85 7.55
O5B NAI H . 21.47 -1.36 5.07
C5B NAI H . 22.58 -1.00 4.27
C4B NAI H . 22.53 -1.88 3.06
O4B NAI H . 23.29 -1.33 2.00
C3B NAI H . 23.10 -3.26 3.35
O3B NAI H . 22.07 -4.21 3.63
C2B NAI H . 23.93 -3.61 2.10
O2B NAI H . 23.58 -4.89 1.59
C1B NAI H . 23.60 -2.43 1.12
N9A NAI H . 24.74 -2.05 0.29
C8A NAI H . 26.04 -1.89 0.67
N7A NAI H . 26.78 -1.54 -0.35
C5A NAI H . 26.02 -1.46 -1.44
C6A NAI H . 26.24 -1.14 -2.81
N6A NAI H . 27.51 -0.83 -3.24
N1A NAI H . 25.19 -1.15 -3.67
C2A NAI H . 23.95 -1.46 -3.26
N3A NAI H . 23.70 -1.78 -1.98
C4A NAI H . 24.68 -1.79 -1.05
O3 NAI H . 22.40 0.15 7.00
PN NAI H . 21.12 1.12 7.24
O1N NAI H . 20.52 0.88 8.72
O2N NAI H . 20.05 0.84 6.23
O5D NAI H . 21.59 2.63 7.10
C5D NAI H . 22.43 2.71 5.93
C4D NAI H . 23.11 4.07 5.92
O4D NAI H . 22.12 5.09 6.26
C3D NAI H . 24.23 4.13 6.97
O3D NAI H . 25.46 4.55 6.36
C2D NAI H . 23.69 5.13 8.02
O2D NAI H . 24.73 5.88 8.66
C1D NAI H . 22.75 6.01 7.19
N1N NAI H . 21.70 6.67 8.00
C2N NAI H . 21.30 7.94 7.60
C3N NAI H . 20.34 8.64 8.26
C7N NAI H . 19.96 9.92 7.79
O7N NAI H . 19.65 10.81 8.58
N7N NAI H . 19.96 10.16 6.46
C4N NAI H . 19.66 8.07 9.50
C5N NAI H . 20.17 6.68 9.85
C6N NAI H . 21.12 6.06 9.14
#